data_2O7T
# 
_entry.id   2O7T 
# 
_audit_conform.dict_name       mmcif_pdbx.dic 
_audit_conform.dict_version    5.398 
_audit_conform.dict_location   http://mmcif.pdb.org/dictionaries/ascii/mmcif_pdbx.dic 
# 
loop_
_database_2.database_id 
_database_2.database_code 
_database_2.pdbx_database_accession 
_database_2.pdbx_DOI 
PDB   2O7T         pdb_00002o7t 10.2210/pdb2o7t/pdb 
RCSB  RCSB040795   ?            ?                   
WWPDB D_1000040795 ?            ?                   
# 
loop_
_pdbx_audit_revision_history.ordinal 
_pdbx_audit_revision_history.data_content_type 
_pdbx_audit_revision_history.major_revision 
_pdbx_audit_revision_history.minor_revision 
_pdbx_audit_revision_history.revision_date 
1 'Structure model' 1 0 2006-12-26 
2 'Structure model' 1 1 2008-05-01 
3 'Structure model' 1 2 2011-07-13 
4 'Structure model' 1 3 2017-10-18 
5 'Structure model' 1 4 2017-10-25 
6 'Structure model' 1 5 2023-01-25 
7 'Structure model' 1 6 2024-10-30 
# 
_pdbx_audit_revision_details.ordinal             1 
_pdbx_audit_revision_details.revision_ordinal    1 
_pdbx_audit_revision_details.data_content_type   'Structure model' 
_pdbx_audit_revision_details.provider            repository 
_pdbx_audit_revision_details.type                'Initial release' 
_pdbx_audit_revision_details.description         ? 
_pdbx_audit_revision_details.details             ? 
# 
loop_
_pdbx_audit_revision_group.ordinal 
_pdbx_audit_revision_group.revision_ordinal 
_pdbx_audit_revision_group.data_content_type 
_pdbx_audit_revision_group.group 
1  2 'Structure model' 'Version format compliance'  
2  3 'Structure model' Advisory                     
3  3 'Structure model' 'Derived calculations'       
4  3 'Structure model' 'Version format compliance'  
5  4 'Structure model' 'Refinement description'     
6  5 'Structure model' 'Author supporting evidence' 
7  6 'Structure model' 'Database references'        
8  6 'Structure model' 'Derived calculations'       
9  7 'Structure model' 'Data collection'            
10 7 'Structure model' 'Structure summary'          
# 
loop_
_pdbx_audit_revision_category.ordinal 
_pdbx_audit_revision_category.revision_ordinal 
_pdbx_audit_revision_category.data_content_type 
_pdbx_audit_revision_category.category 
1  4 'Structure model' software                           
2  5 'Structure model' pdbx_struct_assembly_auth_evidence 
3  6 'Structure model' database_2                         
4  6 'Structure model' struct_conn                        
5  6 'Structure model' struct_ref_seq_dif                 
6  6 'Structure model' struct_site                        
7  7 'Structure model' chem_comp_atom                     
8  7 'Structure model' chem_comp_bond                     
9  7 'Structure model' pdbx_entry_details                 
10 7 'Structure model' pdbx_modification_feature          
# 
loop_
_pdbx_audit_revision_item.ordinal 
_pdbx_audit_revision_item.revision_ordinal 
_pdbx_audit_revision_item.data_content_type 
_pdbx_audit_revision_item.item 
1 4 'Structure model' '_software.classification'            
2 4 'Structure model' '_software.name'                      
3 6 'Structure model' '_database_2.pdbx_DOI'                
4 6 'Structure model' '_database_2.pdbx_database_accession' 
5 6 'Structure model' '_struct_conn.pdbx_leaving_atom_flag' 
6 6 'Structure model' '_struct_ref_seq_dif.details'         
7 6 'Structure model' '_struct_site.pdbx_auth_asym_id'      
8 6 'Structure model' '_struct_site.pdbx_auth_comp_id'      
9 6 'Structure model' '_struct_site.pdbx_auth_seq_id'       
# 
_pdbx_database_status.SG_entry                        Y 
_pdbx_database_status.entry_id                        2O7T 
_pdbx_database_status.deposit_site                    RCSB 
_pdbx_database_status.process_site                    RCSB 
_pdbx_database_status.recvd_initial_deposition_date   2006-12-11 
_pdbx_database_status.status_code                     REL 
_pdbx_database_status.status_code_sf                  REL 
_pdbx_database_status.status_code_mr                  ? 
_pdbx_database_status.status_code_cs                  ? 
_pdbx_database_status.pdb_format_compatible           Y 
_pdbx_database_status.methods_development_category    ? 
_pdbx_database_status.status_code_nmr_data            ? 
# 
_pdbx_database_related.db_name        TargetDB 
_pdbx_database_related.db_id          370229 
_pdbx_database_related.details        . 
_pdbx_database_related.content_type   unspecified 
# 
_audit_author.name           'Joint Center for Structural Genomics (JCSG)' 
_audit_author.pdbx_ordinal   1 
# 
_citation.id                        primary 
_citation.title                     
;Crystal structure of transcriptional regulator (NP_600854.1) from Corynebacterium glutamicum ATCC 13032 Kitasato at 2.10 A resolution
;
_citation.journal_abbrev            'To be published' 
_citation.journal_volume            ? 
_citation.page_first                ? 
_citation.page_last                 ? 
_citation.year                      ? 
_citation.journal_id_ASTM           ? 
_citation.country                   ? 
_citation.journal_id_ISSN           ? 
_citation.journal_id_CSD            0353 
_citation.book_publisher            ? 
_citation.pdbx_database_id_PubMed   ? 
_citation.pdbx_database_id_DOI      ? 
# 
_citation_author.citation_id        primary 
_citation_author.name               'Joint Center for Structural Genomics (JCSG)' 
_citation_author.ordinal            1 
_citation_author.identifier_ORCID   ? 
# 
loop_
_entity.id 
_entity.type 
_entity.src_method 
_entity.pdbx_description 
_entity.formula_weight 
_entity.pdbx_number_of_molecules 
_entity.pdbx_ec 
_entity.pdbx_mutation 
_entity.pdbx_fragment 
_entity.details 
1 polymer     man 'Transcriptional regulator' 22104.387 1  ? ? ? ? 
2 non-polymer syn 'UNKNOWN LIGAND'            ?         2  ? ? ? ? 
3 water       nat water                       18.015    72 ? ? ? ? 
# 
_entity_name_com.entity_id   1 
_entity_name_com.name        'Bacterial regulatory proteins, tetR family' 
# 
_entity_poly.entity_id                      1 
_entity_poly.type                           'polypeptide(L)' 
_entity_poly.nstd_linkage                   no 
_entity_poly.nstd_monomer                   yes 
_entity_poly.pdbx_seq_one_letter_code       
;G(MSE)RADALKRREHIITTTCNLYRTHHHDSLT(MSE)ENIAEQAGVGVATLYRNFPDRFTLD(MSE)ACAQYLFNVVI
SLQLQAISTFPTDPEGVWTSFNQLLFDRGLGSLVPALAPESLDDLPDEVSALRRTTEKNTTTLINLAKQHGLVHHDIAPG
TYIVGLITISRPPITALATISENSHKALLGLYLSGLKHG(MSE)(MSE)ANIGEHDGKS
;
_entity_poly.pdbx_seq_one_letter_code_can   
;GMRADALKRREHIITTTCNLYRTHHHDSLTMENIAEQAGVGVATLYRNFPDRFTLDMACAQYLFNVVISLQLQAISTFPT
DPEGVWTSFNQLLFDRGLGSLVPALAPESLDDLPDEVSALRRTTEKNTTTLINLAKQHGLVHHDIAPGTYIVGLITISRP
PITALATISENSHKALLGLYLSGLKHGMMANIGEHDGKS
;
_entity_poly.pdbx_strand_id                 A 
_entity_poly.pdbx_target_identifier         370229 
# 
loop_
_pdbx_entity_nonpoly.entity_id 
_pdbx_entity_nonpoly.name 
_pdbx_entity_nonpoly.comp_id 
2 'UNKNOWN LIGAND' UNL 
3 water            HOH 
# 
loop_
_entity_poly_seq.entity_id 
_entity_poly_seq.num 
_entity_poly_seq.mon_id 
_entity_poly_seq.hetero 
1 1   GLY n 
1 2   MSE n 
1 3   ARG n 
1 4   ALA n 
1 5   ASP n 
1 6   ALA n 
1 7   LEU n 
1 8   LYS n 
1 9   ARG n 
1 10  ARG n 
1 11  GLU n 
1 12  HIS n 
1 13  ILE n 
1 14  ILE n 
1 15  THR n 
1 16  THR n 
1 17  THR n 
1 18  CYS n 
1 19  ASN n 
1 20  LEU n 
1 21  TYR n 
1 22  ARG n 
1 23  THR n 
1 24  HIS n 
1 25  HIS n 
1 26  HIS n 
1 27  ASP n 
1 28  SER n 
1 29  LEU n 
1 30  THR n 
1 31  MSE n 
1 32  GLU n 
1 33  ASN n 
1 34  ILE n 
1 35  ALA n 
1 36  GLU n 
1 37  GLN n 
1 38  ALA n 
1 39  GLY n 
1 40  VAL n 
1 41  GLY n 
1 42  VAL n 
1 43  ALA n 
1 44  THR n 
1 45  LEU n 
1 46  TYR n 
1 47  ARG n 
1 48  ASN n 
1 49  PHE n 
1 50  PRO n 
1 51  ASP n 
1 52  ARG n 
1 53  PHE n 
1 54  THR n 
1 55  LEU n 
1 56  ASP n 
1 57  MSE n 
1 58  ALA n 
1 59  CYS n 
1 60  ALA n 
1 61  GLN n 
1 62  TYR n 
1 63  LEU n 
1 64  PHE n 
1 65  ASN n 
1 66  VAL n 
1 67  VAL n 
1 68  ILE n 
1 69  SER n 
1 70  LEU n 
1 71  GLN n 
1 72  LEU n 
1 73  GLN n 
1 74  ALA n 
1 75  ILE n 
1 76  SER n 
1 77  THR n 
1 78  PHE n 
1 79  PRO n 
1 80  THR n 
1 81  ASP n 
1 82  PRO n 
1 83  GLU n 
1 84  GLY n 
1 85  VAL n 
1 86  TRP n 
1 87  THR n 
1 88  SER n 
1 89  PHE n 
1 90  ASN n 
1 91  GLN n 
1 92  LEU n 
1 93  LEU n 
1 94  PHE n 
1 95  ASP n 
1 96  ARG n 
1 97  GLY n 
1 98  LEU n 
1 99  GLY n 
1 100 SER n 
1 101 LEU n 
1 102 VAL n 
1 103 PRO n 
1 104 ALA n 
1 105 LEU n 
1 106 ALA n 
1 107 PRO n 
1 108 GLU n 
1 109 SER n 
1 110 LEU n 
1 111 ASP n 
1 112 ASP n 
1 113 LEU n 
1 114 PRO n 
1 115 ASP n 
1 116 GLU n 
1 117 VAL n 
1 118 SER n 
1 119 ALA n 
1 120 LEU n 
1 121 ARG n 
1 122 ARG n 
1 123 THR n 
1 124 THR n 
1 125 GLU n 
1 126 LYS n 
1 127 ASN n 
1 128 THR n 
1 129 THR n 
1 130 THR n 
1 131 LEU n 
1 132 ILE n 
1 133 ASN n 
1 134 LEU n 
1 135 ALA n 
1 136 LYS n 
1 137 GLN n 
1 138 HIS n 
1 139 GLY n 
1 140 LEU n 
1 141 VAL n 
1 142 HIS n 
1 143 HIS n 
1 144 ASP n 
1 145 ILE n 
1 146 ALA n 
1 147 PRO n 
1 148 GLY n 
1 149 THR n 
1 150 TYR n 
1 151 ILE n 
1 152 VAL n 
1 153 GLY n 
1 154 LEU n 
1 155 ILE n 
1 156 THR n 
1 157 ILE n 
1 158 SER n 
1 159 ARG n 
1 160 PRO n 
1 161 PRO n 
1 162 ILE n 
1 163 THR n 
1 164 ALA n 
1 165 LEU n 
1 166 ALA n 
1 167 THR n 
1 168 ILE n 
1 169 SER n 
1 170 GLU n 
1 171 ASN n 
1 172 SER n 
1 173 HIS n 
1 174 LYS n 
1 175 ALA n 
1 176 LEU n 
1 177 LEU n 
1 178 GLY n 
1 179 LEU n 
1 180 TYR n 
1 181 LEU n 
1 182 SER n 
1 183 GLY n 
1 184 LEU n 
1 185 LYS n 
1 186 HIS n 
1 187 GLY n 
1 188 MSE n 
1 189 MSE n 
1 190 ALA n 
1 191 ASN n 
1 192 ILE n 
1 193 GLY n 
1 194 GLU n 
1 195 HIS n 
1 196 ASP n 
1 197 GLY n 
1 198 LYS n 
1 199 SER n 
# 
_entity_src_gen.entity_id                          1 
_entity_src_gen.pdbx_src_id                        1 
_entity_src_gen.pdbx_alt_source_flag               sample 
_entity_src_gen.pdbx_seq_type                      ? 
_entity_src_gen.pdbx_beg_seq_num                   ? 
_entity_src_gen.pdbx_end_seq_num                   ? 
_entity_src_gen.gene_src_common_name               ? 
_entity_src_gen.gene_src_genus                     Corynebacterium 
_entity_src_gen.pdbx_gene_src_gene                 NP_600854.1 
_entity_src_gen.gene_src_species                   ? 
_entity_src_gen.gene_src_strain                    ? 
_entity_src_gen.gene_src_tissue                    ? 
_entity_src_gen.gene_src_tissue_fraction           ? 
_entity_src_gen.gene_src_details                   ? 
_entity_src_gen.pdbx_gene_src_fragment             ? 
_entity_src_gen.pdbx_gene_src_scientific_name      'Corynebacterium glutamicum' 
_entity_src_gen.pdbx_gene_src_ncbi_taxonomy_id     1718 
_entity_src_gen.pdbx_gene_src_variant              ? 
_entity_src_gen.pdbx_gene_src_cell_line            ? 
_entity_src_gen.pdbx_gene_src_atcc                 ? 
_entity_src_gen.pdbx_gene_src_organ                ? 
_entity_src_gen.pdbx_gene_src_organelle            ? 
_entity_src_gen.pdbx_gene_src_cell                 ? 
_entity_src_gen.pdbx_gene_src_cellular_location    ? 
_entity_src_gen.host_org_common_name               ? 
_entity_src_gen.pdbx_host_org_scientific_name      'Escherichia coli' 
_entity_src_gen.pdbx_host_org_ncbi_taxonomy_id     562 
_entity_src_gen.host_org_genus                     Escherichia 
_entity_src_gen.pdbx_host_org_gene                 ? 
_entity_src_gen.pdbx_host_org_organ                ? 
_entity_src_gen.host_org_species                   ? 
_entity_src_gen.pdbx_host_org_tissue               ? 
_entity_src_gen.pdbx_host_org_tissue_fraction      ? 
_entity_src_gen.pdbx_host_org_strain               ? 
_entity_src_gen.pdbx_host_org_variant              ? 
_entity_src_gen.pdbx_host_org_cell_line            ? 
_entity_src_gen.pdbx_host_org_atcc                 ? 
_entity_src_gen.pdbx_host_org_culture_collection   ? 
_entity_src_gen.pdbx_host_org_cell                 ? 
_entity_src_gen.pdbx_host_org_organelle            ? 
_entity_src_gen.pdbx_host_org_cellular_location    ? 
_entity_src_gen.pdbx_host_org_vector_type          Plasmid 
_entity_src_gen.pdbx_host_org_vector               ? 
_entity_src_gen.host_org_details                   ? 
_entity_src_gen.expression_system_id               ? 
_entity_src_gen.plasmid_name                       ? 
_entity_src_gen.plasmid_details                    ? 
_entity_src_gen.pdbx_description                   ? 
# 
loop_
_chem_comp.id 
_chem_comp.type 
_chem_comp.mon_nstd_flag 
_chem_comp.name 
_chem_comp.pdbx_synonyms 
_chem_comp.formula 
_chem_comp.formula_weight 
ALA 'L-peptide linking' y ALANINE          ? 'C3 H7 N O2'     89.093  
ARG 'L-peptide linking' y ARGININE         ? 'C6 H15 N4 O2 1' 175.209 
ASN 'L-peptide linking' y ASPARAGINE       ? 'C4 H8 N2 O3'    132.118 
ASP 'L-peptide linking' y 'ASPARTIC ACID'  ? 'C4 H7 N O4'     133.103 
CYS 'L-peptide linking' y CYSTEINE         ? 'C3 H7 N O2 S'   121.158 
GLN 'L-peptide linking' y GLUTAMINE        ? 'C5 H10 N2 O3'   146.144 
GLU 'L-peptide linking' y 'GLUTAMIC ACID'  ? 'C5 H9 N O4'     147.129 
GLY 'peptide linking'   y GLYCINE          ? 'C2 H5 N O2'     75.067  
HIS 'L-peptide linking' y HISTIDINE        ? 'C6 H10 N3 O2 1' 156.162 
HOH non-polymer         . WATER            ? 'H2 O'           18.015  
ILE 'L-peptide linking' y ISOLEUCINE       ? 'C6 H13 N O2'    131.173 
LEU 'L-peptide linking' y LEUCINE          ? 'C6 H13 N O2'    131.173 
LYS 'L-peptide linking' y LYSINE           ? 'C6 H15 N2 O2 1' 147.195 
MET 'L-peptide linking' y METHIONINE       ? 'C5 H11 N O2 S'  149.211 
MSE 'L-peptide linking' n SELENOMETHIONINE ? 'C5 H11 N O2 Se' 196.106 
PHE 'L-peptide linking' y PHENYLALANINE    ? 'C9 H11 N O2'    165.189 
PRO 'L-peptide linking' y PROLINE          ? 'C5 H9 N O2'     115.130 
SER 'L-peptide linking' y SERINE           ? 'C3 H7 N O3'     105.093 
THR 'L-peptide linking' y THREONINE        ? 'C4 H9 N O3'     119.119 
TRP 'L-peptide linking' y TRYPTOPHAN       ? 'C11 H12 N2 O2'  204.225 
TYR 'L-peptide linking' y TYROSINE         ? 'C9 H11 N O3'    181.189 
UNL non-polymer         . 'UNKNOWN LIGAND' ? ?                ?       
VAL 'L-peptide linking' y VALINE           ? 'C5 H11 N O2'    117.146 
# 
loop_
_pdbx_poly_seq_scheme.asym_id 
_pdbx_poly_seq_scheme.entity_id 
_pdbx_poly_seq_scheme.seq_id 
_pdbx_poly_seq_scheme.mon_id 
_pdbx_poly_seq_scheme.ndb_seq_num 
_pdbx_poly_seq_scheme.pdb_seq_num 
_pdbx_poly_seq_scheme.auth_seq_num 
_pdbx_poly_seq_scheme.pdb_mon_id 
_pdbx_poly_seq_scheme.auth_mon_id 
_pdbx_poly_seq_scheme.pdb_strand_id 
_pdbx_poly_seq_scheme.pdb_ins_code 
_pdbx_poly_seq_scheme.hetero 
A 1 1   GLY 1   0   ?   ?   ?   A . n 
A 1 2   MSE 2   1   1   MSE MSE A . n 
A 1 3   ARG 3   2   2   ARG ARG A . n 
A 1 4   ALA 4   3   3   ALA ALA A . n 
A 1 5   ASP 5   4   4   ASP ASP A . n 
A 1 6   ALA 6   5   5   ALA ALA A . n 
A 1 7   LEU 7   6   6   LEU LEU A . n 
A 1 8   LYS 8   7   7   LYS LYS A . n 
A 1 9   ARG 9   8   8   ARG ARG A . n 
A 1 10  ARG 10  9   9   ARG ARG A . n 
A 1 11  GLU 11  10  10  GLU GLU A . n 
A 1 12  HIS 12  11  11  HIS HIS A . n 
A 1 13  ILE 13  12  12  ILE ILE A . n 
A 1 14  ILE 14  13  13  ILE ILE A . n 
A 1 15  THR 15  14  14  THR THR A . n 
A 1 16  THR 16  15  15  THR THR A . n 
A 1 17  THR 17  16  16  THR THR A . n 
A 1 18  CYS 18  17  17  CYS CYS A . n 
A 1 19  ASN 19  18  18  ASN ASN A . n 
A 1 20  LEU 20  19  19  LEU LEU A . n 
A 1 21  TYR 21  20  20  TYR TYR A . n 
A 1 22  ARG 22  21  21  ARG ARG A . n 
A 1 23  THR 23  22  22  THR THR A . n 
A 1 24  HIS 24  23  23  HIS HIS A . n 
A 1 25  HIS 25  24  24  HIS HIS A . n 
A 1 26  HIS 26  25  25  HIS HIS A . n 
A 1 27  ASP 27  26  26  ASP ASP A . n 
A 1 28  SER 28  27  27  SER SER A . n 
A 1 29  LEU 29  28  28  LEU LEU A . n 
A 1 30  THR 30  29  29  THR THR A . n 
A 1 31  MSE 31  30  30  MSE MSE A . n 
A 1 32  GLU 32  31  31  GLU GLU A . n 
A 1 33  ASN 33  32  32  ASN ASN A . n 
A 1 34  ILE 34  33  33  ILE ILE A . n 
A 1 35  ALA 35  34  34  ALA ALA A . n 
A 1 36  GLU 36  35  35  GLU GLU A . n 
A 1 37  GLN 37  36  36  GLN GLN A . n 
A 1 38  ALA 38  37  37  ALA ALA A . n 
A 1 39  GLY 39  38  38  GLY GLY A . n 
A 1 40  VAL 40  39  39  VAL VAL A . n 
A 1 41  GLY 41  40  40  GLY GLY A . n 
A 1 42  VAL 42  41  41  VAL VAL A . n 
A 1 43  ALA 43  42  42  ALA ALA A . n 
A 1 44  THR 44  43  43  THR THR A . n 
A 1 45  LEU 45  44  44  LEU LEU A . n 
A 1 46  TYR 46  45  45  TYR TYR A . n 
A 1 47  ARG 47  46  46  ARG ARG A . n 
A 1 48  ASN 48  47  47  ASN ASN A . n 
A 1 49  PHE 49  48  48  PHE PHE A . n 
A 1 50  PRO 50  49  49  PRO PRO A . n 
A 1 51  ASP 51  50  50  ASP ASP A . n 
A 1 52  ARG 52  51  51  ARG ARG A . n 
A 1 53  PHE 53  52  52  PHE PHE A . n 
A 1 54  THR 54  53  53  THR THR A . n 
A 1 55  LEU 55  54  54  LEU LEU A . n 
A 1 56  ASP 56  55  55  ASP ASP A . n 
A 1 57  MSE 57  56  56  MSE MSE A . n 
A 1 58  ALA 58  57  57  ALA ALA A . n 
A 1 59  CYS 59  58  58  CYS CYS A . n 
A 1 60  ALA 60  59  59  ALA ALA A . n 
A 1 61  GLN 61  60  60  GLN GLN A . n 
A 1 62  TYR 62  61  61  TYR TYR A . n 
A 1 63  LEU 63  62  62  LEU LEU A . n 
A 1 64  PHE 64  63  63  PHE PHE A . n 
A 1 65  ASN 65  64  64  ASN ASN A . n 
A 1 66  VAL 66  65  65  VAL VAL A . n 
A 1 67  VAL 67  66  66  VAL VAL A . n 
A 1 68  ILE 68  67  67  ILE ILE A . n 
A 1 69  SER 69  68  68  SER SER A . n 
A 1 70  LEU 70  69  69  LEU LEU A . n 
A 1 71  GLN 71  70  70  GLN GLN A . n 
A 1 72  LEU 72  71  71  LEU LEU A . n 
A 1 73  GLN 73  72  72  GLN GLN A . n 
A 1 74  ALA 74  73  73  ALA ALA A . n 
A 1 75  ILE 75  74  74  ILE ILE A . n 
A 1 76  SER 76  75  75  SER SER A . n 
A 1 77  THR 77  76  76  THR THR A . n 
A 1 78  PHE 78  77  77  PHE PHE A . n 
A 1 79  PRO 79  78  78  PRO PRO A . n 
A 1 80  THR 80  79  79  THR THR A . n 
A 1 81  ASP 81  80  80  ASP ASP A . n 
A 1 82  PRO 82  81  81  PRO PRO A . n 
A 1 83  GLU 83  82  82  GLU GLU A . n 
A 1 84  GLY 84  83  83  GLY GLY A . n 
A 1 85  VAL 85  84  84  VAL VAL A . n 
A 1 86  TRP 86  85  85  TRP TRP A . n 
A 1 87  THR 87  86  86  THR THR A . n 
A 1 88  SER 88  87  87  SER SER A . n 
A 1 89  PHE 89  88  88  PHE PHE A . n 
A 1 90  ASN 90  89  89  ASN ASN A . n 
A 1 91  GLN 91  90  90  GLN GLN A . n 
A 1 92  LEU 92  91  91  LEU LEU A . n 
A 1 93  LEU 93  92  92  LEU LEU A . n 
A 1 94  PHE 94  93  93  PHE PHE A . n 
A 1 95  ASP 95  94  94  ASP ASP A . n 
A 1 96  ARG 96  95  95  ARG ARG A . n 
A 1 97  GLY 97  96  96  GLY GLY A . n 
A 1 98  LEU 98  97  97  LEU LEU A . n 
A 1 99  GLY 99  98  98  GLY GLY A . n 
A 1 100 SER 100 99  99  SER SER A . n 
A 1 101 LEU 101 100 100 LEU LEU A . n 
A 1 102 VAL 102 101 101 VAL VAL A . n 
A 1 103 PRO 103 102 102 PRO PRO A . n 
A 1 104 ALA 104 103 103 ALA ALA A . n 
A 1 105 LEU 105 104 104 LEU LEU A . n 
A 1 106 ALA 106 105 105 ALA ALA A . n 
A 1 107 PRO 107 106 106 PRO PRO A . n 
A 1 108 GLU 108 107 107 GLU GLU A . n 
A 1 109 SER 109 108 108 SER SER A . n 
A 1 110 LEU 110 109 109 LEU LEU A . n 
A 1 111 ASP 111 110 110 ASP ASP A . n 
A 1 112 ASP 112 111 111 ASP ASP A . n 
A 1 113 LEU 113 112 112 LEU LEU A . n 
A 1 114 PRO 114 113 113 PRO PRO A . n 
A 1 115 ASP 115 114 114 ASP ASP A . n 
A 1 116 GLU 116 115 115 GLU GLU A . n 
A 1 117 VAL 117 116 116 VAL VAL A . n 
A 1 118 SER 118 117 117 SER SER A . n 
A 1 119 ALA 119 118 118 ALA ALA A . n 
A 1 120 LEU 120 119 119 LEU LEU A . n 
A 1 121 ARG 121 120 120 ARG ARG A . n 
A 1 122 ARG 122 121 121 ARG ARG A . n 
A 1 123 THR 123 122 122 THR THR A . n 
A 1 124 THR 124 123 123 THR THR A . n 
A 1 125 GLU 125 124 124 GLU GLU A . n 
A 1 126 LYS 126 125 125 LYS LYS A . n 
A 1 127 ASN 127 126 126 ASN ASN A . n 
A 1 128 THR 128 127 127 THR THR A . n 
A 1 129 THR 129 128 128 THR THR A . n 
A 1 130 THR 130 129 129 THR THR A . n 
A 1 131 LEU 131 130 130 LEU LEU A . n 
A 1 132 ILE 132 131 131 ILE ILE A . n 
A 1 133 ASN 133 132 132 ASN ASN A . n 
A 1 134 LEU 134 133 133 LEU LEU A . n 
A 1 135 ALA 135 134 134 ALA ALA A . n 
A 1 136 LYS 136 135 135 LYS LYS A . n 
A 1 137 GLN 137 136 136 GLN GLN A . n 
A 1 138 HIS 138 137 137 HIS HIS A . n 
A 1 139 GLY 139 138 138 GLY GLY A . n 
A 1 140 LEU 140 139 139 LEU LEU A . n 
A 1 141 VAL 141 140 140 VAL VAL A . n 
A 1 142 HIS 142 141 141 HIS HIS A . n 
A 1 143 HIS 143 142 142 HIS HIS A . n 
A 1 144 ASP 144 143 143 ASP ASP A . n 
A 1 145 ILE 145 144 144 ILE ILE A . n 
A 1 146 ALA 146 145 145 ALA ALA A . n 
A 1 147 PRO 147 146 146 PRO PRO A . n 
A 1 148 GLY 148 147 147 GLY GLY A . n 
A 1 149 THR 149 148 148 THR THR A . n 
A 1 150 TYR 150 149 149 TYR TYR A . n 
A 1 151 ILE 151 150 150 ILE ILE A . n 
A 1 152 VAL 152 151 151 VAL VAL A . n 
A 1 153 GLY 153 152 152 GLY GLY A . n 
A 1 154 LEU 154 153 153 LEU LEU A . n 
A 1 155 ILE 155 154 154 ILE ILE A . n 
A 1 156 THR 156 155 155 THR THR A . n 
A 1 157 ILE 157 156 156 ILE ILE A . n 
A 1 158 SER 158 157 157 SER SER A . n 
A 1 159 ARG 159 158 158 ARG ARG A . n 
A 1 160 PRO 160 159 159 PRO PRO A . n 
A 1 161 PRO 161 160 160 PRO PRO A . n 
A 1 162 ILE 162 161 161 ILE ILE A . n 
A 1 163 THR 163 162 162 THR THR A . n 
A 1 164 ALA 164 163 163 ALA ALA A . n 
A 1 165 LEU 165 164 164 LEU LEU A . n 
A 1 166 ALA 166 165 165 ALA ALA A . n 
A 1 167 THR 167 166 166 THR THR A . n 
A 1 168 ILE 168 167 167 ILE ILE A . n 
A 1 169 SER 169 168 168 SER SER A . n 
A 1 170 GLU 170 169 169 GLU GLU A . n 
A 1 171 ASN 171 170 170 ASN ASN A . n 
A 1 172 SER 172 171 171 SER SER A . n 
A 1 173 HIS 173 172 172 HIS HIS A . n 
A 1 174 LYS 174 173 173 LYS LYS A . n 
A 1 175 ALA 175 174 174 ALA ALA A . n 
A 1 176 LEU 176 175 175 LEU LEU A . n 
A 1 177 LEU 177 176 176 LEU LEU A . n 
A 1 178 GLY 178 177 177 GLY GLY A . n 
A 1 179 LEU 179 178 178 LEU LEU A . n 
A 1 180 TYR 180 179 179 TYR TYR A . n 
A 1 181 LEU 181 180 180 LEU LEU A . n 
A 1 182 SER 182 181 181 SER SER A . n 
A 1 183 GLY 183 182 182 GLY GLY A . n 
A 1 184 LEU 184 183 183 LEU LEU A . n 
A 1 185 LYS 185 184 184 LYS LYS A . n 
A 1 186 HIS 186 185 185 HIS HIS A . n 
A 1 187 GLY 187 186 186 GLY GLY A . n 
A 1 188 MSE 188 187 187 MSE MSE A . n 
A 1 189 MSE 189 188 188 MSE MSE A . n 
A 1 190 ALA 190 189 ?   ?   ?   A . n 
A 1 191 ASN 191 190 ?   ?   ?   A . n 
A 1 192 ILE 192 191 ?   ?   ?   A . n 
A 1 193 GLY 193 192 ?   ?   ?   A . n 
A 1 194 GLU 194 193 ?   ?   ?   A . n 
A 1 195 HIS 195 194 ?   ?   ?   A . n 
A 1 196 ASP 196 195 ?   ?   ?   A . n 
A 1 197 GLY 197 196 ?   ?   ?   A . n 
A 1 198 LYS 198 197 ?   ?   ?   A . n 
A 1 199 SER 199 198 ?   ?   ?   A . n 
# 
loop_
_pdbx_nonpoly_scheme.asym_id 
_pdbx_nonpoly_scheme.entity_id 
_pdbx_nonpoly_scheme.mon_id 
_pdbx_nonpoly_scheme.ndb_seq_num 
_pdbx_nonpoly_scheme.pdb_seq_num 
_pdbx_nonpoly_scheme.auth_seq_num 
_pdbx_nonpoly_scheme.pdb_mon_id 
_pdbx_nonpoly_scheme.auth_mon_id 
_pdbx_nonpoly_scheme.pdb_strand_id 
_pdbx_nonpoly_scheme.pdb_ins_code 
B 2 UNL 1  199 1  UNL UNL A . 
C 2 UNL 1  200 2  UNL UNL A . 
D 3 HOH 1  201 3  HOH HOH A . 
D 3 HOH 2  202 4  HOH HOH A . 
D 3 HOH 3  203 5  HOH HOH A . 
D 3 HOH 4  204 6  HOH HOH A . 
D 3 HOH 5  205 7  HOH HOH A . 
D 3 HOH 6  206 8  HOH HOH A . 
D 3 HOH 7  207 9  HOH HOH A . 
D 3 HOH 8  208 10 HOH HOH A . 
D 3 HOH 9  209 11 HOH HOH A . 
D 3 HOH 10 210 12 HOH HOH A . 
D 3 HOH 11 211 13 HOH HOH A . 
D 3 HOH 12 212 14 HOH HOH A . 
D 3 HOH 13 213 15 HOH HOH A . 
D 3 HOH 14 214 16 HOH HOH A . 
D 3 HOH 15 215 17 HOH HOH A . 
D 3 HOH 16 216 18 HOH HOH A . 
D 3 HOH 17 217 19 HOH HOH A . 
D 3 HOH 18 218 20 HOH HOH A . 
D 3 HOH 19 219 21 HOH HOH A . 
D 3 HOH 20 220 22 HOH HOH A . 
D 3 HOH 21 221 23 HOH HOH A . 
D 3 HOH 22 222 24 HOH HOH A . 
D 3 HOH 23 223 25 HOH HOH A . 
D 3 HOH 24 224 26 HOH HOH A . 
D 3 HOH 25 225 27 HOH HOH A . 
D 3 HOH 26 226 28 HOH HOH A . 
D 3 HOH 27 227 29 HOH HOH A . 
D 3 HOH 28 228 30 HOH HOH A . 
D 3 HOH 29 229 31 HOH HOH A . 
D 3 HOH 30 230 32 HOH HOH A . 
D 3 HOH 31 231 33 HOH HOH A . 
D 3 HOH 32 232 34 HOH HOH A . 
D 3 HOH 33 233 35 HOH HOH A . 
D 3 HOH 34 234 36 HOH HOH A . 
D 3 HOH 35 235 37 HOH HOH A . 
D 3 HOH 36 236 38 HOH HOH A . 
D 3 HOH 37 237 39 HOH HOH A . 
D 3 HOH 38 238 40 HOH HOH A . 
D 3 HOH 39 239 41 HOH HOH A . 
D 3 HOH 40 240 42 HOH HOH A . 
D 3 HOH 41 241 43 HOH HOH A . 
D 3 HOH 42 242 44 HOH HOH A . 
D 3 HOH 43 243 45 HOH HOH A . 
D 3 HOH 44 244 46 HOH HOH A . 
D 3 HOH 45 245 47 HOH HOH A . 
D 3 HOH 46 246 48 HOH HOH A . 
D 3 HOH 47 247 49 HOH HOH A . 
D 3 HOH 48 248 50 HOH HOH A . 
D 3 HOH 49 249 51 HOH HOH A . 
D 3 HOH 50 250 52 HOH HOH A . 
D 3 HOH 51 251 53 HOH HOH A . 
D 3 HOH 52 252 54 HOH HOH A . 
D 3 HOH 53 253 55 HOH HOH A . 
D 3 HOH 54 254 56 HOH HOH A . 
D 3 HOH 55 255 57 HOH HOH A . 
D 3 HOH 56 256 58 HOH HOH A . 
D 3 HOH 57 257 59 HOH HOH A . 
D 3 HOH 58 258 60 HOH HOH A . 
D 3 HOH 59 259 61 HOH HOH A . 
D 3 HOH 60 260 62 HOH HOH A . 
D 3 HOH 61 261 63 HOH HOH A . 
D 3 HOH 62 262 64 HOH HOH A . 
D 3 HOH 63 263 65 HOH HOH A . 
D 3 HOH 64 264 66 HOH HOH A . 
D 3 HOH 65 265 67 HOH HOH A . 
D 3 HOH 66 266 68 HOH HOH A . 
D 3 HOH 67 267 69 HOH HOH A . 
D 3 HOH 68 268 70 HOH HOH A . 
D 3 HOH 69 269 71 HOH HOH A . 
D 3 HOH 70 270 72 HOH HOH A . 
D 3 HOH 71 271 73 HOH HOH A . 
D 3 HOH 72 272 74 HOH HOH A . 
# 
loop_
_pdbx_unobs_or_zero_occ_atoms.id 
_pdbx_unobs_or_zero_occ_atoms.PDB_model_num 
_pdbx_unobs_or_zero_occ_atoms.polymer_flag 
_pdbx_unobs_or_zero_occ_atoms.occupancy_flag 
_pdbx_unobs_or_zero_occ_atoms.auth_asym_id 
_pdbx_unobs_or_zero_occ_atoms.auth_comp_id 
_pdbx_unobs_or_zero_occ_atoms.auth_seq_id 
_pdbx_unobs_or_zero_occ_atoms.PDB_ins_code 
_pdbx_unobs_or_zero_occ_atoms.auth_atom_id 
_pdbx_unobs_or_zero_occ_atoms.label_alt_id 
_pdbx_unobs_or_zero_occ_atoms.label_asym_id 
_pdbx_unobs_or_zero_occ_atoms.label_comp_id 
_pdbx_unobs_or_zero_occ_atoms.label_seq_id 
_pdbx_unobs_or_zero_occ_atoms.label_atom_id 
1  1 Y 1 A ARG 2   ? NH1 ? A ARG 3   NH1 
2  1 Y 1 A ARG 2   ? NH2 ? A ARG 3   NH2 
3  1 Y 1 A LYS 7   ? CD  ? A LYS 8   CD  
4  1 Y 1 A LYS 7   ? CE  ? A LYS 8   CE  
5  1 Y 1 A LYS 7   ? NZ  ? A LYS 8   NZ  
6  1 Y 1 A GLU 10  ? CD  ? A GLU 11  CD  
7  1 Y 1 A GLU 10  ? OE1 ? A GLU 11  OE1 
8  1 Y 1 A GLU 10  ? OE2 ? A GLU 11  OE2 
9  1 Y 1 A GLU 35  ? CD  ? A GLU 36  CD  
10 1 Y 1 A GLU 35  ? OE1 ? A GLU 36  OE1 
11 1 Y 1 A GLU 35  ? OE2 ? A GLU 36  OE2 
12 1 Y 1 A GLN 90  ? OE1 ? A GLN 91  OE1 
13 1 Y 1 A GLN 90  ? NE2 ? A GLN 91  NE2 
14 1 Y 1 A GLU 107 ? CG  ? A GLU 108 CG  
15 1 Y 1 A GLU 107 ? CD  ? A GLU 108 CD  
16 1 Y 1 A GLU 107 ? OE1 ? A GLU 108 OE1 
17 1 Y 1 A GLU 107 ? OE2 ? A GLU 108 OE2 
18 1 Y 1 A GLU 115 ? CD  ? A GLU 116 CD  
19 1 Y 1 A GLU 115 ? OE1 ? A GLU 116 OE1 
20 1 Y 1 A GLU 115 ? OE2 ? A GLU 116 OE2 
21 1 Y 1 A LYS 125 ? CD  ? A LYS 126 CD  
22 1 Y 1 A LYS 125 ? CE  ? A LYS 126 CE  
23 1 Y 1 A LYS 125 ? NZ  ? A LYS 126 NZ  
24 1 Y 1 A ILE 167 ? CD1 ? A ILE 168 CD1 
25 1 Y 1 A GLU 169 ? CD  ? A GLU 170 CD  
26 1 Y 1 A GLU 169 ? OE1 ? A GLU 170 OE1 
27 1 Y 1 A GLU 169 ? OE2 ? A GLU 170 OE2 
28 1 Y 1 A LYS 173 ? CG  ? A LYS 174 CG  
29 1 Y 1 A LYS 173 ? CD  ? A LYS 174 CD  
30 1 Y 1 A LYS 173 ? CE  ? A LYS 174 CE  
31 1 Y 1 A LYS 173 ? NZ  ? A LYS 174 NZ  
# 
loop_
_software.name 
_software.version 
_software.date 
_software.type 
_software.contact_author 
_software.contact_author_email 
_software.classification 
_software.location 
_software.language 
_software.citation_id 
_software.pdbx_ordinal 
MolProbity  3beta29   ?                package 'D.C. & J.S. Richardson lab' molprobity@kinemage.biochem.duke.edu 'model building'  
http://kinemage.biochem.duke.edu/molprobity/ ?          ? 1 
SOLVE       .         ?                package 'Tom Terwilliger'            terwilliger@LANL.gov                 phasing           
http://www.solve.lanl.gov/                   ?          ? 2 
REFMAC      5.2.0005  ?                program 'Murshudov, G.N.'            ccp4@dl.ac.uk                        refinement        
http://www.ccp4.ac.uk/main.html              Fortran_77 ? 3 
SCALA       .         ?                other   'Phil Evans'                 pre@mrc-lmb.cam.ac.uk                'data scaling'    
http://www.ccp4.ac.uk/dist/html/INDEX.html   Fortran_77 ? 4 
PDB_EXTRACT 2.000     'April. 3, 2006' package PDB                          sw-help@rcsb.rutgers.edu             'data extraction' 
http://pdb.rutgers.edu/software/             C++        ? 5 
MOSFLM      .         ?                ?       ?                            ?                                    'data reduction'  
?                                            ?          ? 6 
CCP4        '(SCALA)' ?                ?       ?                            ?                                    'data scaling'    
?                                            ?          ? 7 
# 
_cell.entry_id           2O7T 
_cell.length_a           51.197 
_cell.length_b           51.197 
_cell.length_c           129.629 
_cell.angle_alpha        90.000 
_cell.angle_beta         90.000 
_cell.angle_gamma        120.000 
_cell.pdbx_unique_axis   ? 
_cell.Z_PDB              6 
_cell.length_a_esd       ? 
_cell.length_b_esd       ? 
_cell.length_c_esd       ? 
_cell.angle_alpha_esd    ? 
_cell.angle_beta_esd     ? 
_cell.angle_gamma_esd    ? 
# 
_symmetry.entry_id                         2O7T 
_symmetry.Int_Tables_number                154 
_symmetry.space_group_name_H-M             'P 32 2 1' 
_symmetry.pdbx_full_space_group_name_H-M   ? 
_symmetry.cell_setting                     ? 
_symmetry.space_group_name_Hall            ? 
# 
_exptl.crystals_number   1 
_exptl.method            'X-RAY DIFFRACTION' 
_exptl.entry_id          2O7T 
# 
_exptl_crystal.id                    1 
_exptl_crystal.density_Matthews      2.22 
_exptl_crystal.density_meas          ? 
_exptl_crystal.density_percent_sol   44.54 
_exptl_crystal.description           ? 
_exptl_crystal.F_000                 ? 
_exptl_crystal.preparation           ? 
# 
_exptl_crystal_grow.crystal_id      1 
_exptl_crystal_grow.method          'VAPOR DIFFUSION, SITTING DROP, NANODROP' 
_exptl_crystal_grow.pH              8.5 
_exptl_crystal_grow.temp            277 
_exptl_crystal_grow.pdbx_details    
'15.0% Glycerol, 0.17M NaOAc, 25.5% PEG-4000, 0.1M TRIS pH 8.5, VAPOR DIFFUSION, SITTING DROP, NANODROP, temperature 277K' 
_exptl_crystal_grow.temp_details    ? 
_exptl_crystal_grow.pdbx_pH_range   . 
# 
_diffrn.id                     1 
_diffrn.ambient_temp           100 
_diffrn.ambient_temp_details   ? 
_diffrn.crystal_id             1 
# 
_diffrn_detector.diffrn_id              1 
_diffrn_detector.detector               CCD 
_diffrn_detector.type                   'MARMOSAIC 325 mm CCD' 
_diffrn_detector.details                'Flat mirror (vertical focusing)' 
_diffrn_detector.pdbx_collection_date   2006-11-20 
# 
_diffrn_radiation.diffrn_id                        1 
_diffrn_radiation.pdbx_monochromatic_or_laue_m_l   M 
_diffrn_radiation.monochromator                    'Single crystal Si(111) bent monochromator (horizontal focusing)' 
_diffrn_radiation.pdbx_diffrn_protocol             MAD 
_diffrn_radiation.wavelength_id                    1 
_diffrn_radiation.pdbx_scattering_type             x-ray 
# 
loop_
_diffrn_radiation_wavelength.id 
_diffrn_radiation_wavelength.wavelength 
_diffrn_radiation_wavelength.wt 
1 0.92522 1.0 
2 0.97975 1.0 
# 
_diffrn_source.diffrn_id                   1 
_diffrn_source.source                      SYNCHROTRON 
_diffrn_source.pdbx_synchrotron_beamline   BL11-1 
_diffrn_source.type                        'SSRL BEAMLINE BL11-1' 
_diffrn_source.pdbx_wavelength_list        '0.92522, 0.97975' 
_diffrn_source.pdbx_wavelength             ? 
_diffrn_source.pdbx_synchrotron_site       SSRL 
# 
_reflns.entry_id                     2O7T 
_reflns.d_resolution_high            2.100 
_reflns.d_resolution_low             26.162 
_reflns.number_obs                   12118 
_reflns.pdbx_Rmerge_I_obs            0.083 
_reflns.pdbx_netI_over_sigmaI        6.100 
_reflns.pdbx_Rsym_value              0.083 
_reflns.pdbx_redundancy              5.100 
_reflns.percent_possible_obs         99.800 
_reflns.observed_criterion_sigma_F   ? 
_reflns.observed_criterion_sigma_I   ? 
_reflns.number_all                   ? 
_reflns.B_iso_Wilson_estimate        ? 
_reflns.R_free_details               ? 
_reflns.limit_h_max                  ? 
_reflns.limit_h_min                  ? 
_reflns.limit_k_max                  ? 
_reflns.limit_k_min                  ? 
_reflns.limit_l_max                  ? 
_reflns.limit_l_min                  ? 
_reflns.observed_criterion_F_max     ? 
_reflns.observed_criterion_F_min     ? 
_reflns.pdbx_chi_squared             ? 
_reflns.pdbx_scaling_rejects         ? 
_reflns.pdbx_ordinal                 1 
_reflns.pdbx_diffrn_id               1 
# 
loop_
_reflns_shell.d_res_high 
_reflns_shell.d_res_low 
_reflns_shell.number_measured_obs 
_reflns_shell.number_measured_all 
_reflns_shell.number_unique_obs 
_reflns_shell.Rmerge_I_obs 
_reflns_shell.meanI_over_sigI_obs 
_reflns_shell.pdbx_Rsym_value 
_reflns_shell.pdbx_chi_squared 
_reflns_shell.pdbx_redundancy 
_reflns_shell.percent_possible_obs 
_reflns_shell.number_unique_all 
_reflns_shell.percent_possible_all 
_reflns_shell.pdbx_ordinal 
_reflns_shell.pdbx_diffrn_id 
2.10 2.15  ? 3768 ? 0.686 1.1  0.686 ? 4.40 ? 865 98.90  1  1 
2.15 2.21  ? 4389 ? 0.548 1.4  0.548 ? 5.10 ? 868 100.00 2  1 
2.21 2.28  ? 4151 ? 0.54  0.7  0.54  ? 5.10 ? 816 100.00 3  1 
2.28 2.35  ? 4175 ? 0.372 2.0  0.372 ? 5.20 ? 808 99.90  4  1 
2.35 2.42  ? 4110 ? 0.327 2.3  0.327 ? 5.20 ? 789 100.00 5  1 
2.42 2.51  ? 3866 ? 0.256 2.9  0.256 ? 5.20 ? 744 100.00 6  1 
2.51 2.60  ? 3971 ? 0.218 3.4  0.218 ? 5.20 ? 757 100.00 7  1 
2.60 2.71  ? 3698 ? 0.193 2.2  0.193 ? 5.20 ? 705 100.00 8  1 
2.71 2.83  ? 3560 ? 0.147 5.0  0.147 ? 5.20 ? 680 100.00 9  1 
2.83 2.97  ? 3434 ? 0.121 5.9  0.121 ? 5.20 ? 658 100.00 10 1 
2.97 3.13  ? 3244 ? 0.099 7.0  0.099 ? 5.30 ? 616 100.00 11 1 
3.13 3.32  ? 3098 ? 0.078 8.7  0.078 ? 5.20 ? 592 100.00 12 1 
3.32 3.55  ? 2868 ? 0.07  8.9  0.07  ? 5.10 ? 558 100.00 13 1 
3.55 3.83  ? 2746 ? 0.064 8.7  0.064 ? 5.10 ? 536 100.00 14 1 
3.83 4.20  ? 2461 ? 0.059 9.9  0.059 ? 5.10 ? 485 100.00 15 1 
4.20 4.70  ? 2317 ? 0.049 12.7 0.049 ? 5.10 ? 455 100.00 16 1 
4.70 5.42  ? 1943 ? 0.052 11.0 0.052 ? 4.90 ? 394 100.00 17 1 
5.42 6.64  ? 1701 ? 0.06  10.3 0.06  ? 4.90 ? 350 100.00 18 1 
6.64 9.39  ? 1291 ? 0.036 15.1 0.036 ? 4.70 ? 277 100.00 19 1 
9.39 26.16 ? 669  ? 0.034 18.4 0.034 ? 4.10 ? 165 93.50  20 1 
# 
_refine.entry_id                                 2O7T 
_refine.ls_d_res_high                            2.100 
_refine.ls_d_res_low                             26.162 
_refine.pdbx_ls_sigma_F                          0.00 
_refine.ls_percent_reflns_obs                    99.770 
_refine.ls_number_reflns_obs                     12078 
_refine.pdbx_ls_cross_valid_method               THROUGHOUT 
_refine.pdbx_R_Free_selection_details            RANDOM 
_refine.details                                  
;1. HYDROGENS HAVE BEEN ADDED IN THE RIDING POSITIONS. 2. ATOM RECORD CONTAINS RESIDUAL B FACTORS ONLY. 3.A MET-INHIBITION PROTOCOL WAS USED FOR SELENOMETHIONINE INCORPORATION DURING PROTEIN EXPRESSION. THE OCCUPANCY OF THE SE ATOMS IN THE MSE RESIDUES WAS REDUCED TO 0.75 TO ACCOUNT FOR THE REDUCED SCATTERING POWER DUE TO PARTIAL S-MET INCORPORATION. 4.TWO UNKNOWN LIGANDS ARE MODELED IN THE MODEL, WHICH MAY BE LIPID MOLECULES. 5.RESIDUE CYS 17 MAY FORM DISULFIDE BOND WITH CYS 59 UNDER NON-REDUCING ENVIROMENT.
;
_refine.ls_R_factor_all                          ? 
_refine.ls_R_factor_R_work                       0.18 
_refine.ls_R_factor_R_free                       0.23 
_refine.ls_percent_reflns_R_free                 4.800 
_refine.ls_number_reflns_R_free                  578 
_refine.B_iso_mean                               38.481 
_refine.aniso_B[1][1]                            0.260 
_refine.aniso_B[2][2]                            0.260 
_refine.aniso_B[3][3]                            -0.390 
_refine.aniso_B[1][2]                            0.130 
_refine.aniso_B[1][3]                            0.000 
_refine.aniso_B[2][3]                            0.000 
_refine.correlation_coeff_Fo_to_Fc               0.964 
_refine.correlation_coeff_Fo_to_Fc_free          0.948 
_refine.pdbx_overall_ESU_R                       0.208 
_refine.pdbx_overall_ESU_R_Free                  0.180 
_refine.overall_SU_ML                            0.147 
_refine.overall_SU_B                             11.418 
_refine.solvent_model_details                    MASK 
_refine.pdbx_solvent_vdw_probe_radii             1.200 
_refine.pdbx_solvent_ion_probe_radii             0.800 
_refine.pdbx_solvent_shrinkage_radii             0.800 
_refine.pdbx_method_to_determine_struct          MAD 
_refine.pdbx_stereochemistry_target_values       'MAXIMUM LIKELIHOOD WITH PHASES' 
_refine.pdbx_ls_sigma_I                          ? 
_refine.ls_number_reflns_all                     ? 
_refine.ls_R_factor_obs                          0.183 
_refine.ls_redundancy_reflns_obs                 ? 
_refine.pdbx_data_cutoff_high_absF               ? 
_refine.pdbx_data_cutoff_low_absF                ? 
_refine.ls_number_parameters                     ? 
_refine.ls_number_restraints                     ? 
_refine.ls_R_factor_R_free_error                 ? 
_refine.ls_R_factor_R_free_error_details         ? 
_refine.pdbx_starting_model                      ? 
_refine.pdbx_stereochem_target_val_spec_case     ? 
_refine.solvent_model_param_bsol                 ? 
_refine.solvent_model_param_ksol                 ? 
_refine.occupancy_max                            ? 
_refine.occupancy_min                            ? 
_refine.pdbx_isotropic_thermal_model             ? 
_refine.B_iso_min                                ? 
_refine.B_iso_max                                ? 
_refine.overall_SU_R_Cruickshank_DPI             ? 
_refine.overall_SU_R_free                        ? 
_refine.pdbx_data_cutoff_high_rms_absF           ? 
_refine.ls_wR_factor_R_free                      ? 
_refine.ls_wR_factor_R_work                      ? 
_refine.overall_FOM_free_R_set                   ? 
_refine.overall_FOM_work_R_set                   ? 
_refine.pdbx_refine_id                           'X-RAY DIFFRACTION' 
_refine.pdbx_TLS_residual_ADP_flag               'LIKELY RESIDUAL' 
_refine.pdbx_diffrn_id                           1 
_refine.pdbx_overall_phase_error                 ? 
_refine.pdbx_overall_SU_R_free_Cruickshank_DPI   ? 
_refine.pdbx_overall_SU_R_Blow_DPI               ? 
_refine.pdbx_overall_SU_R_free_Blow_DPI          ? 
# 
_refine_hist.pdbx_refine_id                   'X-RAY DIFFRACTION' 
_refine_hist.cycle_id                         LAST 
_refine_hist.pdbx_number_atoms_protein        1429 
_refine_hist.pdbx_number_atoms_nucleic_acid   0 
_refine_hist.pdbx_number_atoms_ligand         30 
_refine_hist.number_atoms_solvent             72 
_refine_hist.number_atoms_total               1531 
_refine_hist.d_res_high                       2.100 
_refine_hist.d_res_low                        26.162 
# 
loop_
_refine_ls_restr.type 
_refine_ls_restr.number 
_refine_ls_restr.dev_ideal 
_refine_ls_restr.dev_ideal_target 
_refine_ls_restr.weight 
_refine_ls_restr.pdbx_refine_id 
_refine_ls_restr.pdbx_restraint_function 
r_bond_refined_d         1509 0.014  0.022  ? 'X-RAY DIFFRACTION' ? 
r_bond_other_d           1423 0.001  0.020  ? 'X-RAY DIFFRACTION' ? 
r_angle_refined_deg      2056 1.423  1.973  ? 'X-RAY DIFFRACTION' ? 
r_angle_other_deg        3290 0.792  3.000  ? 'X-RAY DIFFRACTION' ? 
r_dihedral_angle_1_deg   195  3.198  5.000  ? 'X-RAY DIFFRACTION' ? 
r_dihedral_angle_2_deg   56   30.691 23.036 ? 'X-RAY DIFFRACTION' ? 
r_dihedral_angle_3_deg   238  11.469 15.000 ? 'X-RAY DIFFRACTION' ? 
r_dihedral_angle_4_deg   10   14.291 15.000 ? 'X-RAY DIFFRACTION' ? 
r_chiral_restr           252  0.082  0.200  ? 'X-RAY DIFFRACTION' ? 
r_gen_planes_refined     1645 0.005  0.020  ? 'X-RAY DIFFRACTION' ? 
r_gen_planes_other       291  0.001  0.020  ? 'X-RAY DIFFRACTION' ? 
r_nbd_refined            350  0.223  0.300  ? 'X-RAY DIFFRACTION' ? 
r_nbd_other              1321 0.157  0.300  ? 'X-RAY DIFFRACTION' ? 
r_nbtor_refined          756  0.182  0.500  ? 'X-RAY DIFFRACTION' ? 
r_nbtor_other            894  0.087  0.500  ? 'X-RAY DIFFRACTION' ? 
r_xyhbond_nbd_refined    98   0.201  0.500  ? 'X-RAY DIFFRACTION' ? 
r_symmetry_vdw_refined   12   0.231  0.300  ? 'X-RAY DIFFRACTION' ? 
r_symmetry_vdw_other     72   0.185  0.300  ? 'X-RAY DIFFRACTION' ? 
r_symmetry_hbond_refined 9    0.228  0.500  ? 'X-RAY DIFFRACTION' ? 
r_mcbond_it              973  2.054  3.000  ? 'X-RAY DIFFRACTION' ? 
r_mcbond_other           384  0.525  3.000  ? 'X-RAY DIFFRACTION' ? 
r_mcangle_it             1549 3.055  5.000  ? 'X-RAY DIFFRACTION' ? 
r_scbond_it              588  5.086  8.000  ? 'X-RAY DIFFRACTION' ? 
r_scangle_it             503  6.990  11.000 ? 'X-RAY DIFFRACTION' ? 
# 
_refine_ls_shell.d_res_high                       2.100 
_refine_ls_shell.d_res_low                        2.155 
_refine_ls_shell.pdbx_total_number_of_bins_used   20 
_refine_ls_shell.percent_reflns_obs               98.520 
_refine_ls_shell.number_reflns_R_work             834 
_refine_ls_shell.R_factor_all                     ? 
_refine_ls_shell.R_factor_R_work                  0.227 
_refine_ls_shell.R_factor_R_free                  0.299 
_refine_ls_shell.percent_reflns_R_free            ? 
_refine_ls_shell.number_reflns_R_free             29 
_refine_ls_shell.R_factor_R_free_error            ? 
_refine_ls_shell.number_reflns_all                ? 
_refine_ls_shell.number_reflns_obs                863 
_refine_ls_shell.redundancy_reflns_obs            ? 
_refine_ls_shell.pdbx_refine_id                   'X-RAY DIFFRACTION' 
# 
_struct.entry_id                  2O7T 
_struct.title                     
;Crystal structure of a tetr family transcriptional regulator (ncgl1578, cgl1640) from corynebacterium glutamicum at 2.10 A resolution
;
_struct.pdbx_model_details        ? 
_struct.pdbx_CASP_flag            ? 
_struct.pdbx_model_type_details   ? 
# 
_struct_keywords.text            
;Transcription regulator, dna/rna-binding 3-helical bundle fold, helix turn helix motif, hth motif, transcription regulation, structural genomics, Joint Center for Structural Genomics, JCSG, Protein Structure Initiative, PSI-2, transcription
;
_struct_keywords.pdbx_keywords   TRANSCRIPTION 
_struct_keywords.entry_id        2O7T 
# 
loop_
_struct_asym.id 
_struct_asym.pdbx_blank_PDB_chainid_flag 
_struct_asym.pdbx_modified 
_struct_asym.entity_id 
_struct_asym.details 
A N N 1 ? 
B N N 2 ? 
C N N 2 ? 
D N N 3 ? 
# 
_struct_ref.id                         1 
_struct_ref.db_name                    UNP 
_struct_ref.db_code                    Q8NQ14_CORGL 
_struct_ref.pdbx_db_accession          Q8NQ14 
_struct_ref.entity_id                  1 
_struct_ref.pdbx_seq_one_letter_code   
;MRADALKRREHIITTTCNLYRTHHHDSLTMENIAEQAGVGVATLYRNFPDRFTLDMACAQYLFNVVISLQLQAISTFPTD
PEGVWTSFNQLLFDRGLGSLVPALAPESLDDLPDEVSALRRTTEKNTTTLINLAKQHGLVHHDIAPGTYIVGLITISRPP
ITALATISENSHKALLGLYLSGLKHGMMANIGEHDGKS
;
_struct_ref.pdbx_align_begin           1 
_struct_ref.pdbx_db_isoform            ? 
# 
_struct_ref_seq.align_id                      1 
_struct_ref_seq.ref_id                        1 
_struct_ref_seq.pdbx_PDB_id_code              2O7T 
_struct_ref_seq.pdbx_strand_id                A 
_struct_ref_seq.seq_align_beg                 2 
_struct_ref_seq.pdbx_seq_align_beg_ins_code   ? 
_struct_ref_seq.seq_align_end                 199 
_struct_ref_seq.pdbx_seq_align_end_ins_code   ? 
_struct_ref_seq.pdbx_db_accession             Q8NQ14 
_struct_ref_seq.db_align_beg                  1 
_struct_ref_seq.pdbx_db_align_beg_ins_code    ? 
_struct_ref_seq.db_align_end                  198 
_struct_ref_seq.pdbx_db_align_end_ins_code    ? 
_struct_ref_seq.pdbx_auth_seq_align_beg       1 
_struct_ref_seq.pdbx_auth_seq_align_end       198 
# 
loop_
_struct_ref_seq_dif.align_id 
_struct_ref_seq_dif.pdbx_pdb_id_code 
_struct_ref_seq_dif.mon_id 
_struct_ref_seq_dif.pdbx_pdb_strand_id 
_struct_ref_seq_dif.seq_num 
_struct_ref_seq_dif.pdbx_pdb_ins_code 
_struct_ref_seq_dif.pdbx_seq_db_name 
_struct_ref_seq_dif.pdbx_seq_db_accession_code 
_struct_ref_seq_dif.db_mon_id 
_struct_ref_seq_dif.pdbx_seq_db_seq_num 
_struct_ref_seq_dif.details 
_struct_ref_seq_dif.pdbx_auth_seq_num 
_struct_ref_seq_dif.pdbx_ordinal 
1 2O7T GLY A 1   ? UNP Q8NQ14 ?   ?   'expression tag'   0   1 
1 2O7T MSE A 2   ? UNP Q8NQ14 MET 1   'modified residue' 1   2 
1 2O7T MSE A 31  ? UNP Q8NQ14 MET 30  'modified residue' 30  3 
1 2O7T MSE A 57  ? UNP Q8NQ14 MET 56  'modified residue' 56  4 
1 2O7T MSE A 188 ? UNP Q8NQ14 MET 187 'modified residue' 187 5 
1 2O7T MSE A 189 ? UNP Q8NQ14 MET 188 'modified residue' 188 6 
# 
_pdbx_struct_assembly.id                   1 
_pdbx_struct_assembly.details              author_and_software_defined_assembly 
_pdbx_struct_assembly.method_details       PISA 
_pdbx_struct_assembly.oligomeric_details   dimeric 
_pdbx_struct_assembly.oligomeric_count     2 
# 
loop_
_pdbx_struct_assembly_prop.biol_id 
_pdbx_struct_assembly_prop.type 
_pdbx_struct_assembly_prop.value 
_pdbx_struct_assembly_prop.details 
1 'ABSA (A^2)' 6190  ? 
1 MORE         -50   ? 
1 'SSA (A^2)'  17060 ? 
# 
_pdbx_struct_assembly_gen.assembly_id       1 
_pdbx_struct_assembly_gen.oper_expression   1,2 
_pdbx_struct_assembly_gen.asym_id_list      A,B,C,D 
# 
loop_
_pdbx_struct_assembly_auth_evidence.id 
_pdbx_struct_assembly_auth_evidence.assembly_id 
_pdbx_struct_assembly_auth_evidence.experimental_support 
_pdbx_struct_assembly_auth_evidence.details 
1 1 'gel filtration'   ? 
2 1 'light scattering' ? 
# 
loop_
_pdbx_struct_oper_list.id 
_pdbx_struct_oper_list.type 
_pdbx_struct_oper_list.name 
_pdbx_struct_oper_list.symmetry_operation 
_pdbx_struct_oper_list.matrix[1][1] 
_pdbx_struct_oper_list.matrix[1][2] 
_pdbx_struct_oper_list.matrix[1][3] 
_pdbx_struct_oper_list.vector[1] 
_pdbx_struct_oper_list.matrix[2][1] 
_pdbx_struct_oper_list.matrix[2][2] 
_pdbx_struct_oper_list.matrix[2][3] 
_pdbx_struct_oper_list.vector[2] 
_pdbx_struct_oper_list.matrix[3][1] 
_pdbx_struct_oper_list.matrix[3][2] 
_pdbx_struct_oper_list.matrix[3][3] 
_pdbx_struct_oper_list.vector[3] 
1 'identity operation'         1_555 x,y,z    1.0000000000 0.0000000000 0.0000000000  0.0000000000  0.0000000000 1.0000000000  0.0000000000  0.0000000000  0.0000000000  0.0000000000  1.0000000000  0.0000000000   
2 'crystal symmetry operation' 4_556 y,x,-z+1 0.9243007074 0.2994918351 -0.2365858048 -1.6889295749 0.2994918351 -0.9533880755 -0.0368214368 -9.9941781254 -0.2365858048 -0.0368214368 -0.9709126319 -26.3886632080 
# 
_struct_biol.id                    1 
_struct_biol.details               
;SIZE EXCLUSION CHROMATOGRAPHY WITH STATIC LIGHT
SCATTERING SUPPORTS THE ASSIGNMENT OF A DIMER AS A
BIOLOGICALLY SIGNIFICANT OLIGOMERIZATION STATE.
;
_struct_biol.pdbx_parent_biol_id   ? 
# 
loop_
_struct_conf.conf_type_id 
_struct_conf.id 
_struct_conf.pdbx_PDB_helix_id 
_struct_conf.beg_label_comp_id 
_struct_conf.beg_label_asym_id 
_struct_conf.beg_label_seq_id 
_struct_conf.pdbx_beg_PDB_ins_code 
_struct_conf.end_label_comp_id 
_struct_conf.end_label_asym_id 
_struct_conf.end_label_seq_id 
_struct_conf.pdbx_end_PDB_ins_code 
_struct_conf.beg_auth_comp_id 
_struct_conf.beg_auth_asym_id 
_struct_conf.beg_auth_seq_id 
_struct_conf.end_auth_comp_id 
_struct_conf.end_auth_asym_id 
_struct_conf.end_auth_seq_id 
_struct_conf.pdbx_PDB_helix_class 
_struct_conf.details 
_struct_conf.pdbx_PDB_helix_length 
HELX_P HELX_P1  1  ARG A 3   ? HIS A 24  ? ARG A 2   HIS A 23  1 ? 22 
HELX_P HELX_P2  2  HIS A 25  ? LEU A 29  ? HIS A 24  LEU A 28  5 ? 5  
HELX_P HELX_P3  3  THR A 30  ? GLY A 39  ? THR A 29  GLY A 38  1 ? 10 
HELX_P HELX_P4  4  GLY A 41  ? PHE A 49  ? GLY A 40  PHE A 48  1 ? 9  
HELX_P HELX_P5  5  ASP A 51  ? PHE A 78  ? ASP A 50  PHE A 77  1 ? 28 
HELX_P HELX_P6  6  ASP A 81  ? ARG A 96  ? ASP A 80  ARG A 95  1 ? 16 
HELX_P HELX_P7  7  GLY A 97  ? ALA A 106 ? GLY A 96  ALA A 105 1 ? 10 
HELX_P HELX_P8  8  SER A 109 ? LEU A 113 ? SER A 108 LEU A 112 5 ? 5  
HELX_P HELX_P9  9  PRO A 114 ? HIS A 138 ? PRO A 113 HIS A 137 1 ? 25 
HELX_P HELX_P10 10 ALA A 146 ? SER A 158 ? ALA A 145 SER A 157 1 ? 13 
HELX_P HELX_P11 11 ILE A 162 ? ALA A 166 ? ILE A 161 ALA A 165 5 ? 5  
HELX_P HELX_P12 12 GLU A 170 ? GLY A 187 ? GLU A 169 GLY A 186 1 ? 18 
# 
_struct_conf_type.id          HELX_P 
_struct_conf_type.criteria    ? 
_struct_conf_type.reference   ? 
# 
loop_
_struct_conn.id 
_struct_conn.conn_type_id 
_struct_conn.pdbx_leaving_atom_flag 
_struct_conn.pdbx_PDB_id 
_struct_conn.ptnr1_label_asym_id 
_struct_conn.ptnr1_label_comp_id 
_struct_conn.ptnr1_label_seq_id 
_struct_conn.ptnr1_label_atom_id 
_struct_conn.pdbx_ptnr1_label_alt_id 
_struct_conn.pdbx_ptnr1_PDB_ins_code 
_struct_conn.pdbx_ptnr1_standard_comp_id 
_struct_conn.ptnr1_symmetry 
_struct_conn.ptnr2_label_asym_id 
_struct_conn.ptnr2_label_comp_id 
_struct_conn.ptnr2_label_seq_id 
_struct_conn.ptnr2_label_atom_id 
_struct_conn.pdbx_ptnr2_label_alt_id 
_struct_conn.pdbx_ptnr2_PDB_ins_code 
_struct_conn.ptnr1_auth_asym_id 
_struct_conn.ptnr1_auth_comp_id 
_struct_conn.ptnr1_auth_seq_id 
_struct_conn.ptnr2_auth_asym_id 
_struct_conn.ptnr2_auth_comp_id 
_struct_conn.ptnr2_auth_seq_id 
_struct_conn.ptnr2_symmetry 
_struct_conn.pdbx_ptnr3_label_atom_id 
_struct_conn.pdbx_ptnr3_label_seq_id 
_struct_conn.pdbx_ptnr3_label_comp_id 
_struct_conn.pdbx_ptnr3_label_asym_id 
_struct_conn.pdbx_ptnr3_label_alt_id 
_struct_conn.pdbx_ptnr3_PDB_ins_code 
_struct_conn.details 
_struct_conn.pdbx_dist_value 
_struct_conn.pdbx_value_order 
_struct_conn.pdbx_role 
covale1 covale both ? A MSE 2   C ? ? ? 1_555 A ARG 3   N ? ? A MSE 1   A ARG 2   1_555 ? ? ? ? ? ? ? 1.333 ? ? 
covale2 covale both ? A THR 30  C ? ? ? 1_555 A MSE 31  N ? ? A THR 29  A MSE 30  1_555 ? ? ? ? ? ? ? 1.314 ? ? 
covale3 covale both ? A MSE 31  C ? ? ? 1_555 A GLU 32  N ? ? A MSE 30  A GLU 31  1_555 ? ? ? ? ? ? ? 1.321 ? ? 
covale4 covale both ? A ASP 56  C ? ? ? 1_555 A MSE 57  N ? ? A ASP 55  A MSE 56  1_555 ? ? ? ? ? ? ? 1.335 ? ? 
covale5 covale both ? A MSE 57  C ? ? ? 1_555 A ALA 58  N ? ? A MSE 56  A ALA 57  1_555 ? ? ? ? ? ? ? 1.335 ? ? 
covale6 covale both ? A GLY 187 C ? ? ? 1_555 A MSE 188 N ? ? A GLY 186 A MSE 187 1_555 ? ? ? ? ? ? ? 1.316 ? ? 
covale7 covale both ? A MSE 188 C ? ? ? 1_555 A MSE 189 N ? ? A MSE 187 A MSE 188 1_555 ? ? ? ? ? ? ? 1.333 ? ? 
# 
_struct_conn_type.id          covale 
_struct_conn_type.criteria    ? 
_struct_conn_type.reference   ? 
# 
loop_
_pdbx_modification_feature.ordinal 
_pdbx_modification_feature.label_comp_id 
_pdbx_modification_feature.label_asym_id 
_pdbx_modification_feature.label_seq_id 
_pdbx_modification_feature.label_alt_id 
_pdbx_modification_feature.modified_residue_label_comp_id 
_pdbx_modification_feature.modified_residue_label_asym_id 
_pdbx_modification_feature.modified_residue_label_seq_id 
_pdbx_modification_feature.modified_residue_label_alt_id 
_pdbx_modification_feature.auth_comp_id 
_pdbx_modification_feature.auth_asym_id 
_pdbx_modification_feature.auth_seq_id 
_pdbx_modification_feature.PDB_ins_code 
_pdbx_modification_feature.symmetry 
_pdbx_modification_feature.modified_residue_auth_comp_id 
_pdbx_modification_feature.modified_residue_auth_asym_id 
_pdbx_modification_feature.modified_residue_auth_seq_id 
_pdbx_modification_feature.modified_residue_PDB_ins_code 
_pdbx_modification_feature.modified_residue_symmetry 
_pdbx_modification_feature.comp_id_linking_atom 
_pdbx_modification_feature.modified_residue_id_linking_atom 
_pdbx_modification_feature.modified_residue_id 
_pdbx_modification_feature.ref_pcm_id 
_pdbx_modification_feature.ref_comp_id 
_pdbx_modification_feature.type 
_pdbx_modification_feature.category 
1 MSE A 2   ? . . . . MSE A 1   ? 1_555 . . . . . . . MET 1 MSE Selenomethionine 'Named protein modification' 
2 MSE A 31  ? . . . . MSE A 30  ? 1_555 . . . . . . . MET 1 MSE Selenomethionine 'Named protein modification' 
3 MSE A 57  ? . . . . MSE A 56  ? 1_555 . . . . . . . MET 1 MSE Selenomethionine 'Named protein modification' 
4 MSE A 188 ? . . . . MSE A 187 ? 1_555 . . . . . . . MET 1 MSE Selenomethionine 'Named protein modification' 
5 MSE A 189 ? . . . . MSE A 188 ? 1_555 . . . . . . . MET 1 MSE Selenomethionine 'Named protein modification' 
# 
loop_
_struct_site.id 
_struct_site.pdbx_evidence_code 
_struct_site.pdbx_auth_asym_id 
_struct_site.pdbx_auth_comp_id 
_struct_site.pdbx_auth_seq_id 
_struct_site.pdbx_auth_ins_code 
_struct_site.pdbx_num_residues 
_struct_site.details 
AC1 Software A UNL 199 ? 4 'BINDING SITE FOR RESIDUE UNL A 199' 
AC2 Software A UNL 200 ? 1 'BINDING SITE FOR RESIDUE UNL A 200' 
# 
loop_
_struct_site_gen.id 
_struct_site_gen.site_id 
_struct_site_gen.pdbx_num_res 
_struct_site_gen.label_comp_id 
_struct_site_gen.label_asym_id 
_struct_site_gen.label_seq_id 
_struct_site_gen.pdbx_auth_ins_code 
_struct_site_gen.auth_comp_id 
_struct_site_gen.auth_asym_id 
_struct_site_gen.auth_seq_id 
_struct_site_gen.label_atom_id 
_struct_site_gen.label_alt_id 
_struct_site_gen.symmetry 
_struct_site_gen.details 
1 AC1 4 ARG A 22  ? ARG A 21  . ? 1_555 ? 
2 AC1 4 VAL A 67  ? VAL A 66  . ? 1_555 ? 
3 AC1 4 SER A 76  ? SER A 75  . ? 6_765 ? 
4 AC1 4 ARG A 96  ? ARG A 95  . ? 1_555 ? 
5 AC2 1 GLU A 125 ? GLU A 124 . ? 1_555 ? 
# 
_pdbx_entry_details.entry_id                   2O7T 
_pdbx_entry_details.compound_details           ? 
_pdbx_entry_details.source_details             ? 
_pdbx_entry_details.nonpolymer_details         ? 
_pdbx_entry_details.sequence_details           ? 
_pdbx_entry_details.has_ligand_of_interest     ? 
_pdbx_entry_details.has_protein_modification   Y 
# 
_pdbx_validate_torsion.id              1 
_pdbx_validate_torsion.PDB_model_num   1 
_pdbx_validate_torsion.auth_comp_id    ASP 
_pdbx_validate_torsion.auth_asym_id    A 
_pdbx_validate_torsion.auth_seq_id     80 
_pdbx_validate_torsion.PDB_ins_code    ? 
_pdbx_validate_torsion.label_alt_id    ? 
_pdbx_validate_torsion.phi             -168.21 
_pdbx_validate_torsion.psi             61.15 
# 
_pdbx_SG_project.project_name          'PSI, Protein Structure Initiative' 
_pdbx_SG_project.full_name_of_center   'Joint Center for Structural Genomics' 
_pdbx_SG_project.id                    1 
_pdbx_SG_project.initial_of_center     JCSG 
# 
loop_
_pdbx_struct_mod_residue.id 
_pdbx_struct_mod_residue.label_asym_id 
_pdbx_struct_mod_residue.label_comp_id 
_pdbx_struct_mod_residue.label_seq_id 
_pdbx_struct_mod_residue.auth_asym_id 
_pdbx_struct_mod_residue.auth_comp_id 
_pdbx_struct_mod_residue.auth_seq_id 
_pdbx_struct_mod_residue.PDB_ins_code 
_pdbx_struct_mod_residue.parent_comp_id 
_pdbx_struct_mod_residue.details 
1 A MSE 2   A MSE 1   ? MET SELENOMETHIONINE 
2 A MSE 31  A MSE 30  ? MET SELENOMETHIONINE 
3 A MSE 57  A MSE 56  ? MET SELENOMETHIONINE 
4 A MSE 188 A MSE 187 ? MET SELENOMETHIONINE 
5 A MSE 189 A MSE 188 ? MET SELENOMETHIONINE 
# 
_pdbx_struct_special_symmetry.id              1 
_pdbx_struct_special_symmetry.PDB_model_num   1 
_pdbx_struct_special_symmetry.auth_asym_id    A 
_pdbx_struct_special_symmetry.auth_comp_id    HOH 
_pdbx_struct_special_symmetry.auth_seq_id     202 
_pdbx_struct_special_symmetry.PDB_ins_code    ? 
_pdbx_struct_special_symmetry.label_asym_id   D 
_pdbx_struct_special_symmetry.label_comp_id   HOH 
_pdbx_struct_special_symmetry.label_seq_id    . 
# 
loop_
_pdbx_refine_tls.id 
_pdbx_refine_tls.details 
_pdbx_refine_tls.method 
_pdbx_refine_tls.origin_x 
_pdbx_refine_tls.origin_y 
_pdbx_refine_tls.origin_z 
_pdbx_refine_tls.T[1][1] 
_pdbx_refine_tls.T[2][2] 
_pdbx_refine_tls.T[3][3] 
_pdbx_refine_tls.T[1][2] 
_pdbx_refine_tls.T[1][3] 
_pdbx_refine_tls.T[2][3] 
_pdbx_refine_tls.L[1][1] 
_pdbx_refine_tls.L[2][2] 
_pdbx_refine_tls.L[3][3] 
_pdbx_refine_tls.L[1][2] 
_pdbx_refine_tls.L[1][3] 
_pdbx_refine_tls.L[2][3] 
_pdbx_refine_tls.S[1][1] 
_pdbx_refine_tls.S[2][2] 
_pdbx_refine_tls.S[3][3] 
_pdbx_refine_tls.S[1][2] 
_pdbx_refine_tls.S[1][3] 
_pdbx_refine_tls.S[2][3] 
_pdbx_refine_tls.S[2][1] 
_pdbx_refine_tls.S[3][1] 
_pdbx_refine_tls.S[3][2] 
_pdbx_refine_tls.pdbx_refine_id 
1 ? refined 10.6673 6.4308  3.8058  -0.1276 -0.0273 0.0098  -0.0422 0.0402 -0.0542 2.0322 0.6053 4.2282 -0.3788 -1.1077 1.5985 0.0903  0.2392  -0.3295 -0.0350 0.0972  -0.1496 -0.1103 -0.2629 0.5843  'X-RAY DIFFRACTION' 
2 ? refined -6.9051 -4.7559 -2.2399 -0.1426 -0.0636 -0.0794 -0.0319 0.0301 -0.0686 0.9562 1.3885 3.1472 0.5766  0.2281  0.9127 -0.0146 -0.1308 0.1454  -0.0231 -0.1688 0.0502  0.0550  0.2648  -0.3554 'X-RAY DIFFRACTION' 
# 
loop_
_pdbx_refine_tls_group.id 
_pdbx_refine_tls_group.refine_tls_id 
_pdbx_refine_tls_group.beg_label_asym_id 
_pdbx_refine_tls_group.beg_label_seq_id 
_pdbx_refine_tls_group.end_label_asym_id 
_pdbx_refine_tls_group.end_label_seq_id 
_pdbx_refine_tls_group.selection 
_pdbx_refine_tls_group.beg_auth_asym_id 
_pdbx_refine_tls_group.beg_auth_seq_id 
_pdbx_refine_tls_group.end_auth_asym_id 
_pdbx_refine_tls_group.end_auth_seq_id 
_pdbx_refine_tls_group.pdbx_refine_id 
_pdbx_refine_tls_group.selection_details 
1 1 A 2  A 77  ALL A 1  A 76  'X-RAY DIFFRACTION' ? 
2 2 A 78 A 189 ALL A 77 A 188 'X-RAY DIFFRACTION' ? 
# 
_phasing.method   MAD 
# 
loop_
_pdbx_database_remark.id 
_pdbx_database_remark.text 
300 
;BIOMOLECULE: 1
THIS ENTRY CONTAINS THE CRYSTALLOGRAPHIC ASYMMETRIC UNIT
WHICH CONSISTS OF 1 CHAIN(S). SEE REMARK 350 FOR
INFORMATION ON GENERATING THE BIOLOGICAL MOLECULE(S).
SIZE EXCLUSION CHROMATOGRAPHY WITH STATIC LIGHT
SCATTERING SUPPORTS THE ASSIGNMENT OF A DIMER AS A
BIOLOGICALLY SIGNIFICANT OLIGOMERIZATION STATE.
;
999 
;SEQUENCE
THE CONSTRUCT WAS EXPRESSED WITH A PURIFICATION
TAG MGSDKIHHHHHHENLYFQG. THE TAG WAS REMOVED WITH TEV 
PROTEASE LEAVING ONLY A GLYCINE (0) FOLLOWED BY THE TARGET 
SEQUENCE.
;
# 
loop_
_pdbx_unobs_or_zero_occ_residues.id 
_pdbx_unobs_or_zero_occ_residues.PDB_model_num 
_pdbx_unobs_or_zero_occ_residues.polymer_flag 
_pdbx_unobs_or_zero_occ_residues.occupancy_flag 
_pdbx_unobs_or_zero_occ_residues.auth_asym_id 
_pdbx_unobs_or_zero_occ_residues.auth_comp_id 
_pdbx_unobs_or_zero_occ_residues.auth_seq_id 
_pdbx_unobs_or_zero_occ_residues.PDB_ins_code 
_pdbx_unobs_or_zero_occ_residues.label_asym_id 
_pdbx_unobs_or_zero_occ_residues.label_comp_id 
_pdbx_unobs_or_zero_occ_residues.label_seq_id 
1  1 Y 1 A GLY 0   ? A GLY 1   
2  1 Y 1 A ALA 189 ? A ALA 190 
3  1 Y 1 A ASN 190 ? A ASN 191 
4  1 Y 1 A ILE 191 ? A ILE 192 
5  1 Y 1 A GLY 192 ? A GLY 193 
6  1 Y 1 A GLU 193 ? A GLU 194 
7  1 Y 1 A HIS 194 ? A HIS 195 
8  1 Y 1 A ASP 195 ? A ASP 196 
9  1 Y 1 A GLY 196 ? A GLY 197 
10 1 Y 1 A LYS 197 ? A LYS 198 
11 1 Y 1 A SER 198 ? A SER 199 
# 
loop_
_chem_comp_atom.comp_id 
_chem_comp_atom.atom_id 
_chem_comp_atom.type_symbol 
_chem_comp_atom.pdbx_aromatic_flag 
_chem_comp_atom.pdbx_stereo_config 
_chem_comp_atom.pdbx_ordinal 
ALA N    N  N N 1   
ALA CA   C  N S 2   
ALA C    C  N N 3   
ALA O    O  N N 4   
ALA CB   C  N N 5   
ALA OXT  O  N N 6   
ALA H    H  N N 7   
ALA H2   H  N N 8   
ALA HA   H  N N 9   
ALA HB1  H  N N 10  
ALA HB2  H  N N 11  
ALA HB3  H  N N 12  
ALA HXT  H  N N 13  
ARG N    N  N N 14  
ARG CA   C  N S 15  
ARG C    C  N N 16  
ARG O    O  N N 17  
ARG CB   C  N N 18  
ARG CG   C  N N 19  
ARG CD   C  N N 20  
ARG NE   N  N N 21  
ARG CZ   C  N N 22  
ARG NH1  N  N N 23  
ARG NH2  N  N N 24  
ARG OXT  O  N N 25  
ARG H    H  N N 26  
ARG H2   H  N N 27  
ARG HA   H  N N 28  
ARG HB2  H  N N 29  
ARG HB3  H  N N 30  
ARG HG2  H  N N 31  
ARG HG3  H  N N 32  
ARG HD2  H  N N 33  
ARG HD3  H  N N 34  
ARG HE   H  N N 35  
ARG HH11 H  N N 36  
ARG HH12 H  N N 37  
ARG HH21 H  N N 38  
ARG HH22 H  N N 39  
ARG HXT  H  N N 40  
ASN N    N  N N 41  
ASN CA   C  N S 42  
ASN C    C  N N 43  
ASN O    O  N N 44  
ASN CB   C  N N 45  
ASN CG   C  N N 46  
ASN OD1  O  N N 47  
ASN ND2  N  N N 48  
ASN OXT  O  N N 49  
ASN H    H  N N 50  
ASN H2   H  N N 51  
ASN HA   H  N N 52  
ASN HB2  H  N N 53  
ASN HB3  H  N N 54  
ASN HD21 H  N N 55  
ASN HD22 H  N N 56  
ASN HXT  H  N N 57  
ASP N    N  N N 58  
ASP CA   C  N S 59  
ASP C    C  N N 60  
ASP O    O  N N 61  
ASP CB   C  N N 62  
ASP CG   C  N N 63  
ASP OD1  O  N N 64  
ASP OD2  O  N N 65  
ASP OXT  O  N N 66  
ASP H    H  N N 67  
ASP H2   H  N N 68  
ASP HA   H  N N 69  
ASP HB2  H  N N 70  
ASP HB3  H  N N 71  
ASP HD2  H  N N 72  
ASP HXT  H  N N 73  
CYS N    N  N N 74  
CYS CA   C  N R 75  
CYS C    C  N N 76  
CYS O    O  N N 77  
CYS CB   C  N N 78  
CYS SG   S  N N 79  
CYS OXT  O  N N 80  
CYS H    H  N N 81  
CYS H2   H  N N 82  
CYS HA   H  N N 83  
CYS HB2  H  N N 84  
CYS HB3  H  N N 85  
CYS HG   H  N N 86  
CYS HXT  H  N N 87  
GLN N    N  N N 88  
GLN CA   C  N S 89  
GLN C    C  N N 90  
GLN O    O  N N 91  
GLN CB   C  N N 92  
GLN CG   C  N N 93  
GLN CD   C  N N 94  
GLN OE1  O  N N 95  
GLN NE2  N  N N 96  
GLN OXT  O  N N 97  
GLN H    H  N N 98  
GLN H2   H  N N 99  
GLN HA   H  N N 100 
GLN HB2  H  N N 101 
GLN HB3  H  N N 102 
GLN HG2  H  N N 103 
GLN HG3  H  N N 104 
GLN HE21 H  N N 105 
GLN HE22 H  N N 106 
GLN HXT  H  N N 107 
GLU N    N  N N 108 
GLU CA   C  N S 109 
GLU C    C  N N 110 
GLU O    O  N N 111 
GLU CB   C  N N 112 
GLU CG   C  N N 113 
GLU CD   C  N N 114 
GLU OE1  O  N N 115 
GLU OE2  O  N N 116 
GLU OXT  O  N N 117 
GLU H    H  N N 118 
GLU H2   H  N N 119 
GLU HA   H  N N 120 
GLU HB2  H  N N 121 
GLU HB3  H  N N 122 
GLU HG2  H  N N 123 
GLU HG3  H  N N 124 
GLU HE2  H  N N 125 
GLU HXT  H  N N 126 
GLY N    N  N N 127 
GLY CA   C  N N 128 
GLY C    C  N N 129 
GLY O    O  N N 130 
GLY OXT  O  N N 131 
GLY H    H  N N 132 
GLY H2   H  N N 133 
GLY HA2  H  N N 134 
GLY HA3  H  N N 135 
GLY HXT  H  N N 136 
HIS N    N  N N 137 
HIS CA   C  N S 138 
HIS C    C  N N 139 
HIS O    O  N N 140 
HIS CB   C  N N 141 
HIS CG   C  Y N 142 
HIS ND1  N  Y N 143 
HIS CD2  C  Y N 144 
HIS CE1  C  Y N 145 
HIS NE2  N  Y N 146 
HIS OXT  O  N N 147 
HIS H    H  N N 148 
HIS H2   H  N N 149 
HIS HA   H  N N 150 
HIS HB2  H  N N 151 
HIS HB3  H  N N 152 
HIS HD1  H  N N 153 
HIS HD2  H  N N 154 
HIS HE1  H  N N 155 
HIS HE2  H  N N 156 
HIS HXT  H  N N 157 
HOH O    O  N N 158 
HOH H1   H  N N 159 
HOH H2   H  N N 160 
ILE N    N  N N 161 
ILE CA   C  N S 162 
ILE C    C  N N 163 
ILE O    O  N N 164 
ILE CB   C  N S 165 
ILE CG1  C  N N 166 
ILE CG2  C  N N 167 
ILE CD1  C  N N 168 
ILE OXT  O  N N 169 
ILE H    H  N N 170 
ILE H2   H  N N 171 
ILE HA   H  N N 172 
ILE HB   H  N N 173 
ILE HG12 H  N N 174 
ILE HG13 H  N N 175 
ILE HG21 H  N N 176 
ILE HG22 H  N N 177 
ILE HG23 H  N N 178 
ILE HD11 H  N N 179 
ILE HD12 H  N N 180 
ILE HD13 H  N N 181 
ILE HXT  H  N N 182 
LEU N    N  N N 183 
LEU CA   C  N S 184 
LEU C    C  N N 185 
LEU O    O  N N 186 
LEU CB   C  N N 187 
LEU CG   C  N N 188 
LEU CD1  C  N N 189 
LEU CD2  C  N N 190 
LEU OXT  O  N N 191 
LEU H    H  N N 192 
LEU H2   H  N N 193 
LEU HA   H  N N 194 
LEU HB2  H  N N 195 
LEU HB3  H  N N 196 
LEU HG   H  N N 197 
LEU HD11 H  N N 198 
LEU HD12 H  N N 199 
LEU HD13 H  N N 200 
LEU HD21 H  N N 201 
LEU HD22 H  N N 202 
LEU HD23 H  N N 203 
LEU HXT  H  N N 204 
LYS N    N  N N 205 
LYS CA   C  N S 206 
LYS C    C  N N 207 
LYS O    O  N N 208 
LYS CB   C  N N 209 
LYS CG   C  N N 210 
LYS CD   C  N N 211 
LYS CE   C  N N 212 
LYS NZ   N  N N 213 
LYS OXT  O  N N 214 
LYS H    H  N N 215 
LYS H2   H  N N 216 
LYS HA   H  N N 217 
LYS HB2  H  N N 218 
LYS HB3  H  N N 219 
LYS HG2  H  N N 220 
LYS HG3  H  N N 221 
LYS HD2  H  N N 222 
LYS HD3  H  N N 223 
LYS HE2  H  N N 224 
LYS HE3  H  N N 225 
LYS HZ1  H  N N 226 
LYS HZ2  H  N N 227 
LYS HZ3  H  N N 228 
LYS HXT  H  N N 229 
MET N    N  N N 230 
MET CA   C  N S 231 
MET C    C  N N 232 
MET O    O  N N 233 
MET CB   C  N N 234 
MET CG   C  N N 235 
MET SD   S  N N 236 
MET CE   C  N N 237 
MET OXT  O  N N 238 
MET H    H  N N 239 
MET H2   H  N N 240 
MET HA   H  N N 241 
MET HB2  H  N N 242 
MET HB3  H  N N 243 
MET HG2  H  N N 244 
MET HG3  H  N N 245 
MET HE1  H  N N 246 
MET HE2  H  N N 247 
MET HE3  H  N N 248 
MET HXT  H  N N 249 
MSE N    N  N N 250 
MSE CA   C  N S 251 
MSE C    C  N N 252 
MSE O    O  N N 253 
MSE OXT  O  N N 254 
MSE CB   C  N N 255 
MSE CG   C  N N 256 
MSE SE   SE N N 257 
MSE CE   C  N N 258 
MSE H    H  N N 259 
MSE H2   H  N N 260 
MSE HA   H  N N 261 
MSE HXT  H  N N 262 
MSE HB2  H  N N 263 
MSE HB3  H  N N 264 
MSE HG2  H  N N 265 
MSE HG3  H  N N 266 
MSE HE1  H  N N 267 
MSE HE2  H  N N 268 
MSE HE3  H  N N 269 
PHE N    N  N N 270 
PHE CA   C  N S 271 
PHE C    C  N N 272 
PHE O    O  N N 273 
PHE CB   C  N N 274 
PHE CG   C  Y N 275 
PHE CD1  C  Y N 276 
PHE CD2  C  Y N 277 
PHE CE1  C  Y N 278 
PHE CE2  C  Y N 279 
PHE CZ   C  Y N 280 
PHE OXT  O  N N 281 
PHE H    H  N N 282 
PHE H2   H  N N 283 
PHE HA   H  N N 284 
PHE HB2  H  N N 285 
PHE HB3  H  N N 286 
PHE HD1  H  N N 287 
PHE HD2  H  N N 288 
PHE HE1  H  N N 289 
PHE HE2  H  N N 290 
PHE HZ   H  N N 291 
PHE HXT  H  N N 292 
PRO N    N  N N 293 
PRO CA   C  N S 294 
PRO C    C  N N 295 
PRO O    O  N N 296 
PRO CB   C  N N 297 
PRO CG   C  N N 298 
PRO CD   C  N N 299 
PRO OXT  O  N N 300 
PRO H    H  N N 301 
PRO HA   H  N N 302 
PRO HB2  H  N N 303 
PRO HB3  H  N N 304 
PRO HG2  H  N N 305 
PRO HG3  H  N N 306 
PRO HD2  H  N N 307 
PRO HD3  H  N N 308 
PRO HXT  H  N N 309 
SER N    N  N N 310 
SER CA   C  N S 311 
SER C    C  N N 312 
SER O    O  N N 313 
SER CB   C  N N 314 
SER OG   O  N N 315 
SER OXT  O  N N 316 
SER H    H  N N 317 
SER H2   H  N N 318 
SER HA   H  N N 319 
SER HB2  H  N N 320 
SER HB3  H  N N 321 
SER HG   H  N N 322 
SER HXT  H  N N 323 
THR N    N  N N 324 
THR CA   C  N S 325 
THR C    C  N N 326 
THR O    O  N N 327 
THR CB   C  N R 328 
THR OG1  O  N N 329 
THR CG2  C  N N 330 
THR OXT  O  N N 331 
THR H    H  N N 332 
THR H2   H  N N 333 
THR HA   H  N N 334 
THR HB   H  N N 335 
THR HG1  H  N N 336 
THR HG21 H  N N 337 
THR HG22 H  N N 338 
THR HG23 H  N N 339 
THR HXT  H  N N 340 
TRP N    N  N N 341 
TRP CA   C  N S 342 
TRP C    C  N N 343 
TRP O    O  N N 344 
TRP CB   C  N N 345 
TRP CG   C  Y N 346 
TRP CD1  C  Y N 347 
TRP CD2  C  Y N 348 
TRP NE1  N  Y N 349 
TRP CE2  C  Y N 350 
TRP CE3  C  Y N 351 
TRP CZ2  C  Y N 352 
TRP CZ3  C  Y N 353 
TRP CH2  C  Y N 354 
TRP OXT  O  N N 355 
TRP H    H  N N 356 
TRP H2   H  N N 357 
TRP HA   H  N N 358 
TRP HB2  H  N N 359 
TRP HB3  H  N N 360 
TRP HD1  H  N N 361 
TRP HE1  H  N N 362 
TRP HE3  H  N N 363 
TRP HZ2  H  N N 364 
TRP HZ3  H  N N 365 
TRP HH2  H  N N 366 
TRP HXT  H  N N 367 
TYR N    N  N N 368 
TYR CA   C  N S 369 
TYR C    C  N N 370 
TYR O    O  N N 371 
TYR CB   C  N N 372 
TYR CG   C  Y N 373 
TYR CD1  C  Y N 374 
TYR CD2  C  Y N 375 
TYR CE1  C  Y N 376 
TYR CE2  C  Y N 377 
TYR CZ   C  Y N 378 
TYR OH   O  N N 379 
TYR OXT  O  N N 380 
TYR H    H  N N 381 
TYR H2   H  N N 382 
TYR HA   H  N N 383 
TYR HB2  H  N N 384 
TYR HB3  H  N N 385 
TYR HD1  H  N N 386 
TYR HD2  H  N N 387 
TYR HE1  H  N N 388 
TYR HE2  H  N N 389 
TYR HH   H  N N 390 
TYR HXT  H  N N 391 
VAL N    N  N N 392 
VAL CA   C  N S 393 
VAL C    C  N N 394 
VAL O    O  N N 395 
VAL CB   C  N N 396 
VAL CG1  C  N N 397 
VAL CG2  C  N N 398 
VAL OXT  O  N N 399 
VAL H    H  N N 400 
VAL H2   H  N N 401 
VAL HA   H  N N 402 
VAL HB   H  N N 403 
VAL HG11 H  N N 404 
VAL HG12 H  N N 405 
VAL HG13 H  N N 406 
VAL HG21 H  N N 407 
VAL HG22 H  N N 408 
VAL HG23 H  N N 409 
VAL HXT  H  N N 410 
# 
loop_
_chem_comp_bond.comp_id 
_chem_comp_bond.atom_id_1 
_chem_comp_bond.atom_id_2 
_chem_comp_bond.value_order 
_chem_comp_bond.pdbx_aromatic_flag 
_chem_comp_bond.pdbx_stereo_config 
_chem_comp_bond.pdbx_ordinal 
ALA N   CA   sing N N 1   
ALA N   H    sing N N 2   
ALA N   H2   sing N N 3   
ALA CA  C    sing N N 4   
ALA CA  CB   sing N N 5   
ALA CA  HA   sing N N 6   
ALA C   O    doub N N 7   
ALA C   OXT  sing N N 8   
ALA CB  HB1  sing N N 9   
ALA CB  HB2  sing N N 10  
ALA CB  HB3  sing N N 11  
ALA OXT HXT  sing N N 12  
ARG N   CA   sing N N 13  
ARG N   H    sing N N 14  
ARG N   H2   sing N N 15  
ARG CA  C    sing N N 16  
ARG CA  CB   sing N N 17  
ARG CA  HA   sing N N 18  
ARG C   O    doub N N 19  
ARG C   OXT  sing N N 20  
ARG CB  CG   sing N N 21  
ARG CB  HB2  sing N N 22  
ARG CB  HB3  sing N N 23  
ARG CG  CD   sing N N 24  
ARG CG  HG2  sing N N 25  
ARG CG  HG3  sing N N 26  
ARG CD  NE   sing N N 27  
ARG CD  HD2  sing N N 28  
ARG CD  HD3  sing N N 29  
ARG NE  CZ   sing N N 30  
ARG NE  HE   sing N N 31  
ARG CZ  NH1  sing N N 32  
ARG CZ  NH2  doub N N 33  
ARG NH1 HH11 sing N N 34  
ARG NH1 HH12 sing N N 35  
ARG NH2 HH21 sing N N 36  
ARG NH2 HH22 sing N N 37  
ARG OXT HXT  sing N N 38  
ASN N   CA   sing N N 39  
ASN N   H    sing N N 40  
ASN N   H2   sing N N 41  
ASN CA  C    sing N N 42  
ASN CA  CB   sing N N 43  
ASN CA  HA   sing N N 44  
ASN C   O    doub N N 45  
ASN C   OXT  sing N N 46  
ASN CB  CG   sing N N 47  
ASN CB  HB2  sing N N 48  
ASN CB  HB3  sing N N 49  
ASN CG  OD1  doub N N 50  
ASN CG  ND2  sing N N 51  
ASN ND2 HD21 sing N N 52  
ASN ND2 HD22 sing N N 53  
ASN OXT HXT  sing N N 54  
ASP N   CA   sing N N 55  
ASP N   H    sing N N 56  
ASP N   H2   sing N N 57  
ASP CA  C    sing N N 58  
ASP CA  CB   sing N N 59  
ASP CA  HA   sing N N 60  
ASP C   O    doub N N 61  
ASP C   OXT  sing N N 62  
ASP CB  CG   sing N N 63  
ASP CB  HB2  sing N N 64  
ASP CB  HB3  sing N N 65  
ASP CG  OD1  doub N N 66  
ASP CG  OD2  sing N N 67  
ASP OD2 HD2  sing N N 68  
ASP OXT HXT  sing N N 69  
CYS N   CA   sing N N 70  
CYS N   H    sing N N 71  
CYS N   H2   sing N N 72  
CYS CA  C    sing N N 73  
CYS CA  CB   sing N N 74  
CYS CA  HA   sing N N 75  
CYS C   O    doub N N 76  
CYS C   OXT  sing N N 77  
CYS CB  SG   sing N N 78  
CYS CB  HB2  sing N N 79  
CYS CB  HB3  sing N N 80  
CYS SG  HG   sing N N 81  
CYS OXT HXT  sing N N 82  
GLN N   CA   sing N N 83  
GLN N   H    sing N N 84  
GLN N   H2   sing N N 85  
GLN CA  C    sing N N 86  
GLN CA  CB   sing N N 87  
GLN CA  HA   sing N N 88  
GLN C   O    doub N N 89  
GLN C   OXT  sing N N 90  
GLN CB  CG   sing N N 91  
GLN CB  HB2  sing N N 92  
GLN CB  HB3  sing N N 93  
GLN CG  CD   sing N N 94  
GLN CG  HG2  sing N N 95  
GLN CG  HG3  sing N N 96  
GLN CD  OE1  doub N N 97  
GLN CD  NE2  sing N N 98  
GLN NE2 HE21 sing N N 99  
GLN NE2 HE22 sing N N 100 
GLN OXT HXT  sing N N 101 
GLU N   CA   sing N N 102 
GLU N   H    sing N N 103 
GLU N   H2   sing N N 104 
GLU CA  C    sing N N 105 
GLU CA  CB   sing N N 106 
GLU CA  HA   sing N N 107 
GLU C   O    doub N N 108 
GLU C   OXT  sing N N 109 
GLU CB  CG   sing N N 110 
GLU CB  HB2  sing N N 111 
GLU CB  HB3  sing N N 112 
GLU CG  CD   sing N N 113 
GLU CG  HG2  sing N N 114 
GLU CG  HG3  sing N N 115 
GLU CD  OE1  doub N N 116 
GLU CD  OE2  sing N N 117 
GLU OE2 HE2  sing N N 118 
GLU OXT HXT  sing N N 119 
GLY N   CA   sing N N 120 
GLY N   H    sing N N 121 
GLY N   H2   sing N N 122 
GLY CA  C    sing N N 123 
GLY CA  HA2  sing N N 124 
GLY CA  HA3  sing N N 125 
GLY C   O    doub N N 126 
GLY C   OXT  sing N N 127 
GLY OXT HXT  sing N N 128 
HIS N   CA   sing N N 129 
HIS N   H    sing N N 130 
HIS N   H2   sing N N 131 
HIS CA  C    sing N N 132 
HIS CA  CB   sing N N 133 
HIS CA  HA   sing N N 134 
HIS C   O    doub N N 135 
HIS C   OXT  sing N N 136 
HIS CB  CG   sing N N 137 
HIS CB  HB2  sing N N 138 
HIS CB  HB3  sing N N 139 
HIS CG  ND1  sing Y N 140 
HIS CG  CD2  doub Y N 141 
HIS ND1 CE1  doub Y N 142 
HIS ND1 HD1  sing N N 143 
HIS CD2 NE2  sing Y N 144 
HIS CD2 HD2  sing N N 145 
HIS CE1 NE2  sing Y N 146 
HIS CE1 HE1  sing N N 147 
HIS NE2 HE2  sing N N 148 
HIS OXT HXT  sing N N 149 
HOH O   H1   sing N N 150 
HOH O   H2   sing N N 151 
ILE N   CA   sing N N 152 
ILE N   H    sing N N 153 
ILE N   H2   sing N N 154 
ILE CA  C    sing N N 155 
ILE CA  CB   sing N N 156 
ILE CA  HA   sing N N 157 
ILE C   O    doub N N 158 
ILE C   OXT  sing N N 159 
ILE CB  CG1  sing N N 160 
ILE CB  CG2  sing N N 161 
ILE CB  HB   sing N N 162 
ILE CG1 CD1  sing N N 163 
ILE CG1 HG12 sing N N 164 
ILE CG1 HG13 sing N N 165 
ILE CG2 HG21 sing N N 166 
ILE CG2 HG22 sing N N 167 
ILE CG2 HG23 sing N N 168 
ILE CD1 HD11 sing N N 169 
ILE CD1 HD12 sing N N 170 
ILE CD1 HD13 sing N N 171 
ILE OXT HXT  sing N N 172 
LEU N   CA   sing N N 173 
LEU N   H    sing N N 174 
LEU N   H2   sing N N 175 
LEU CA  C    sing N N 176 
LEU CA  CB   sing N N 177 
LEU CA  HA   sing N N 178 
LEU C   O    doub N N 179 
LEU C   OXT  sing N N 180 
LEU CB  CG   sing N N 181 
LEU CB  HB2  sing N N 182 
LEU CB  HB3  sing N N 183 
LEU CG  CD1  sing N N 184 
LEU CG  CD2  sing N N 185 
LEU CG  HG   sing N N 186 
LEU CD1 HD11 sing N N 187 
LEU CD1 HD12 sing N N 188 
LEU CD1 HD13 sing N N 189 
LEU CD2 HD21 sing N N 190 
LEU CD2 HD22 sing N N 191 
LEU CD2 HD23 sing N N 192 
LEU OXT HXT  sing N N 193 
LYS N   CA   sing N N 194 
LYS N   H    sing N N 195 
LYS N   H2   sing N N 196 
LYS CA  C    sing N N 197 
LYS CA  CB   sing N N 198 
LYS CA  HA   sing N N 199 
LYS C   O    doub N N 200 
LYS C   OXT  sing N N 201 
LYS CB  CG   sing N N 202 
LYS CB  HB2  sing N N 203 
LYS CB  HB3  sing N N 204 
LYS CG  CD   sing N N 205 
LYS CG  HG2  sing N N 206 
LYS CG  HG3  sing N N 207 
LYS CD  CE   sing N N 208 
LYS CD  HD2  sing N N 209 
LYS CD  HD3  sing N N 210 
LYS CE  NZ   sing N N 211 
LYS CE  HE2  sing N N 212 
LYS CE  HE3  sing N N 213 
LYS NZ  HZ1  sing N N 214 
LYS NZ  HZ2  sing N N 215 
LYS NZ  HZ3  sing N N 216 
LYS OXT HXT  sing N N 217 
MET N   CA   sing N N 218 
MET N   H    sing N N 219 
MET N   H2   sing N N 220 
MET CA  C    sing N N 221 
MET CA  CB   sing N N 222 
MET CA  HA   sing N N 223 
MET C   O    doub N N 224 
MET C   OXT  sing N N 225 
MET CB  CG   sing N N 226 
MET CB  HB2  sing N N 227 
MET CB  HB3  sing N N 228 
MET CG  SD   sing N N 229 
MET CG  HG2  sing N N 230 
MET CG  HG3  sing N N 231 
MET SD  CE   sing N N 232 
MET CE  HE1  sing N N 233 
MET CE  HE2  sing N N 234 
MET CE  HE3  sing N N 235 
MET OXT HXT  sing N N 236 
MSE N   CA   sing N N 237 
MSE N   H    sing N N 238 
MSE N   H2   sing N N 239 
MSE CA  C    sing N N 240 
MSE CA  CB   sing N N 241 
MSE CA  HA   sing N N 242 
MSE C   O    doub N N 243 
MSE C   OXT  sing N N 244 
MSE OXT HXT  sing N N 245 
MSE CB  CG   sing N N 246 
MSE CB  HB2  sing N N 247 
MSE CB  HB3  sing N N 248 
MSE CG  SE   sing N N 249 
MSE CG  HG2  sing N N 250 
MSE CG  HG3  sing N N 251 
MSE SE  CE   sing N N 252 
MSE CE  HE1  sing N N 253 
MSE CE  HE2  sing N N 254 
MSE CE  HE3  sing N N 255 
PHE N   CA   sing N N 256 
PHE N   H    sing N N 257 
PHE N   H2   sing N N 258 
PHE CA  C    sing N N 259 
PHE CA  CB   sing N N 260 
PHE CA  HA   sing N N 261 
PHE C   O    doub N N 262 
PHE C   OXT  sing N N 263 
PHE CB  CG   sing N N 264 
PHE CB  HB2  sing N N 265 
PHE CB  HB3  sing N N 266 
PHE CG  CD1  doub Y N 267 
PHE CG  CD2  sing Y N 268 
PHE CD1 CE1  sing Y N 269 
PHE CD1 HD1  sing N N 270 
PHE CD2 CE2  doub Y N 271 
PHE CD2 HD2  sing N N 272 
PHE CE1 CZ   doub Y N 273 
PHE CE1 HE1  sing N N 274 
PHE CE2 CZ   sing Y N 275 
PHE CE2 HE2  sing N N 276 
PHE CZ  HZ   sing N N 277 
PHE OXT HXT  sing N N 278 
PRO N   CA   sing N N 279 
PRO N   CD   sing N N 280 
PRO N   H    sing N N 281 
PRO CA  C    sing N N 282 
PRO CA  CB   sing N N 283 
PRO CA  HA   sing N N 284 
PRO C   O    doub N N 285 
PRO C   OXT  sing N N 286 
PRO CB  CG   sing N N 287 
PRO CB  HB2  sing N N 288 
PRO CB  HB3  sing N N 289 
PRO CG  CD   sing N N 290 
PRO CG  HG2  sing N N 291 
PRO CG  HG3  sing N N 292 
PRO CD  HD2  sing N N 293 
PRO CD  HD3  sing N N 294 
PRO OXT HXT  sing N N 295 
SER N   CA   sing N N 296 
SER N   H    sing N N 297 
SER N   H2   sing N N 298 
SER CA  C    sing N N 299 
SER CA  CB   sing N N 300 
SER CA  HA   sing N N 301 
SER C   O    doub N N 302 
SER C   OXT  sing N N 303 
SER CB  OG   sing N N 304 
SER CB  HB2  sing N N 305 
SER CB  HB3  sing N N 306 
SER OG  HG   sing N N 307 
SER OXT HXT  sing N N 308 
THR N   CA   sing N N 309 
THR N   H    sing N N 310 
THR N   H2   sing N N 311 
THR CA  C    sing N N 312 
THR CA  CB   sing N N 313 
THR CA  HA   sing N N 314 
THR C   O    doub N N 315 
THR C   OXT  sing N N 316 
THR CB  OG1  sing N N 317 
THR CB  CG2  sing N N 318 
THR CB  HB   sing N N 319 
THR OG1 HG1  sing N N 320 
THR CG2 HG21 sing N N 321 
THR CG2 HG22 sing N N 322 
THR CG2 HG23 sing N N 323 
THR OXT HXT  sing N N 324 
TRP N   CA   sing N N 325 
TRP N   H    sing N N 326 
TRP N   H2   sing N N 327 
TRP CA  C    sing N N 328 
TRP CA  CB   sing N N 329 
TRP CA  HA   sing N N 330 
TRP C   O    doub N N 331 
TRP C   OXT  sing N N 332 
TRP CB  CG   sing N N 333 
TRP CB  HB2  sing N N 334 
TRP CB  HB3  sing N N 335 
TRP CG  CD1  doub Y N 336 
TRP CG  CD2  sing Y N 337 
TRP CD1 NE1  sing Y N 338 
TRP CD1 HD1  sing N N 339 
TRP CD2 CE2  doub Y N 340 
TRP CD2 CE3  sing Y N 341 
TRP NE1 CE2  sing Y N 342 
TRP NE1 HE1  sing N N 343 
TRP CE2 CZ2  sing Y N 344 
TRP CE3 CZ3  doub Y N 345 
TRP CE3 HE3  sing N N 346 
TRP CZ2 CH2  doub Y N 347 
TRP CZ2 HZ2  sing N N 348 
TRP CZ3 CH2  sing Y N 349 
TRP CZ3 HZ3  sing N N 350 
TRP CH2 HH2  sing N N 351 
TRP OXT HXT  sing N N 352 
TYR N   CA   sing N N 353 
TYR N   H    sing N N 354 
TYR N   H2   sing N N 355 
TYR CA  C    sing N N 356 
TYR CA  CB   sing N N 357 
TYR CA  HA   sing N N 358 
TYR C   O    doub N N 359 
TYR C   OXT  sing N N 360 
TYR CB  CG   sing N N 361 
TYR CB  HB2  sing N N 362 
TYR CB  HB3  sing N N 363 
TYR CG  CD1  doub Y N 364 
TYR CG  CD2  sing Y N 365 
TYR CD1 CE1  sing Y N 366 
TYR CD1 HD1  sing N N 367 
TYR CD2 CE2  doub Y N 368 
TYR CD2 HD2  sing N N 369 
TYR CE1 CZ   doub Y N 370 
TYR CE1 HE1  sing N N 371 
TYR CE2 CZ   sing Y N 372 
TYR CE2 HE2  sing N N 373 
TYR CZ  OH   sing N N 374 
TYR OH  HH   sing N N 375 
TYR OXT HXT  sing N N 376 
VAL N   CA   sing N N 377 
VAL N   H    sing N N 378 
VAL N   H2   sing N N 379 
VAL CA  C    sing N N 380 
VAL CA  CB   sing N N 381 
VAL CA  HA   sing N N 382 
VAL C   O    doub N N 383 
VAL C   OXT  sing N N 384 
VAL CB  CG1  sing N N 385 
VAL CB  CG2  sing N N 386 
VAL CB  HB   sing N N 387 
VAL CG1 HG11 sing N N 388 
VAL CG1 HG12 sing N N 389 
VAL CG1 HG13 sing N N 390 
VAL CG2 HG21 sing N N 391 
VAL CG2 HG22 sing N N 392 
VAL CG2 HG23 sing N N 393 
VAL OXT HXT  sing N N 394 
# 
_atom_sites.entry_id                    2O7T 
_atom_sites.fract_transf_matrix[1][1]   -0.01706009 
_atom_sites.fract_transf_matrix[1][2]   -0.00928077 
_atom_sites.fract_transf_matrix[1][3]   0.01146648 
_atom_sites.fract_transf_matrix[2][1]   -0.02125645 
_atom_sites.fract_transf_matrix[2][2]   0.00331821 
_atom_sites.fract_transf_matrix[2][3]   -0.00675686 
_atom_sites.fract_transf_matrix[3][1]   0.00043173 
_atom_sites.fract_transf_matrix[3][2]   -0.00628509 
_atom_sites.fract_transf_matrix[3][3]   -0.00444470 
_atom_sites.fract_transf_vector[1]      0.784608 
_atom_sites.fract_transf_vector[2]      0.603404 
_atom_sites.fract_transf_vector[3]      0.410032 
# 
loop_
_atom_type.symbol 
C  
N  
O  
S  
SE 
# 
loop_
_atom_site.group_PDB 
_atom_site.id 
_atom_site.type_symbol 
_atom_site.label_atom_id 
_atom_site.label_alt_id 
_atom_site.label_comp_id 
_atom_site.label_asym_id 
_atom_site.label_entity_id 
_atom_site.label_seq_id 
_atom_site.pdbx_PDB_ins_code 
_atom_site.Cartn_x 
_atom_site.Cartn_y 
_atom_site.Cartn_z 
_atom_site.occupancy 
_atom_site.B_iso_or_equiv 
_atom_site.pdbx_formal_charge 
_atom_site.auth_seq_id 
_atom_site.auth_comp_id 
_atom_site.auth_asym_id 
_atom_site.auth_atom_id 
_atom_site.pdbx_PDB_model_num 
HETATM 1    N  N   . MSE A 1 2   ? 15.803  9.753   20.651  1.00 49.43 ? 1   MSE A N   1 
HETATM 2    C  CA  . MSE A 1 2   ? 16.112  10.454  19.357  1.00 51.48 ? 1   MSE A CA  1 
HETATM 3    C  C   . MSE A 1 2   ? 15.512  11.845  19.434  1.00 49.00 ? 1   MSE A C   1 
HETATM 4    O  O   . MSE A 1 2   ? 14.371  11.992  19.851  1.00 48.95 ? 1   MSE A O   1 
HETATM 5    C  CB  . MSE A 1 2   ? 15.542  9.715   18.140  1.00 51.38 ? 1   MSE A CB  1 
HETATM 6    C  CG  . MSE A 1 2   ? 16.255  10.092  16.824  1.00 54.54 ? 1   MSE A CG  1 
HETATM 7    SE SE  . MSE A 1 2   ? 15.529  9.329   15.138  0.75 59.98 ? 1   MSE A SE  1 
HETATM 8    C  CE  . MSE A 1 2   ? 16.913  9.755   13.935  1.00 58.01 ? 1   MSE A CE  1 
ATOM   9    N  N   . ARG A 1 3   ? 16.284  12.864  19.055  1.00 48.86 ? 2   ARG A N   1 
ATOM   10   C  CA  . ARG A 1 3   ? 15.814  14.252  19.088  1.00 48.13 ? 2   ARG A CA  1 
ATOM   11   C  C   . ARG A 1 3   ? 14.600  14.403  18.181  1.00 47.93 ? 2   ARG A C   1 
ATOM   12   O  O   . ARG A 1 3   ? 14.546  13.806  17.098  1.00 45.62 ? 2   ARG A O   1 
ATOM   13   C  CB  . ARG A 1 3   ? 16.910  15.203  18.610  1.00 49.36 ? 2   ARG A CB  1 
ATOM   14   C  CG  . ARG A 1 3   ? 18.189  15.237  19.422  1.00 48.36 ? 2   ARG A CG  1 
ATOM   15   C  CD  . ARG A 1 3   ? 19.135  16.342  18.896  1.00 49.86 ? 2   ARG A CD  1 
ATOM   16   N  NE  . ARG A 1 3   ? 19.675  16.048  17.562  1.00 61.17 ? 2   ARG A NE  1 
ATOM   17   C  CZ  . ARG A 1 3   ? 19.084  16.362  16.409  1.00 60.10 ? 2   ARG A CZ  1 
ATOM   18   N  N   . ALA A 1 4   ? 13.618  15.185  18.634  1.00 49.23 ? 3   ALA A N   1 
ATOM   19   C  CA  . ALA A 1 4   ? 12.374  15.415  17.876  1.00 48.16 ? 3   ALA A CA  1 
ATOM   20   C  C   . ALA A 1 4   ? 12.632  15.792  16.413  1.00 47.08 ? 3   ALA A C   1 
ATOM   21   O  O   . ALA A 1 4   ? 11.937  15.324  15.529  1.00 48.60 ? 3   ALA A O   1 
ATOM   22   C  CB  . ALA A 1 4   ? 11.575  16.515  18.533  1.00 46.42 ? 3   ALA A CB  1 
ATOM   23   N  N   . ASP A 1 5   ? 13.615  16.661  16.183  1.00 47.05 ? 4   ASP A N   1 
ATOM   24   C  CA  . ASP A 1 5   ? 13.930  17.113  14.834  1.00 47.05 ? 4   ASP A CA  1 
ATOM   25   C  C   . ASP A 1 5   ? 14.585  16.040  13.970  1.00 47.03 ? 4   ASP A C   1 
ATOM   26   O  O   . ASP A 1 5   ? 14.430  16.081  12.762  1.00 47.69 ? 4   ASP A O   1 
ATOM   27   C  CB  . ASP A 1 5   ? 14.761  18.395  14.830  1.00 46.90 ? 4   ASP A CB  1 
ATOM   28   C  CG  . ASP A 1 5   ? 16.104  18.247  15.524  1.00 50.11 ? 4   ASP A CG  1 
ATOM   29   O  OD1 . ASP A 1 5   ? 16.128  18.000  16.745  1.00 57.42 ? 4   ASP A OD1 1 
ATOM   30   O  OD2 . ASP A 1 5   ? 17.136  18.439  14.851  1.00 54.19 ? 4   ASP A OD2 1 
ATOM   31   N  N   . ALA A 1 6   ? 15.309  15.102  14.581  1.00 46.15 ? 5   ALA A N   1 
ATOM   32   C  CA  . ALA A 1 6   ? 15.948  14.003  13.844  1.00 45.87 ? 5   ALA A CA  1 
ATOM   33   C  C   . ALA A 1 6   ? 14.870  13.007  13.443  1.00 45.34 ? 5   ALA A C   1 
ATOM   34   O  O   . ALA A 1 6   ? 14.879  12.440  12.351  1.00 45.18 ? 5   ALA A O   1 
ATOM   35   C  CB  . ALA A 1 6   ? 17.021  13.329  14.700  1.00 45.46 ? 5   ALA A CB  1 
ATOM   36   N  N   . LEU A 1 7   ? 13.911  12.822  14.335  1.00 45.52 ? 6   LEU A N   1 
ATOM   37   C  CA  . LEU A 1 7   ? 12.821  11.914  14.090  1.00 46.72 ? 6   LEU A CA  1 
ATOM   38   C  C   . LEU A 1 7   ? 11.892  12.447  12.986  1.00 43.98 ? 6   LEU A C   1 
ATOM   39   O  O   . LEU A 1 7   ? 11.388  11.685  12.197  1.00 43.09 ? 6   LEU A O   1 
ATOM   40   C  CB  . LEU A 1 7   ? 12.071  11.720  15.413  1.00 48.85 ? 6   LEU A CB  1 
ATOM   41   C  CG  . LEU A 1 7   ? 10.787  10.905  15.413  1.00 54.48 ? 6   LEU A CG  1 
ATOM   42   C  CD1 . LEU A 1 7   ? 10.993  9.537   14.752  1.00 58.68 ? 6   LEU A CD1 1 
ATOM   43   C  CD2 . LEU A 1 7   ? 10.301  10.792  16.874  1.00 52.93 ? 6   LEU A CD2 1 
ATOM   44   N  N   . LYS A 1 8   ? 11.644  13.761  12.961  1.00 46.03 ? 7   LYS A N   1 
ATOM   45   C  CA  . LYS A 1 8   ? 10.820  14.389  11.912  1.00 44.96 ? 7   LYS A CA  1 
ATOM   46   C  C   . LYS A 1 8   ? 11.523  14.298  10.553  1.00 42.09 ? 7   LYS A C   1 
ATOM   47   O  O   . LYS A 1 8   ? 10.899  14.077  9.515   1.00 41.15 ? 7   LYS A O   1 
ATOM   48   C  CB  . LYS A 1 8   ? 10.570  15.861  12.229  1.00 46.85 ? 7   LYS A CB  1 
ATOM   49   C  CG  . LYS A 1 8   ? 9.734   16.103  13.478  1.00 49.39 ? 7   LYS A CG  1 
ATOM   50   N  N   . ARG A 1 9   ? 12.829  14.498  10.569  1.00 37.71 ? 8   ARG A N   1 
ATOM   51   C  CA  . ARG A 1 9   ? 13.627  14.433  9.368   1.00 37.33 ? 8   ARG A CA  1 
ATOM   52   C  C   . ARG A 1 9   ? 13.592  12.997  8.781   1.00 38.01 ? 8   ARG A C   1 
ATOM   53   O  O   . ARG A 1 9   ? 13.397  12.794  7.584   1.00 39.18 ? 8   ARG A O   1 
ATOM   54   C  CB  . ARG A 1 9   ? 15.049  14.887  9.705   1.00 39.29 ? 8   ARG A CB  1 
ATOM   55   C  CG  . ARG A 1 9   ? 15.840  15.233  8.511   1.00 40.24 ? 8   ARG A CG  1 
ATOM   56   C  CD  . ARG A 1 9   ? 17.128  15.958  8.845   1.00 47.35 ? 8   ARG A CD  1 
ATOM   57   N  NE  . ARG A 1 9   ? 16.955  17.195  9.603   1.00 46.94 ? 8   ARG A NE  1 
ATOM   58   C  CZ  . ARG A 1 9   ? 17.304  17.362  10.877  1.00 55.93 ? 8   ARG A CZ  1 
ATOM   59   N  NH1 . ARG A 1 9   ? 17.834  16.369  11.579  1.00 59.16 ? 8   ARG A NH1 1 
ATOM   60   N  NH2 . ARG A 1 9   ? 17.119  18.539  11.464  1.00 48.37 ? 8   ARG A NH2 1 
ATOM   61   N  N   . ARG A 1 10  ? 13.722  11.998  9.643   1.00 39.14 ? 9   ARG A N   1 
ATOM   62   C  CA  . ARG A 1 10  ? 13.630  10.595  9.235   1.00 38.61 ? 9   ARG A CA  1 
ATOM   63   C  C   . ARG A 1 10  ? 12.272  10.265  8.597   1.00 40.15 ? 9   ARG A C   1 
ATOM   64   O  O   . ARG A 1 10  ? 12.192  9.552   7.590   1.00 40.96 ? 9   ARG A O   1 
ATOM   65   C  CB  . ARG A 1 10  ? 13.853  9.735   10.466  1.00 38.59 ? 9   ARG A CB  1 
ATOM   66   C  CG  . ARG A 1 10  ? 13.746  8.259   10.230  1.00 42.76 ? 9   ARG A CG  1 
ATOM   67   C  CD  . ARG A 1 10  ? 14.014  7.488   11.487  1.00 41.62 ? 9   ARG A CD  1 
ATOM   68   N  NE  . ARG A 1 10  ? 13.792  6.071   11.258  1.00 48.58 ? 9   ARG A NE  1 
ATOM   69   C  CZ  . ARG A 1 10  ? 14.726  5.164   10.987  1.00 45.27 ? 9   ARG A CZ  1 
ATOM   70   N  NH1 . ARG A 1 10  ? 16.017  5.484   10.923  1.00 43.69 ? 9   ARG A NH1 1 
ATOM   71   N  NH2 . ARG A 1 10  ? 14.341  3.906   10.782  1.00 48.03 ? 9   ARG A NH2 1 
ATOM   72   N  N   . GLU A 1 11  ? 11.202  10.780  9.199   1.00 40.95 ? 10  GLU A N   1 
ATOM   73   C  CA  . GLU A 1 11  ? 9.848   10.551  8.716   1.00 39.54 ? 10  GLU A CA  1 
ATOM   74   C  C   . GLU A 1 11  ? 9.632   11.216  7.401   1.00 36.14 ? 10  GLU A C   1 
ATOM   75   O  O   . GLU A 1 11  ? 8.943   10.667  6.559   1.00 38.01 ? 10  GLU A O   1 
ATOM   76   C  CB  . GLU A 1 11  ? 8.802   11.050  9.732   1.00 41.59 ? 10  GLU A CB  1 
ATOM   77   C  CG  . GLU A 1 11  ? 8.843   10.270  11.057  1.00 48.36 ? 10  GLU A CG  1 
ATOM   78   N  N   . HIS A 1 12  ? 10.201  12.406  7.218   1.00 35.49 ? 11  HIS A N   1 
ATOM   79   C  CA  . HIS A 1 12  ? 10.103  13.109  5.933   1.00 37.17 ? 11  HIS A CA  1 
ATOM   80   C  C   . HIS A 1 12  ? 10.858  12.391  4.778   1.00 37.07 ? 11  HIS A C   1 
ATOM   81   O  O   . HIS A 1 12  ? 10.413  12.414  3.617   1.00 34.91 ? 11  HIS A O   1 
ATOM   82   C  CB  . HIS A 1 12  ? 10.614  14.541  6.074   1.00 38.12 ? 11  HIS A CB  1 
ATOM   83   C  CG  . HIS A 1 12  ? 10.663  15.291  4.784   1.00 39.91 ? 11  HIS A CG  1 
ATOM   84   N  ND1 . HIS A 1 12  ? 9.546   15.845  4.202   1.00 35.53 ? 11  HIS A ND1 1 
ATOM   85   C  CD2 . HIS A 1 12  ? 11.704  15.613  3.982   1.00 43.74 ? 11  HIS A CD2 1 
ATOM   86   C  CE1 . HIS A 1 12  ? 9.889   16.442  3.079   1.00 37.53 ? 11  HIS A CE1 1 
ATOM   87   N  NE2 . HIS A 1 12  ? 11.196  16.321  2.924   1.00 40.21 ? 11  HIS A NE2 1 
ATOM   88   N  N   . ILE A 1 13  ? 11.986  11.759  5.092   1.00 36.12 ? 12  ILE A N   1 
ATOM   89   C  CA  . ILE A 1 13  ? 12.745  11.032  4.083   1.00 35.94 ? 12  ILE A CA  1 
ATOM   90   C  C   . ILE A 1 13  ? 11.912  9.845   3.616   1.00 34.34 ? 12  ILE A C   1 
ATOM   91   O  O   . ILE A 1 13  ? 11.864  9.547   2.433   1.00 31.75 ? 12  ILE A O   1 
ATOM   92   C  CB  . ILE A 1 13  ? 14.099  10.538  4.623   1.00 37.61 ? 12  ILE A CB  1 
ATOM   93   C  CG1 . ILE A 1 13  ? 15.024  11.730  4.911   1.00 34.46 ? 12  ILE A CG1 1 
ATOM   94   C  CG2 . ILE A 1 13  ? 14.775  9.610   3.591   1.00 37.45 ? 12  ILE A CG2 1 
ATOM   95   C  CD1 . ILE A 1 13  ? 16.214  11.391  5.793   1.00 35.97 ? 12  ILE A CD1 1 
ATOM   96   N  N   . ILE A 1 14  ? 11.267  9.181   4.560   1.00 33.09 ? 13  ILE A N   1 
ATOM   97   C  CA  . ILE A 1 14  ? 10.387  8.040   4.262   1.00 36.72 ? 13  ILE A CA  1 
ATOM   98   C  C   . ILE A 1 14  ? 9.173   8.426   3.397   1.00 36.23 ? 13  ILE A C   1 
ATOM   99   O  O   . ILE A 1 14  ? 8.894   7.761   2.397   1.00 35.84 ? 13  ILE A O   1 
ATOM   100  C  CB  . ILE A 1 14  ? 9.932   7.352   5.568   1.00 39.54 ? 13  ILE A CB  1 
ATOM   101  C  CG1 . ILE A 1 14  ? 11.137  6.658   6.214   1.00 38.29 ? 13  ILE A CG1 1 
ATOM   102  C  CG2 . ILE A 1 14  ? 8.810   6.354   5.299   1.00 41.61 ? 13  ILE A CG2 1 
ATOM   103  C  CD1 . ILE A 1 14  ? 10.873  6.162   7.581   1.00 44.55 ? 13  ILE A CD1 1 
ATOM   104  N  N   . THR A 1 15  ? 8.460   9.480   3.783   1.00 35.38 ? 14  THR A N   1 
ATOM   105  C  CA  A THR A 1 15  ? 7.311   10.014  3.023   0.50 39.11 ? 14  THR A CA  1 
ATOM   106  C  CA  B THR A 1 15  ? 7.307   9.917   2.988   0.50 38.72 ? 14  THR A CA  1 
ATOM   107  C  C   . THR A 1 15  ? 7.711   10.450  1.611   1.00 39.16 ? 14  THR A C   1 
ATOM   108  O  O   . THR A 1 15  ? 7.005   10.212  0.619   1.00 41.43 ? 14  THR A O   1 
ATOM   109  C  CB  A THR A 1 15  ? 6.709   11.260  3.748   0.50 39.13 ? 14  THR A CB  1 
ATOM   110  C  CB  B THR A 1 15  ? 6.440   10.926  3.751   0.50 39.11 ? 14  THR A CB  1 
ATOM   111  O  OG1 A THR A 1 15  ? 6.326   10.905  5.078   0.50 41.98 ? 14  THR A OG1 1 
ATOM   112  O  OG1 B THR A 1 15  ? 7.256   12.004  4.222   0.50 36.71 ? 14  THR A OG1 1 
ATOM   113  C  CG2 A THR A 1 15  ? 5.494   11.804  3.016   0.50 39.06 ? 14  THR A CG2 1 
ATOM   114  C  CG2 B THR A 1 15  ? 5.787   10.222  4.923   0.50 39.38 ? 14  THR A CG2 1 
ATOM   115  N  N   . THR A 1 16  ? 8.857   11.115  1.527   1.00 39.05 ? 15  THR A N   1 
ATOM   116  C  CA  . THR A 1 16  ? 9.378   11.564  0.245   1.00 38.11 ? 15  THR A CA  1 
ATOM   117  C  C   . THR A 1 16  ? 9.649   10.370  -0.664  1.00 37.43 ? 15  THR A C   1 
ATOM   118  O  O   . THR A 1 16  ? 9.342   10.395  -1.848  1.00 36.71 ? 15  THR A O   1 
ATOM   119  C  CB  . THR A 1 16  ? 10.707  12.368  0.420   1.00 37.36 ? 15  THR A CB  1 
ATOM   120  O  OG1 . THR A 1 16  ? 10.447  13.553  1.179   1.00 38.06 ? 15  THR A OG1 1 
ATOM   121  C  CG2 . THR A 1 16  ? 11.264  12.746  -0.916  1.00 34.89 ? 15  THR A CG2 1 
ATOM   122  N  N   . THR A 1 17  ? 10.262  9.331   -0.106  1.00 37.89 ? 16  THR A N   1 
ATOM   123  C  CA  . THR A 1 17  ? 10.607  8.153   -0.873  1.00 35.99 ? 16  THR A CA  1 
ATOM   124  C  C   . THR A 1 17  ? 9.301   7.470   -1.377  1.00 36.34 ? 16  THR A C   1 
ATOM   125  O  O   . THR A 1 17  ? 9.193   7.145   -2.537  1.00 34.04 ? 16  THR A O   1 
ATOM   126  C  CB  . THR A 1 17  ? 11.501  7.195   -0.055  1.00 35.10 ? 16  THR A CB  1 
ATOM   127  O  OG1 . THR A 1 17  ? 12.692  7.882   0.371   1.00 37.45 ? 16  THR A OG1 1 
ATOM   128  C  CG2 . THR A 1 17  ? 11.890  5.970   -0.874  1.00 36.10 ? 16  THR A CG2 1 
ATOM   129  N  N   . CYS A 1 18  ? 8.310   7.304   -0.510  1.00 34.99 ? 17  CYS A N   1 
ATOM   130  C  CA  . CYS A 1 18  ? 7.026   6.690   -0.902  1.00 35.78 ? 17  CYS A CA  1 
ATOM   131  C  C   . CYS A 1 18  ? 6.377   7.455   -2.054  1.00 37.35 ? 17  CYS A C   1 
ATOM   132  O  O   . CYS A 1 18  ? 5.933   6.848   -3.035  1.00 39.11 ? 17  CYS A O   1 
ATOM   133  C  CB  . CYS A 1 18  ? 6.103   6.590   0.314   1.00 34.52 ? 17  CYS A CB  1 
ATOM   134  S  SG  . CYS A 1 18  ? 6.735   5.340   1.518   1.00 42.14 ? 17  CYS A SG  1 
ATOM   135  N  N   . ASN A 1 19  ? 6.370   8.783   -1.949  1.00 36.87 ? 18  ASN A N   1 
ATOM   136  C  CA  . ASN A 1 19  ? 5.885   9.643   -3.017  1.00 37.17 ? 18  ASN A CA  1 
ATOM   137  C  C   . ASN A 1 19  ? 6.704   9.483   -4.291  1.00 36.34 ? 18  ASN A C   1 
ATOM   138  O  O   . ASN A 1 19  ? 6.146   9.420   -5.386  1.00 35.14 ? 18  ASN A O   1 
ATOM   139  C  CB  . ASN A 1 19  ? 5.925   11.113  -2.585  1.00 36.71 ? 18  ASN A CB  1 
ATOM   140  C  CG  . ASN A 1 19  ? 4.900   11.443  -1.543  1.00 42.54 ? 18  ASN A CG  1 
ATOM   141  O  OD1 . ASN A 1 19  ? 3.876   10.789  -1.472  1.00 50.84 ? 18  ASN A OD1 1 
ATOM   142  N  ND2 . ASN A 1 19  ? 5.146   12.502  -0.747  1.00 44.99 ? 18  ASN A ND2 1 
ATOM   143  N  N   . LEU A 1 20  ? 8.028   9.430   -4.175  1.00 35.65 ? 19  LEU A N   1 
ATOM   144  C  CA  . LEU A 1 20  ? 8.849   9.245   -5.389  1.00 36.62 ? 19  LEU A CA  1 
ATOM   145  C  C   . LEU A 1 20  ? 8.504   7.927   -6.079  1.00 36.01 ? 19  LEU A C   1 
ATOM   146  O  O   . LEU A 1 20  ? 8.429   7.861   -7.312  1.00 31.92 ? 19  LEU A O   1 
ATOM   147  C  CB  . LEU A 1 20  ? 10.341  9.296   -5.065  1.00 38.43 ? 19  LEU A CB  1 
ATOM   148  C  CG  . LEU A 1 20  ? 10.947  10.669  -4.809  1.00 38.88 ? 19  LEU A CG  1 
ATOM   149  C  CD1 . LEU A 1 20  ? 12.337  10.524  -4.212  1.00 35.70 ? 19  LEU A CD1 1 
ATOM   150  C  CD2 . LEU A 1 20  ? 10.969  11.468  -6.081  1.00 36.80 ? 19  LEU A CD2 1 
ATOM   151  N  N   . TYR A 1 21  ? 8.279   6.871   -5.295  1.00 37.41 ? 20  TYR A N   1 
ATOM   152  C  CA  . TYR A 1 21  ? 7.913   5.580   -5.892  1.00 39.71 ? 20  TYR A CA  1 
ATOM   153  C  C   . TYR A 1 21  ? 6.593   5.642   -6.672  1.00 40.38 ? 20  TYR A C   1 
ATOM   154  O  O   . TYR A 1 21  ? 6.383   4.879   -7.601  1.00 42.58 ? 20  TYR A O   1 
ATOM   155  C  CB  . TYR A 1 21  ? 7.850   4.455   -4.868  1.00 40.52 ? 20  TYR A CB  1 
ATOM   156  C  CG  . TYR A 1 21  ? 9.174   3.898   -4.442  1.00 43.01 ? 20  TYR A CG  1 
ATOM   157  C  CD1 . TYR A 1 21  ? 10.080  3.417   -5.387  1.00 54.58 ? 20  TYR A CD1 1 
ATOM   158  C  CD2 . TYR A 1 21  ? 9.489   3.747   -3.097  1.00 47.78 ? 20  TYR A CD2 1 
ATOM   159  C  CE1 . TYR A 1 21  ? 11.286  2.864   -4.995  1.00 59.79 ? 20  TYR A CE1 1 
ATOM   160  C  CE2 . TYR A 1 21  ? 10.685  3.188   -2.690  1.00 43.96 ? 20  TYR A CE2 1 
ATOM   161  C  CZ  . TYR A 1 21  ? 11.583  2.755   -3.640  1.00 55.51 ? 20  TYR A CZ  1 
ATOM   162  O  OH  . TYR A 1 21  ? 12.779  2.198   -3.255  1.00 57.15 ? 20  TYR A OH  1 
ATOM   163  N  N   . ARG A 1 22  ? 5.731   6.576   -6.327  1.00 40.10 ? 21  ARG A N   1 
ATOM   164  C  CA  . ARG A 1 22  ? 4.483   6.762   -7.038  1.00 42.05 ? 21  ARG A CA  1 
ATOM   165  C  C   . ARG A 1 22  ? 4.589   7.655   -8.259  1.00 43.69 ? 21  ARG A C   1 
ATOM   166  O  O   . ARG A 1 22  ? 3.744   7.602   -9.128  1.00 47.93 ? 21  ARG A O   1 
ATOM   167  C  CB  . ARG A 1 22  ? 3.480   7.405   -6.100  1.00 43.79 ? 21  ARG A CB  1 
ATOM   168  C  CG  . ARG A 1 22  ? 2.941   6.507   -5.003  1.00 44.73 ? 21  ARG A CG  1 
ATOM   169  C  CD  . ARG A 1 22  ? 2.693   7.427   -3.837  1.00 48.17 ? 21  ARG A CD  1 
ATOM   170  N  NE  . ARG A 1 22  ? 2.011   6.818   -2.745  1.00 56.81 ? 21  ARG A NE  1 
ATOM   171  C  CZ  . ARG A 1 22  ? 2.061   7.238   -1.485  1.00 49.26 ? 21  ARG A CZ  1 
ATOM   172  N  NH1 . ARG A 1 22  ? 2.881   8.204   -1.099  1.00 49.68 ? 21  ARG A NH1 1 
ATOM   173  N  NH2 . ARG A 1 22  ? 1.368   6.585   -0.590  1.00 52.12 ? 21  ARG A NH2 1 
ATOM   174  N  N   . THR A 1 23  ? 5.608   8.492   -8.334  1.00 44.70 ? 22  THR A N   1 
ATOM   175  C  CA  . THR A 1 23  ? 5.740   9.423   -9.441  1.00 44.76 ? 22  THR A CA  1 
ATOM   176  C  C   . THR A 1 23  ? 6.908   9.166   -10.381 1.00 45.76 ? 22  THR A C   1 
ATOM   177  O  O   . THR A 1 23  ? 6.868   9.601   -11.535 1.00 43.19 ? 22  THR A O   1 
ATOM   178  C  CB  . THR A 1 23  ? 5.891   10.853  -8.902  1.00 44.43 ? 22  THR A CB  1 
ATOM   179  O  OG1 . THR A 1 23  ? 7.054   10.946  -8.090  1.00 42.56 ? 22  THR A OG1 1 
ATOM   180  C  CG2 . THR A 1 23  ? 4.688   11.236  -8.046  1.00 51.69 ? 22  THR A CG2 1 
ATOM   181  N  N   . HIS A 1 24  ? 7.931   8.461   -9.893  1.00 45.94 ? 23  HIS A N   1 
ATOM   182  C  CA  . HIS A 1 24  ? 9.165   8.225   -10.657 1.00 45.36 ? 23  HIS A CA  1 
ATOM   183  C  C   . HIS A 1 24  ? 9.419   6.760   -10.981 1.00 46.51 ? 23  HIS A C   1 
ATOM   184  O  O   . HIS A 1 24  ? 8.973   5.872   -10.263 1.00 45.92 ? 23  HIS A O   1 
ATOM   185  C  CB  . HIS A 1 24  ? 10.370  8.747   -9.850  1.00 43.33 ? 23  HIS A CB  1 
ATOM   186  C  CG  . HIS A 1 24  ? 10.436  10.240  -9.737  1.00 34.39 ? 23  HIS A CG  1 
ATOM   187  N  ND1 . HIS A 1 24  ? 9.455   10.985  -9.109  1.00 39.74 ? 23  HIS A ND1 1 
ATOM   188  C  CD2 . HIS A 1 24  ? 11.396  11.119  -10.106 1.00 30.82 ? 23  HIS A CD2 1 
ATOM   189  C  CE1 . HIS A 1 24  ? 9.787   12.265  -9.140  1.00 36.62 ? 23  HIS A CE1 1 
ATOM   190  N  NE2 . HIS A 1 24  ? 10.959  12.373  -9.747  1.00 35.18 ? 23  HIS A NE2 1 
ATOM   191  N  N   . HIS A 1 25  ? 10.178  6.533   -12.054 1.00 49.39 ? 24  HIS A N   1 
ATOM   192  C  CA  . HIS A 1 25  ? 10.606  5.195   -12.464 1.00 52.28 ? 24  HIS A CA  1 
ATOM   193  C  C   . HIS A 1 25  ? 11.387  4.596   -11.303 1.00 54.20 ? 24  HIS A C   1 
ATOM   194  O  O   . HIS A 1 25  ? 12.338  5.217   -10.818 1.00 54.42 ? 24  HIS A O   1 
ATOM   195  C  CB  . HIS A 1 25  ? 11.494  5.275   -13.722 1.00 53.47 ? 24  HIS A CB  1 
ATOM   196  C  CG  . HIS A 1 25  ? 10.758  5.717   -14.956 1.00 56.54 ? 24  HIS A CG  1 
ATOM   197  N  ND1 . HIS A 1 25  ? 11.039  6.899   -15.609 1.00 54.69 ? 24  HIS A ND1 1 
ATOM   198  C  CD2 . HIS A 1 25  ? 9.731   5.148   -15.634 1.00 58.28 ? 24  HIS A CD2 1 
ATOM   199  C  CE1 . HIS A 1 25  ? 10.239  7.021   -16.655 1.00 56.15 ? 24  HIS A CE1 1 
ATOM   200  N  NE2 . HIS A 1 25  ? 9.430   5.977   -16.688 1.00 55.75 ? 24  HIS A NE2 1 
ATOM   201  N  N   . HIS A 1 26  ? 11.001  3.405   -10.858 1.00 55.80 ? 25  HIS A N   1 
ATOM   202  C  CA  . HIS A 1 26  ? 11.619  2.800   -9.659  1.00 58.50 ? 25  HIS A CA  1 
ATOM   203  C  C   . HIS A 1 26  ? 13.134  2.566   -9.770  1.00 59.57 ? 25  HIS A C   1 
ATOM   204  O  O   . HIS A 1 26  ? 13.898  2.780   -8.813  1.00 63.50 ? 25  HIS A O   1 
ATOM   205  C  CB  . HIS A 1 26  ? 10.887  1.502   -9.268  1.00 59.38 ? 25  HIS A CB  1 
ATOM   206  C  CG  . HIS A 1 26  ? 9.407   1.672   -9.047  1.00 58.52 ? 25  HIS A CG  1 
ATOM   207  N  ND1 . HIS A 1 26  ? 8.517   0.623   -9.137  1.00 63.69 ? 25  HIS A ND1 1 
ATOM   208  C  CD2 . HIS A 1 26  ? 8.658   2.778   -8.797  1.00 49.47 ? 25  HIS A CD2 1 
ATOM   209  C  CE1 . HIS A 1 26  ? 7.290   1.065   -8.907  1.00 67.43 ? 25  HIS A CE1 1 
ATOM   210  N  NE2 . HIS A 1 26  ? 7.349   2.368   -8.697  1.00 58.76 ? 25  HIS A NE2 1 
ATOM   211  N  N   . ASP A 1 27  ? 13.565  2.169   -10.958 1.00 60.59 ? 26  ASP A N   1 
ATOM   212  C  CA  . ASP A 1 27  ? 14.980  1.911   -11.237 1.00 60.28 ? 26  ASP A CA  1 
ATOM   213  C  C   . ASP A 1 27  ? 15.797  3.175   -11.443 1.00 55.62 ? 26  ASP A C   1 
ATOM   214  O  O   . ASP A 1 27  ? 17.005  3.102   -11.490 1.00 56.95 ? 26  ASP A O   1 
ATOM   215  C  CB  . ASP A 1 27  ? 15.106  1.033   -12.501 1.00 63.01 ? 26  ASP A CB  1 
ATOM   216  C  CG  . ASP A 1 27  ? 14.649  1.761   -13.791 1.00 70.55 ? 26  ASP A CG  1 
ATOM   217  O  OD1 . ASP A 1 27  ? 15.242  2.807   -14.152 1.00 77.62 ? 26  ASP A OD1 1 
ATOM   218  O  OD2 . ASP A 1 27  ? 13.714  1.262   -14.458 1.00 78.89 ? 26  ASP A OD2 1 
ATOM   219  N  N   . SER A 1 28  ? 15.142  4.320   -11.616 1.00 51.44 ? 27  SER A N   1 
ATOM   220  C  CA  . SER A 1 28  ? 15.830  5.599   -11.833 1.00 49.50 ? 27  SER A CA  1 
ATOM   221  C  C   . SER A 1 28  ? 16.299  6.278   -10.542 1.00 47.95 ? 27  SER A C   1 
ATOM   222  O  O   . SER A 1 28  ? 17.067  7.222   -10.600 1.00 48.20 ? 27  SER A O   1 
ATOM   223  C  CB  . SER A 1 28  ? 14.867  6.580   -12.514 1.00 51.83 ? 27  SER A CB  1 
ATOM   224  O  OG  . SER A 1 28  ? 13.802  6.994   -11.622 1.00 47.11 ? 27  SER A OG  1 
ATOM   225  N  N   . LEU A 1 29  ? 15.828  5.810   -9.383  1.00 44.40 ? 28  LEU A N   1 
ATOM   226  C  CA  . LEU A 1 29  ? 16.133  6.449   -8.103  1.00 42.94 ? 28  LEU A CA  1 
ATOM   227  C  C   . LEU A 1 29  ? 17.404  5.966   -7.400  1.00 41.10 ? 28  LEU A C   1 
ATOM   228  O  O   . LEU A 1 29  ? 17.637  4.782   -7.247  1.00 38.95 ? 28  LEU A O   1 
ATOM   229  C  CB  . LEU A 1 29  ? 14.943  6.282   -7.156  1.00 44.25 ? 28  LEU A CB  1 
ATOM   230  C  CG  . LEU A 1 29  ? 13.648  6.947   -7.622  1.00 45.76 ? 28  LEU A CG  1 
ATOM   231  C  CD1 . LEU A 1 29  ? 12.461  6.421   -6.837  1.00 50.15 ? 28  LEU A CD1 1 
ATOM   232  C  CD2 . LEU A 1 29  ? 13.765  8.469   -7.522  1.00 51.86 ? 28  LEU A CD2 1 
ATOM   233  N  N   . THR A 1 30  ? 18.225  6.921   -6.998  1.00 39.53 ? 29  THR A N   1 
ATOM   234  C  CA  . THR A 1 30  ? 19.452  6.675   -6.266  1.00 39.99 ? 29  THR A CA  1 
ATOM   235  C  C   . THR A 1 30  ? 19.344  7.298   -4.859  1.00 38.50 ? 29  THR A C   1 
ATOM   236  O  O   . THR A 1 30  ? 18.459  8.095   -4.577  1.00 35.33 ? 29  THR A O   1 
ATOM   237  C  CB  . THR A 1 30  ? 20.603  7.302   -6.980  1.00 42.71 ? 29  THR A CB  1 
ATOM   238  O  OG1 . THR A 1 30  ? 20.406  8.715   -7.039  1.00 44.47 ? 29  THR A OG1 1 
ATOM   239  C  CG2 . THR A 1 30  ? 20.726  6.727   -8.422  1.00 42.36 ? 29  THR A CG2 1 
HETATM 240  N  N   . MSE A 1 31  ? 20.230  6.907   -3.971  1.00 37.85 ? 30  MSE A N   1 
HETATM 241  C  CA  . MSE A 1 31  ? 20.210  7.438   -2.629  1.00 38.62 ? 30  MSE A CA  1 
HETATM 242  C  C   . MSE A 1 31  ? 20.403  8.932   -2.727  1.00 37.02 ? 30  MSE A C   1 
HETATM 243  O  O   . MSE A 1 31  ? 19.696  9.690   -2.093  1.00 37.83 ? 30  MSE A O   1 
HETATM 244  C  CB  . MSE A 1 31  ? 21.271  6.758   -1.779  1.00 39.69 ? 30  MSE A CB  1 
HETATM 245  C  CG  . MSE A 1 31  ? 20.909  5.295   -1.517  1.00 39.39 ? 30  MSE A CG  1 
HETATM 246  SE SE  . MSE A 1 31  ? 19.467  5.117   -0.238  0.75 40.54 ? 30  MSE A SE  1 
HETATM 247  C  CE  . MSE A 1 31  ? 20.392  5.287   1.498   1.00 40.05 ? 30  MSE A CE  1 
ATOM   248  N  N   . GLU A 1 32  ? 21.306  9.338   -3.602  1.00 34.71 ? 31  GLU A N   1 
ATOM   249  C  CA  . GLU A 1 32  ? 21.611  10.732  -3.864  1.00 37.05 ? 31  GLU A CA  1 
ATOM   250  C  C   . GLU A 1 32  ? 20.370  11.517  -4.347  1.00 36.66 ? 31  GLU A C   1 
ATOM   251  O  O   . GLU A 1 32  ? 20.131  12.647  -3.891  1.00 36.90 ? 31  GLU A O   1 
ATOM   252  C  CB  . GLU A 1 32  ? 22.789  10.816  -4.864  1.00 38.45 ? 31  GLU A CB  1 
ATOM   253  C  CG  . GLU A 1 32  ? 24.179  10.241  -4.322  1.00 47.55 ? 31  GLU A CG  1 
ATOM   254  C  CD  . GLU A 1 32  ? 24.193  8.699   -4.020  1.00 57.65 ? 31  GLU A CD  1 
ATOM   255  O  OE1 . GLU A 1 32  ? 23.465  7.940   -4.715  1.00 53.19 ? 31  GLU A OE1 1 
ATOM   256  O  OE2 . GLU A 1 32  ? 24.935  8.245   -3.098  1.00 56.68 ? 31  GLU A OE2 1 
ATOM   257  N  N   . ASN A 1 33  ? 19.587  10.911  -5.242  1.00 33.87 ? 32  ASN A N   1 
ATOM   258  C  CA  . ASN A 1 33  ? 18.347  11.490  -5.779  1.00 35.73 ? 32  ASN A CA  1 
ATOM   259  C  C   . ASN A 1 33  ? 17.308  11.682  -4.681  1.00 34.28 ? 32  ASN A C   1 
ATOM   260  O  O   . ASN A 1 33  ? 16.574  12.655  -4.659  1.00 35.49 ? 32  ASN A O   1 
ATOM   261  C  CB  . ASN A 1 33  ? 17.659  10.527  -6.759  1.00 38.01 ? 32  ASN A CB  1 
ATOM   262  C  CG  . ASN A 1 33  ? 18.214  10.566  -8.145  1.00 45.95 ? 32  ASN A CG  1 
ATOM   263  O  OD1 . ASN A 1 33  ? 19.101  11.354  -8.463  1.00 55.63 ? 32  ASN A OD1 1 
ATOM   264  N  ND2 . ASN A 1 33  ? 17.659  9.721   -9.005  1.00 47.66 ? 32  ASN A ND2 1 
ATOM   265  N  N   . ILE A 1 34  ? 17.208  10.679  -3.820  1.00 31.31 ? 33  ILE A N   1 
ATOM   266  C  CA  . ILE A 1 34  ? 16.272  10.704  -2.716  1.00 31.50 ? 33  ILE A CA  1 
ATOM   267  C  C   . ILE A 1 34  ? 16.658  11.800  -1.706  1.00 33.05 ? 33  ILE A C   1 
ATOM   268  O  O   . ILE A 1 34  ? 15.792  12.545  -1.241  1.00 31.06 ? 33  ILE A O   1 
ATOM   269  C  CB  . ILE A 1 34  ? 16.170  9.318   -2.064  1.00 31.59 ? 33  ILE A CB  1 
ATOM   270  C  CG1 . ILE A 1 34  ? 15.537  8.335   -3.055  1.00 30.72 ? 33  ILE A CG1 1 
ATOM   271  C  CG2 . ILE A 1 34  ? 15.269  9.386   -0.781  1.00 30.26 ? 33  ILE A CG2 1 
ATOM   272  C  CD1 . ILE A 1 34  ? 15.715  6.887   -2.731  1.00 42.71 ? 33  ILE A CD1 1 
ATOM   273  N  N   . ALA A 1 35  ? 17.947  11.890  -1.379  1.00 30.35 ? 34  ALA A N   1 
ATOM   274  C  CA  . ALA A 1 35  ? 18.417  12.894  -0.436  1.00 32.52 ? 34  ALA A CA  1 
ATOM   275  C  C   . ALA A 1 35  ? 18.073  14.256  -1.007  1.00 32.21 ? 34  ALA A C   1 
ATOM   276  O  O   . ALA A 1 35  ? 17.507  15.080  -0.315  1.00 33.02 ? 34  ALA A O   1 
ATOM   277  C  CB  . ALA A 1 35  ? 19.942  12.766  -0.179  1.00 29.63 ? 34  ALA A CB  1 
ATOM   278  N  N   . GLU A 1 36  ? 18.362  14.462  -2.285  1.00 32.33 ? 35  GLU A N   1 
ATOM   279  C  CA  . GLU A 1 36  ? 18.065  15.734  -2.949  1.00 35.89 ? 35  GLU A CA  1 
ATOM   280  C  C   . GLU A 1 36  ? 16.561  16.067  -2.895  1.00 36.67 ? 35  GLU A C   1 
ATOM   281  O  O   . GLU A 1 36  ? 16.189  17.154  -2.489  1.00 35.46 ? 35  GLU A O   1 
ATOM   282  C  CB  . GLU A 1 36  ? 18.604  15.741  -4.387  1.00 35.47 ? 35  GLU A CB  1 
ATOM   283  C  CG  . GLU A 1 36  ? 18.270  16.990  -5.180  1.00 41.21 ? 35  GLU A CG  1 
ATOM   284  N  N   . GLN A 1 37  ? 15.693  15.120  -3.244  1.00 39.20 ? 36  GLN A N   1 
ATOM   285  C  CA  . GLN A 1 37  ? 14.253  15.383  -3.234  1.00 36.94 ? 36  GLN A CA  1 
ATOM   286  C  C   . GLN A 1 37  ? 13.699  15.635  -1.828  1.00 38.88 ? 36  GLN A C   1 
ATOM   287  O  O   . GLN A 1 37  ? 12.745  16.395  -1.665  1.00 40.69 ? 36  GLN A O   1 
ATOM   288  C  CB  . GLN A 1 37  ? 13.513  14.243  -3.913  1.00 39.07 ? 36  GLN A CB  1 
ATOM   289  C  CG  . GLN A 1 37  ? 13.753  14.175  -5.427  1.00 42.74 ? 36  GLN A CG  1 
ATOM   290  C  CD  . GLN A 1 37  ? 12.947  15.201  -6.203  1.00 42.72 ? 36  GLN A CD  1 
ATOM   291  O  OE1 . GLN A 1 37  ? 11.722  15.275  -6.071  1.00 51.97 ? 36  GLN A OE1 1 
ATOM   292  N  NE2 . GLN A 1 37  ? 13.629  15.990  -7.025  1.00 52.12 ? 36  GLN A NE2 1 
ATOM   293  N  N   . ALA A 1 38  ? 14.275  14.973  -0.823  1.00 39.72 ? 37  ALA A N   1 
ATOM   294  C  CA  . ALA A 1 38  ? 13.905  15.164  0.579   1.00 37.11 ? 37  ALA A CA  1 
ATOM   295  C  C   . ALA A 1 38  ? 14.481  16.455  1.181   1.00 37.42 ? 37  ALA A C   1 
ATOM   296  O  O   . ALA A 1 38  ? 14.157  16.803  2.319   1.00 36.36 ? 37  ALA A O   1 
ATOM   297  C  CB  . ALA A 1 38  ? 14.384  13.990  1.399   1.00 38.35 ? 37  ALA A CB  1 
ATOM   298  N  N   . GLY A 1 39  ? 15.367  17.135  0.458   1.00 34.78 ? 38  GLY A N   1 
ATOM   299  C  CA  . GLY A 1 39  ? 15.977  18.360  0.977   1.00 37.39 ? 38  GLY A CA  1 
ATOM   300  C  C   . GLY A 1 39  ? 16.974  18.136  2.097   1.00 38.21 ? 38  GLY A C   1 
ATOM   301  O  O   . GLY A 1 39  ? 17.272  19.059  2.837   1.00 39.82 ? 38  GLY A O   1 
ATOM   302  N  N   . VAL A 1 40  ? 17.485  16.912  2.236   1.00 38.77 ? 39  VAL A N   1 
ATOM   303  C  CA  . VAL A 1 40  ? 18.499  16.594  3.246   1.00 38.50 ? 39  VAL A CA  1 
ATOM   304  C  C   . VAL A 1 40  ? 19.849  16.262  2.567   1.00 40.51 ? 39  VAL A C   1 
ATOM   305  O  O   . VAL A 1 40  ? 19.915  16.015  1.359   1.00 38.54 ? 39  VAL A O   1 
ATOM   306  C  CB  . VAL A 1 40  ? 18.109  15.403  4.122   1.00 38.72 ? 39  VAL A CB  1 
ATOM   307  C  CG1 . VAL A 1 40  ? 16.758  15.629  4.770   1.00 41.19 ? 39  VAL A CG1 1 
ATOM   308  C  CG2 . VAL A 1 40  ? 18.107  14.095  3.330   1.00 39.23 ? 39  VAL A CG2 1 
ATOM   309  N  N   . GLY A 1 41  ? 20.918  16.262  3.349   1.00 38.47 ? 40  GLY A N   1 
ATOM   310  C  CA  . GLY A 1 41  ? 22.211  15.873  2.814   1.00 38.65 ? 40  GLY A CA  1 
ATOM   311  C  C   . GLY A 1 41  ? 22.309  14.353  2.747   1.00 36.94 ? 40  GLY A C   1 
ATOM   312  O  O   . GLY A 1 41  ? 21.589  13.627  3.458   1.00 37.92 ? 40  GLY A O   1 
ATOM   313  N  N   . VAL A 1 42  ? 23.205  13.880  1.892   1.00 34.55 ? 41  VAL A N   1 
ATOM   314  C  CA  . VAL A 1 42  ? 23.440  12.458  1.708   1.00 35.98 ? 41  VAL A CA  1 
ATOM   315  C  C   . VAL A 1 42  ? 23.834  11.825  3.046   1.00 35.45 ? 41  VAL A C   1 
ATOM   316  O  O   . VAL A 1 42  ? 23.302  10.787  3.429   1.00 32.17 ? 41  VAL A O   1 
ATOM   317  C  CB  . VAL A 1 42  ? 24.590  12.206  0.677   1.00 39.22 ? 41  VAL A CB  1 
ATOM   318  C  CG1 . VAL A 1 42  ? 24.715  10.712  0.364   1.00 38.01 ? 41  VAL A CG1 1 
ATOM   319  C  CG2 . VAL A 1 42  ? 24.358  12.998  -0.614  1.00 44.16 ? 41  VAL A CG2 1 
ATOM   320  N  N   . ALA A 1 43  ? 24.753  12.464  3.767   1.00 35.19 ? 42  ALA A N   1 
ATOM   321  C  CA  . ALA A 1 43  ? 25.221  11.952  5.064   1.00 37.96 ? 42  ALA A CA  1 
ATOM   322  C  C   . ALA A 1 43  ? 24.107  11.816  6.087   1.00 38.22 ? 42  ALA A C   1 
ATOM   323  O  O   . ALA A 1 43  ? 24.087  10.852  6.852   1.00 39.64 ? 42  ALA A O   1 
ATOM   324  C  CB  . ALA A 1 43  ? 26.401  12.830  5.629   1.00 39.73 ? 42  ALA A CB  1 
ATOM   325  N  N   . THR A 1 44  ? 23.176  12.766  6.097   1.00 41.40 ? 43  THR A N   1 
ATOM   326  C  CA  . THR A 1 44  ? 21.998  12.693  6.987   1.00 42.62 ? 43  THR A CA  1 
ATOM   327  C  C   . THR A 1 44  ? 21.118  11.496  6.595   1.00 42.04 ? 43  THR A C   1 
ATOM   328  O  O   . THR A 1 44  ? 20.697  10.700  7.441   1.00 43.76 ? 43  THR A O   1 
ATOM   329  C  CB  . THR A 1 44  ? 21.148  13.976  6.900   1.00 44.73 ? 43  THR A CB  1 
ATOM   330  O  OG1 . THR A 1 44  ? 21.953  15.122  7.216   1.00 40.84 ? 43  THR A OG1 1 
ATOM   331  C  CG2 . THR A 1 44  ? 19.960  13.897  7.839   1.00 45.52 ? 43  THR A CG2 1 
ATOM   332  N  N   . LEU A 1 45  ? 20.847  11.377  5.301   1.00 41.14 ? 44  LEU A N   1 
ATOM   333  C  CA  . LEU A 1 45  ? 20.107  10.232  4.773   1.00 38.88 ? 44  LEU A CA  1 
ATOM   334  C  C   . LEU A 1 45  ? 20.768  8.915   5.212   1.00 36.64 ? 44  LEU A C   1 
ATOM   335  O  O   . LEU A 1 45  ? 20.125  8.037   5.808   1.00 34.64 ? 44  LEU A O   1 
ATOM   336  C  CB  . LEU A 1 45  ? 20.034  10.320  3.245   1.00 37.11 ? 44  LEU A CB  1 
ATOM   337  C  CG  . LEU A 1 45  ? 19.411  9.124   2.491   1.00 41.44 ? 44  LEU A CG  1 
ATOM   338  C  CD1 . LEU A 1 45  ? 18.000  9.004   2.770   1.00 38.51 ? 44  LEU A CD1 1 
ATOM   339  C  CD2 . LEU A 1 45  ? 19.593  9.237   0.976   1.00 42.16 ? 44  LEU A CD2 1 
ATOM   340  N  N   . TYR A 1 46  ? 22.067  8.795   4.975   1.00 34.73 ? 45  TYR A N   1 
ATOM   341  C  CA  . TYR A 1 46  ? 22.769  7.542   5.287   1.00 35.01 ? 45  TYR A CA  1 
ATOM   342  C  C   . TYR A 1 46  ? 22.933  7.214   6.781   1.00 37.14 ? 45  TYR A C   1 
ATOM   343  O  O   . TYR A 1 46  ? 23.068  6.045   7.155   1.00 39.47 ? 45  TYR A O   1 
ATOM   344  C  CB  . TYR A 1 46  ? 24.104  7.471   4.562   1.00 33.48 ? 45  TYR A CB  1 
ATOM   345  C  CG  . TYR A 1 46  ? 24.056  6.918   3.143   1.00 33.33 ? 45  TYR A CG  1 
ATOM   346  C  CD1 . TYR A 1 46  ? 24.114  5.541   2.930   1.00 31.35 ? 45  TYR A CD1 1 
ATOM   347  C  CD2 . TYR A 1 46  ? 23.974  7.752   2.028   1.00 27.75 ? 45  TYR A CD2 1 
ATOM   348  C  CE1 . TYR A 1 46  ? 24.096  4.998   1.659   1.00 29.02 ? 45  TYR A CE1 1 
ATOM   349  C  CE2 . TYR A 1 46  ? 23.964  7.209   0.716   1.00 31.30 ? 45  TYR A CE2 1 
ATOM   350  C  CZ  . TYR A 1 46  ? 24.046  5.830   0.550   1.00 29.41 ? 45  TYR A CZ  1 
ATOM   351  O  OH  . TYR A 1 46  ? 24.031  5.227   -0.695  1.00 34.51 ? 45  TYR A OH  1 
ATOM   352  N  N   . ARG A 1 47  ? 22.939  8.222   7.638   1.00 39.18 ? 46  ARG A N   1 
ATOM   353  C  CA  . ARG A 1 47  ? 23.003  7.938   9.070   1.00 42.79 ? 46  ARG A CA  1 
ATOM   354  C  C   . ARG A 1 47  ? 21.670  7.290   9.522   1.00 42.13 ? 46  ARG A C   1 
ATOM   355  O  O   . ARG A 1 47  ? 21.661  6.369   10.340  1.00 42.37 ? 46  ARG A O   1 
ATOM   356  C  CB  . ARG A 1 47  ? 23.327  9.194   9.858   1.00 43.15 ? 46  ARG A CB  1 
ATOM   357  C  CG  . ARG A 1 47  ? 23.652  8.894   11.305  1.00 50.52 ? 46  ARG A CG  1 
ATOM   358  C  CD  . ARG A 1 47  ? 24.207  10.088  12.019  1.00 50.46 ? 46  ARG A CD  1 
ATOM   359  N  NE  . ARG A 1 47  ? 25.530  10.462  11.502  1.00 52.44 ? 46  ARG A NE  1 
ATOM   360  C  CZ  . ARG A 1 47  ? 25.780  11.443  10.634  1.00 52.92 ? 46  ARG A CZ  1 
ATOM   361  N  NH1 . ARG A 1 47  ? 24.793  12.190  10.139  1.00 54.98 ? 46  ARG A NH1 1 
ATOM   362  N  NH2 . ARG A 1 47  ? 27.041  11.685  10.261  1.00 55.40 ? 46  ARG A NH2 1 
ATOM   363  N  N   . ASN A 1 48  ? 20.567  7.731   8.934   1.00 41.85 ? 47  ASN A N   1 
ATOM   364  C  CA  . ASN A 1 48  ? 19.240  7.129   9.195   1.00 42.26 ? 47  ASN A CA  1 
ATOM   365  C  C   . ASN A 1 48  ? 19.028  5.769   8.581   1.00 41.75 ? 47  ASN A C   1 
ATOM   366  O  O   . ASN A 1 48  ? 18.457  4.857   9.214   1.00 41.29 ? 47  ASN A O   1 
ATOM   367  C  CB  . ASN A 1 48  ? 18.145  8.060   8.699   1.00 41.93 ? 47  ASN A CB  1 
ATOM   368  C  CG  . ASN A 1 48  ? 17.825  9.145   9.701   1.00 48.73 ? 47  ASN A CG  1 
ATOM   369  O  OD1 . ASN A 1 48  ? 17.299  8.852   10.784  1.00 52.40 ? 47  ASN A OD1 1 
ATOM   370  N  ND2 . ASN A 1 48  ? 18.117  10.400  9.346   1.00 45.84 ? 47  ASN A ND2 1 
ATOM   371  N  N   . PHE A 1 49  ? 19.493  5.649   7.339   1.00 39.30 ? 48  PHE A N   1 
ATOM   372  C  CA  . PHE A 1 49  ? 19.334  4.445   6.530   1.00 38.52 ? 48  PHE A CA  1 
ATOM   373  C  C   . PHE A 1 49  ? 20.697  4.104   5.922   1.00 36.68 ? 48  PHE A C   1 
ATOM   374  O  O   . PHE A 1 49  ? 21.106  4.731   4.952   1.00 36.91 ? 48  PHE A O   1 
ATOM   375  C  CB  . PHE A 1 49  ? 18.277  4.707   5.452   1.00 33.84 ? 48  PHE A CB  1 
ATOM   376  C  CG  . PHE A 1 49  ? 17.017  5.306   6.013   1.00 35.60 ? 48  PHE A CG  1 
ATOM   377  C  CD1 . PHE A 1 49  ? 16.173  4.547   6.792   1.00 31.78 ? 48  PHE A CD1 1 
ATOM   378  C  CD2 . PHE A 1 49  ? 16.708  6.647   5.811   1.00 36.87 ? 48  PHE A CD2 1 
ATOM   379  C  CE1 . PHE A 1 49  ? 15.055  5.110   7.337   1.00 29.94 ? 48  PHE A CE1 1 
ATOM   380  C  CE2 . PHE A 1 49  ? 15.580  7.204   6.355   1.00 35.35 ? 48  PHE A CE2 1 
ATOM   381  C  CZ  . PHE A 1 49  ? 14.753  6.440   7.107   1.00 31.90 ? 48  PHE A CZ  1 
ATOM   382  N  N   . PRO A 1 50  ? 21.410  3.117   6.504   1.00 39.16 ? 49  PRO A N   1 
ATOM   383  C  CA  . PRO A 1 50  ? 22.769  2.758   6.050   1.00 39.47 ? 49  PRO A CA  1 
ATOM   384  C  C   . PRO A 1 50  ? 22.902  2.269   4.596   1.00 37.49 ? 49  PRO A C   1 
ATOM   385  O  O   . PRO A 1 50  ? 23.995  2.311   4.036   1.00 35.90 ? 49  PRO A O   1 
ATOM   386  C  CB  . PRO A 1 50  ? 23.198  1.666   7.037   1.00 39.89 ? 49  PRO A CB  1 
ATOM   387  C  CG  . PRO A 1 50  ? 22.270  1.801   8.182   1.00 41.75 ? 49  PRO A CG  1 
ATOM   388  C  CD  . PRO A 1 50  ? 20.998  2.291   7.645   1.00 39.66 ? 49  PRO A CD  1 
ATOM   389  N  N   . ASP A 1 51  ? 21.807  1.816   3.997   1.00 36.32 ? 50  ASP A N   1 
ATOM   390  C  CA  . ASP A 1 51  ? 21.840  1.368   2.617   1.00 35.68 ? 50  ASP A CA  1 
ATOM   391  C  C   . ASP A 1 51  ? 20.423  1.412   2.050   1.00 34.00 ? 50  ASP A C   1 
ATOM   392  O  O   . ASP A 1 51  ? 19.453  1.686   2.782   1.00 29.70 ? 50  ASP A O   1 
ATOM   393  C  CB  . ASP A 1 51  ? 22.461  -0.028  2.492   1.00 37.08 ? 50  ASP A CB  1 
ATOM   394  C  CG  . ASP A 1 51  ? 21.760  -1.082  3.366   1.00 40.83 ? 50  ASP A CG  1 
ATOM   395  O  OD1 . ASP A 1 51  ? 20.548  -0.992  3.569   1.00 39.98 ? 50  ASP A OD1 1 
ATOM   396  O  OD2 . ASP A 1 51  ? 22.430  -2.030  3.841   1.00 46.25 ? 50  ASP A OD2 1 
ATOM   397  N  N   . ARG A 1 52  ? 20.318  1.145   0.753   1.00 32.01 ? 51  ARG A N   1 
ATOM   398  C  CA  . ARG A 1 52  ? 19.052  1.207   0.043   1.00 31.89 ? 51  ARG A CA  1 
ATOM   399  C  C   . ARG A 1 52  ? 18.038  0.224   0.609   1.00 30.22 ? 51  ARG A C   1 
ATOM   400  O  O   . ARG A 1 52  ? 16.888  0.560   0.777   1.00 34.59 ? 51  ARG A O   1 
ATOM   401  C  CB  . ARG A 1 52  ? 19.275  0.945   -1.451  1.00 31.80 ? 51  ARG A CB  1 
ATOM   402  C  CG  . ARG A 1 52  ? 17.985  1.039   -2.281  1.00 34.33 ? 51  ARG A CG  1 
ATOM   403  C  CD  . ARG A 1 52  ? 17.279  2.370   -2.051  1.00 38.45 ? 51  ARG A CD  1 
ATOM   404  N  NE  . ARG A 1 52  ? 16.165  2.549   -2.980  1.00 41.22 ? 51  ARG A NE  1 
ATOM   405  C  CZ  . ARG A 1 52  ? 16.274  2.994   -4.233  1.00 42.52 ? 51  ARG A CZ  1 
ATOM   406  N  NH1 . ARG A 1 52  ? 17.444  3.335   -4.731  1.00 44.20 ? 51  ARG A NH1 1 
ATOM   407  N  NH2 . ARG A 1 52  ? 15.195  3.109   -4.998  1.00 39.95 ? 51  ARG A NH2 1 
ATOM   408  N  N   . PHE A 1 53  ? 18.472  -0.998  0.890   1.00 31.64 ? 52  PHE A N   1 
ATOM   409  C  CA  . PHE A 1 53  ? 17.583  -2.012  1.422   1.00 30.55 ? 52  PHE A CA  1 
ATOM   410  C  C   . PHE A 1 53  ? 16.974  -1.533  2.720   1.00 31.33 ? 52  PHE A C   1 
ATOM   411  O  O   . PHE A 1 53  ? 15.787  -1.687  2.933   1.00 30.72 ? 52  PHE A O   1 
ATOM   412  C  CB  . PHE A 1 53  ? 18.311  -3.327  1.637   1.00 32.01 ? 52  PHE A CB  1 
ATOM   413  C  CG  . PHE A 1 53  ? 17.406  -4.446  2.026   1.00 39.33 ? 52  PHE A CG  1 
ATOM   414  C  CD1 . PHE A 1 53  ? 16.461  -4.925  1.136   1.00 45.96 ? 52  PHE A CD1 1 
ATOM   415  C  CD2 . PHE A 1 53  ? 17.490  -5.028  3.277   1.00 45.29 ? 52  PHE A CD2 1 
ATOM   416  C  CE1 . PHE A 1 53  ? 15.619  -5.956  1.490   1.00 45.54 ? 52  PHE A CE1 1 
ATOM   417  C  CE2 . PHE A 1 53  ? 16.664  -6.082  3.617   1.00 40.94 ? 52  PHE A CE2 1 
ATOM   418  C  CZ  . PHE A 1 53  ? 15.731  -6.534  2.739   1.00 39.75 ? 52  PHE A CZ  1 
ATOM   419  N  N   . THR A 1 54  ? 17.788  -0.922  3.569   1.00 31.77 ? 53  THR A N   1 
ATOM   420  C  CA  . THR A 1 54  ? 17.324  -0.431  4.856   1.00 33.95 ? 53  THR A CA  1 
ATOM   421  C  C   . THR A 1 54  ? 16.304  0.676   4.688   1.00 33.58 ? 53  THR A C   1 
ATOM   422  O  O   . THR A 1 54  ? 15.268  0.692   5.381   1.00 32.67 ? 53  THR A O   1 
ATOM   423  C  CB  . THR A 1 54  ? 18.486  0.051   5.701   1.00 35.77 ? 53  THR A CB  1 
ATOM   424  O  OG1 . THR A 1 54  ? 19.443  -1.005  5.790   1.00 36.74 ? 53  THR A OG1 1 
ATOM   425  C  CG2 . THR A 1 54  ? 18.012  0.416   7.093   1.00 38.57 ? 53  THR A CG2 1 
ATOM   426  N  N   . LEU A 1 55  ? 16.568  1.605   3.779   1.00 29.51 ? 54  LEU A N   1 
ATOM   427  C  CA  . LEU A 1 55  ? 15.577  2.643   3.542   1.00 31.25 ? 54  LEU A CA  1 
ATOM   428  C  C   . LEU A 1 55  ? 14.243  2.007   3.026   1.00 32.01 ? 54  LEU A C   1 
ATOM   429  O  O   . LEU A 1 55  ? 13.142  2.324   3.497   1.00 30.29 ? 54  LEU A O   1 
ATOM   430  C  CB  . LEU A 1 55  ? 16.102  3.658   2.535   1.00 30.10 ? 54  LEU A CB  1 
ATOM   431  C  CG  . LEU A 1 55  ? 15.017  4.546   1.942   1.00 34.07 ? 54  LEU A CG  1 
ATOM   432  C  CD1 . LEU A 1 55  ? 14.423  5.399   3.056   1.00 28.14 ? 54  LEU A CD1 1 
ATOM   433  C  CD2 . LEU A 1 55  ? 15.562  5.412   0.804   1.00 30.76 ? 54  LEU A CD2 1 
ATOM   434  N  N   . ASP A 1 56  ? 14.352  1.155   2.024   1.00 30.77 ? 55  ASP A N   1 
ATOM   435  C  CA  . ASP A 1 56  ? 13.173  0.516   1.449   1.00 33.72 ? 55  ASP A CA  1 
ATOM   436  C  C   . ASP A 1 56  ? 12.412  -0.296  2.495   1.00 35.52 ? 55  ASP A C   1 
ATOM   437  O  O   . ASP A 1 56  ? 11.181  -0.232  2.538   1.00 36.18 ? 55  ASP A O   1 
ATOM   438  C  CB  . ASP A 1 56  ? 13.561  -0.339  0.235   1.00 34.16 ? 55  ASP A CB  1 
ATOM   439  C  CG  . ASP A 1 56  ? 13.958  0.516   -0.971  1.00 38.15 ? 55  ASP A CG  1 
ATOM   440  O  OD1 . ASP A 1 56  ? 13.543  1.707   -1.021  1.00 45.96 ? 55  ASP A OD1 1 
ATOM   441  O  OD2 . ASP A 1 56  ? 14.678  0.012   -1.856  1.00 44.77 ? 55  ASP A OD2 1 
HETATM 442  N  N   . MSE A 1 57  ? 13.122  -1.035  3.352   1.00 36.56 ? 56  MSE A N   1 
HETATM 443  C  CA  . MSE A 1 57  ? 12.437  -1.752  4.438   1.00 35.36 ? 56  MSE A CA  1 
HETATM 444  C  C   . MSE A 1 57  ? 11.816  -0.811  5.484   1.00 36.31 ? 56  MSE A C   1 
HETATM 445  O  O   . MSE A 1 57  ? 10.742  -1.120  6.062   1.00 35.93 ? 56  MSE A O   1 
HETATM 446  C  CB  . MSE A 1 57  ? 13.354  -2.774  5.096   1.00 35.96 ? 56  MSE A CB  1 
HETATM 447  C  CG  . MSE A 1 57  ? 13.672  -3.978  4.227   1.00 37.01 ? 56  MSE A CG  1 
HETATM 448  SE SE  . MSE A 1 57  ? 12.093  -4.849  3.365   0.75 42.36 ? 56  MSE A SE  1 
HETATM 449  C  CE  . MSE A 1 57  ? 11.953  -3.898  1.700   1.00 44.44 ? 56  MSE A CE  1 
ATOM   450  N  N   . ALA A 1 58  ? 12.447  0.336   5.746   1.00 34.53 ? 57  ALA A N   1 
ATOM   451  C  CA  . ALA A 1 58  ? 11.844  1.310   6.659   1.00 34.13 ? 57  ALA A CA  1 
ATOM   452  C  C   . ALA A 1 58  ? 10.559  1.856   6.035   1.00 34.32 ? 57  ALA A C   1 
ATOM   453  O  O   . ALA A 1 58  ? 9.609   2.162   6.742   1.00 35.29 ? 57  ALA A O   1 
ATOM   454  C  CB  . ALA A 1 58  ? 12.807  2.426   7.026   1.00 33.83 ? 57  ALA A CB  1 
ATOM   455  N  N   . CYS A 1 59  ? 10.523  1.977   4.710   1.00 34.48 ? 58  CYS A N   1 
ATOM   456  C  CA  . CYS A 1 59  ? 9.333   2.425   4.015   1.00 33.19 ? 58  CYS A CA  1 
ATOM   457  C  C   . CYS A 1 59  ? 8.225   1.375   4.115   1.00 32.71 ? 58  CYS A C   1 
ATOM   458  O  O   . CYS A 1 59  ? 7.093   1.718   4.358   1.00 31.77 ? 58  CYS A O   1 
ATOM   459  C  CB  . CYS A 1 59  ? 9.598   2.730   2.533   1.00 34.80 ? 58  CYS A CB  1 
ATOM   460  S  SG  . CYS A 1 59  ? 10.630  4.180   2.244   1.00 39.46 ? 58  CYS A SG  1 
ATOM   461  N  N   . ALA A 1 60  ? 8.574   0.114   3.878   1.00 32.57 ? 59  ALA A N   1 
ATOM   462  C  CA  . ALA A 1 60  ? 7.664   -1.012  4.043   1.00 33.27 ? 59  ALA A CA  1 
ATOM   463  C  C   . ALA A 1 60  ? 7.068   -1.026  5.436   1.00 33.66 ? 59  ALA A C   1 
ATOM   464  O  O   . ALA A 1 60  ? 5.874   -1.186  5.632   1.00 31.43 ? 59  ALA A O   1 
ATOM   465  C  CB  . ALA A 1 60  ? 8.390   -2.298  3.788   1.00 31.65 ? 59  ALA A CB  1 
ATOM   466  N  N   . GLN A 1 61  ? 7.932   -0.917  6.424   1.00 37.28 ? 60  GLN A N   1 
ATOM   467  C  CA  . GLN A 1 61  ? 7.503   -0.914  7.795   1.00 38.24 ? 60  GLN A CA  1 
ATOM   468  C  C   . GLN A 1 61  ? 6.504   0.210   8.036   1.00 36.52 ? 60  GLN A C   1 
ATOM   469  O  O   . GLN A 1 61  ? 5.449   -0.026  8.580   1.00 37.82 ? 60  GLN A O   1 
ATOM   470  C  CB  . GLN A 1 61  ? 8.721   -0.799  8.697   1.00 40.24 ? 60  GLN A CB  1 
ATOM   471  C  CG  . GLN A 1 61  ? 8.407   -0.785  10.157  1.00 44.29 ? 60  GLN A CG  1 
ATOM   472  C  CD  . GLN A 1 61  ? 9.651   -0.953  10.970  1.00 53.88 ? 60  GLN A CD  1 
ATOM   473  O  OE1 . GLN A 1 61  ? 10.700  -1.369  10.458  1.00 60.14 ? 60  GLN A OE1 1 
ATOM   474  N  NE2 . GLN A 1 61  ? 9.552   -0.639  12.240  1.00 46.89 ? 60  GLN A NE2 1 
ATOM   475  N  N   . TYR A 1 62  ? 6.833   1.427   7.617   1.00 37.28 ? 61  TYR A N   1 
ATOM   476  C  CA  . TYR A 1 62  ? 5.908   2.563   7.740   1.00 35.51 ? 61  TYR A CA  1 
ATOM   477  C  C   . TYR A 1 62  ? 4.565   2.291   7.053   1.00 34.19 ? 61  TYR A C   1 
ATOM   478  O  O   . TYR A 1 62  ? 3.495   2.523   7.614   1.00 30.30 ? 61  TYR A O   1 
ATOM   479  C  CB  . TYR A 1 62  ? 6.544   3.828   7.132   1.00 36.96 ? 61  TYR A CB  1 
ATOM   480  C  CG  . TYR A 1 62  ? 5.576   4.976   6.972   1.00 39.81 ? 61  TYR A CG  1 
ATOM   481  C  CD1 . TYR A 1 62  ? 5.150   5.701   8.075   1.00 43.83 ? 61  TYR A CD1 1 
ATOM   482  C  CD2 . TYR A 1 62  ? 5.066   5.325   5.710   1.00 39.09 ? 61  TYR A CD2 1 
ATOM   483  C  CE1 . TYR A 1 62  ? 4.242   6.741   7.937   1.00 46.00 ? 61  TYR A CE1 1 
ATOM   484  C  CE2 . TYR A 1 62  ? 4.176   6.392   5.557   1.00 41.48 ? 61  TYR A CE2 1 
ATOM   485  C  CZ  . TYR A 1 62  ? 3.761   7.076   6.677   1.00 44.42 ? 61  TYR A CZ  1 
ATOM   486  O  OH  . TYR A 1 62  ? 2.849   8.092   6.562   1.00 50.43 ? 61  TYR A OH  1 
ATOM   487  N  N   . LEU A 1 63  ? 4.616   1.798   5.821   1.00 33.43 ? 62  LEU A N   1 
ATOM   488  C  CA  . LEU A 1 63  ? 3.390   1.528   5.071   1.00 30.43 ? 62  LEU A CA  1 
ATOM   489  C  C   . LEU A 1 63  ? 2.542   0.441   5.693   1.00 32.35 ? 62  LEU A C   1 
ATOM   490  O  O   . LEU A 1 63  ? 1.331   0.561   5.688   1.00 32.79 ? 62  LEU A O   1 
ATOM   491  C  CB  . LEU A 1 63  ? 3.711   1.208   3.622   1.00 32.77 ? 62  LEU A CB  1 
ATOM   492  C  CG  . LEU A 1 63  ? 4.294   2.457   2.889   1.00 32.28 ? 62  LEU A CG  1 
ATOM   493  C  CD1 . LEU A 1 63  ? 4.926   2.037   1.617   1.00 37.67 ? 62  LEU A CD1 1 
ATOM   494  C  CD2 . LEU A 1 63  ? 3.245   3.524   2.671   1.00 36.21 ? 62  LEU A CD2 1 
ATOM   495  N  N   . PHE A 1 64  ? 3.161   -0.630  6.202   1.00 31.36 ? 63  PHE A N   1 
ATOM   496  C  CA  . PHE A 1 64  ? 2.398   -1.673  6.886   1.00 32.52 ? 63  PHE A CA  1 
ATOM   497  C  C   . PHE A 1 64  ? 1.712   -1.108  8.127   1.00 34.81 ? 63  PHE A C   1 
ATOM   498  O  O   . PHE A 1 64  ? 0.553   -1.417  8.394   1.00 35.86 ? 63  PHE A O   1 
ATOM   499  C  CB  . PHE A 1 64  ? 3.279   -2.866  7.273   1.00 30.99 ? 63  PHE A CB  1 
ATOM   500  C  CG  . PHE A 1 64  ? 3.459   -3.887  6.172   1.00 29.61 ? 63  PHE A CG  1 
ATOM   501  C  CD1 . PHE A 1 64  ? 2.384   -4.629  5.715   1.00 36.32 ? 63  PHE A CD1 1 
ATOM   502  C  CD2 . PHE A 1 64  ? 4.705   -4.202  5.703   1.00 33.66 ? 63  PHE A CD2 1 
ATOM   503  C  CE1 . PHE A 1 64  ? 2.547   -5.597  4.756   1.00 35.99 ? 63  PHE A CE1 1 
ATOM   504  C  CE2 . PHE A 1 64  ? 4.872   -5.168  4.740   1.00 35.02 ? 63  PHE A CE2 1 
ATOM   505  C  CZ  . PHE A 1 64  ? 3.796   -5.866  4.266   1.00 32.54 ? 63  PHE A CZ  1 
ATOM   506  N  N   . ASN A 1 65  ? 2.421   -0.273  8.877   1.00 34.47 ? 64  ASN A N   1 
ATOM   507  C  CA  . ASN A 1 65  ? 1.809   0.392   10.023  1.00 38.75 ? 64  ASN A CA  1 
ATOM   508  C  C   . ASN A 1 65  ? 0.587   1.231   9.624   1.00 35.41 ? 64  ASN A C   1 
ATOM   509  O  O   . ASN A 1 65  ? -0.426  1.184   10.294  1.00 37.69 ? 64  ASN A O   1 
ATOM   510  C  CB  . ASN A 1 65  ? 2.850   1.227   10.790  1.00 38.31 ? 64  ASN A CB  1 
ATOM   511  C  CG  . ASN A 1 65  ? 3.760   0.359   11.588  1.00 42.07 ? 64  ASN A CG  1 
ATOM   512  O  OD1 . ASN A 1 65  ? 3.305   -0.611  12.175  1.00 42.75 ? 64  ASN A OD1 1 
ATOM   513  N  ND2 . ASN A 1 65  ? 5.037   0.698   11.642  1.00 43.98 ? 64  ASN A ND2 1 
ATOM   514  N  N   . VAL A 1 66  ? 0.688   1.960   8.525   1.00 34.53 ? 65  VAL A N   1 
ATOM   515  C  CA  . VAL A 1 66  ? -0.432  2.750   8.012   1.00 35.91 ? 65  VAL A CA  1 
ATOM   516  C  C   . VAL A 1 66  ? -1.586  1.843   7.548   1.00 36.43 ? 65  VAL A C   1 
ATOM   517  O  O   . VAL A 1 66  ? -2.741  2.067   7.939   1.00 37.35 ? 65  VAL A O   1 
ATOM   518  C  CB  . VAL A 1 66  ? -0.010  3.697   6.833   1.00 36.55 ? 65  VAL A CB  1 
ATOM   519  C  CG1 . VAL A 1 66  ? -1.234  4.451   6.301   1.00 38.32 ? 65  VAL A CG1 1 
ATOM   520  C  CG2 . VAL A 1 66  ? 1.093   4.706   7.285   1.00 43.02 ? 65  VAL A CG2 1 
ATOM   521  N  N   . VAL A 1 67  ? -1.285  0.810   6.758   1.00 34.34 ? 66  VAL A N   1 
ATOM   522  C  CA  . VAL A 1 67  ? -2.336  -0.149  6.329   1.00 35.33 ? 66  VAL A CA  1 
ATOM   523  C  C   . VAL A 1 67  ? -3.046  -0.768  7.528   1.00 31.24 ? 66  VAL A C   1 
ATOM   524  O  O   . VAL A 1 67  ? -4.261  -0.907  7.523   1.00 30.02 ? 66  VAL A O   1 
ATOM   525  C  CB  . VAL A 1 67  ? -1.793  -1.297  5.422   1.00 33.64 ? 66  VAL A CB  1 
ATOM   526  C  CG1 . VAL A 1 67  ? -2.870  -2.374  5.148   1.00 36.95 ? 66  VAL A CG1 1 
ATOM   527  C  CG2 . VAL A 1 67  ? -1.308  -0.716  4.111   1.00 40.91 ? 66  VAL A CG2 1 
ATOM   528  N  N   . ILE A 1 68  ? -2.291  -1.154  8.554   1.00 31.89 ? 67  ILE A N   1 
ATOM   529  C  CA  . ILE A 1 68  ? -2.902  -1.724  9.774   1.00 29.85 ? 67  ILE A CA  1 
ATOM   530  C  C   . ILE A 1 68  ? -3.883  -0.746  10.457  1.00 29.85 ? 67  ILE A C   1 
ATOM   531  O  O   . ILE A 1 68  ? -4.954  -1.155  10.894  1.00 32.68 ? 67  ILE A O   1 
ATOM   532  C  CB  . ILE A 1 68  ? -1.830  -2.261  10.702  1.00 30.02 ? 67  ILE A CB  1 
ATOM   533  C  CG1 . ILE A 1 68  ? -1.264  -3.545  10.084  1.00 34.07 ? 67  ILE A CG1 1 
ATOM   534  C  CG2 . ILE A 1 68  ? -2.391  -2.571  12.069  1.00 32.87 ? 67  ILE A CG2 1 
ATOM   535  C  CD1 . ILE A 1 68  ? 0.034   -3.968  10.655  1.00 32.95 ? 67  ILE A CD1 1 
ATOM   536  N  N   . SER A 1 69  ? -3.536  0.535   10.536  1.00 31.60 ? 68  SER A N   1 
ATOM   537  C  CA  A SER A 1 69  ? -4.461  1.507   11.093  0.50 31.33 ? 68  SER A CA  1 
ATOM   538  C  CA  B SER A 1 69  ? -4.430  1.567   11.064  0.50 30.79 ? 68  SER A CA  1 
ATOM   539  C  C   . SER A 1 69  ? -5.692  1.666   10.210  1.00 31.61 ? 68  SER A C   1 
ATOM   540  O  O   . SER A 1 69  ? -6.784  1.793   10.737  1.00 32.64 ? 68  SER A O   1 
ATOM   541  C  CB  A SER A 1 69  ? -3.779  2.840   11.395  0.50 33.71 ? 68  SER A CB  1 
ATOM   542  C  CB  B SER A 1 69  ? -3.736  2.952   11.155  0.50 32.71 ? 68  SER A CB  1 
ATOM   543  O  OG  A SER A 1 69  ? -3.006  2.696   12.575  0.50 33.95 ? 68  SER A OG  1 
ATOM   544  O  OG  B SER A 1 69  ? -3.467  3.543   9.888   0.50 31.01 ? 68  SER A OG  1 
ATOM   545  N  N   . LEU A 1 70  ? -5.551  1.627   8.879   1.00 30.32 ? 69  LEU A N   1 
ATOM   546  C  CA  . LEU A 1 70  ? -6.751  1.682   8.018   1.00 33.15 ? 69  LEU A CA  1 
ATOM   547  C  C   . LEU A 1 70  ? -7.614  0.434   8.245   1.00 31.52 ? 69  LEU A C   1 
ATOM   548  O  O   . LEU A 1 70  ? -8.844  0.524   8.316   1.00 33.81 ? 69  LEU A O   1 
ATOM   549  C  CB  . LEU A 1 70  ? -6.443  1.790   6.508   1.00 35.68 ? 69  LEU A CB  1 
ATOM   550  C  CG  . LEU A 1 70  ? -5.357  2.717   5.945   1.00 44.40 ? 69  LEU A CG  1 
ATOM   551  C  CD1 . LEU A 1 70  ? -5.551  2.858   4.429   1.00 47.09 ? 69  LEU A CD1 1 
ATOM   552  C  CD2 . LEU A 1 70  ? -5.254  4.078   6.599   1.00 43.46 ? 69  LEU A CD2 1 
ATOM   553  N  N   . GLN A 1 71  ? -6.977  -0.737  8.340   1.00 29.67 ? 70  GLN A N   1 
ATOM   554  C  CA  . GLN A 1 71  ? -7.702  -1.982  8.621   1.00 27.99 ? 70  GLN A CA  1 
ATOM   555  C  C   . GLN A 1 71  ? -8.440  -1.933  9.955   1.00 26.47 ? 70  GLN A C   1 
ATOM   556  O  O   . GLN A 1 71  ? -9.553  -2.346  10.058  1.00 29.27 ? 70  GLN A O   1 
ATOM   557  C  CB  . GLN A 1 71  ? -6.752  -3.173  8.612   1.00 28.46 ? 70  GLN A CB  1 
ATOM   558  C  CG  . GLN A 1 71  ? -6.238  -3.542  7.257   1.00 31.10 ? 70  GLN A CG  1 
ATOM   559  C  CD  . GLN A 1 71  ? -5.256  -4.664  7.313   1.00 32.07 ? 70  GLN A CD  1 
ATOM   560  O  OE1 . GLN A 1 71  ? -4.396  -4.695  8.184   1.00 30.52 ? 70  GLN A OE1 1 
ATOM   561  N  NE2 . GLN A 1 71  ? -5.347  -5.586  6.352   1.00 23.57 ? 70  GLN A NE2 1 
ATOM   562  N  N   . LEU A 1 72  ? -7.785  -1.448  10.991  1.00 30.05 ? 71  LEU A N   1 
ATOM   563  C  CA  . LEU A 1 72  ? -8.426  -1.331  12.302  1.00 27.44 ? 71  LEU A CA  1 
ATOM   564  C  C   . LEU A 1 72  ? -9.536  -0.295  12.282  1.00 27.47 ? 71  LEU A C   1 
ATOM   565  O  O   . LEU A 1 72  ? -10.567 -0.499  12.895  1.00 28.22 ? 71  LEU A O   1 
ATOM   566  C  CB  . LEU A 1 72  ? -7.385  -1.068  13.406  1.00 28.98 ? 71  LEU A CB  1 
ATOM   567  C  CG  . LEU A 1 72  ? -6.408  -2.224  13.586  1.00 26.21 ? 71  LEU A CG  1 
ATOM   568  C  CD1 . LEU A 1 72  ? -5.352  -1.900  14.650  1.00 36.26 ? 71  LEU A CD1 1 
ATOM   569  C  CD2 . LEU A 1 72  ? -7.096  -3.532  13.942  1.00 36.17 ? 71  LEU A CD2 1 
ATOM   570  N  N   . GLN A 1 73  ? -9.380  0.821   11.576  1.00 29.98 ? 72  GLN A N   1 
ATOM   571  C  CA  . GLN A 1 73  ? -10.512 1.737   11.480  1.00 30.83 ? 72  GLN A CA  1 
ATOM   572  C  C   . GLN A 1 73  ? -11.704 1.055   10.759  1.00 30.36 ? 72  GLN A C   1 
ATOM   573  O  O   . GLN A 1 73  ? -12.855 1.094   11.210  1.00 27.74 ? 72  GLN A O   1 
ATOM   574  C  CB  . GLN A 1 73  ? -10.135 3.032   10.763  1.00 31.93 ? 72  GLN A CB  1 
ATOM   575  C  CG  . GLN A 1 73  ? -11.396 3.814   10.388  1.00 34.37 ? 72  GLN A CG  1 
ATOM   576  C  CD  . GLN A 1 73  ? -11.135 5.209   9.830   1.00 36.76 ? 72  GLN A CD  1 
ATOM   577  O  OE1 . GLN A 1 73  ? -10.177 5.904   10.222  1.00 32.59 ? 72  GLN A OE1 1 
ATOM   578  N  NE2 . GLN A 1 73  ? -12.033 5.645   8.928   1.00 35.81 ? 72  GLN A NE2 1 
ATOM   579  N  N   . ALA A 1 74  ? -11.408 0.386   9.663   1.00 30.04 ? 73  ALA A N   1 
ATOM   580  C  CA  . ALA A 1 74  ? -12.429 -0.273  8.879   1.00 27.79 ? 73  ALA A CA  1 
ATOM   581  C  C   . ALA A 1 74  ? -13.108 -1.408  9.627   1.00 26.86 ? 73  ALA A C   1 
ATOM   582  O  O   . ALA A 1 74  ? -14.316 -1.512  9.575   1.00 28.27 ? 73  ALA A O   1 
ATOM   583  C  CB  . ALA A 1 74  ? -11.857 -0.763  7.572   1.00 30.00 ? 73  ALA A CB  1 
ATOM   584  N  N   . ILE A 1 75  ? -12.340 -2.250  10.315  1.00 28.90 ? 74  ILE A N   1 
ATOM   585  C  CA  . ILE A 1 75  ? -12.905 -3.355  11.081  1.00 25.94 ? 74  ILE A CA  1 
ATOM   586  C  C   . ILE A 1 75  ? -13.854 -2.793  12.149  1.00 30.22 ? 74  ILE A C   1 
ATOM   587  O  O   . ILE A 1 75  ? -15.014 -3.206  12.228  1.00 25.21 ? 74  ILE A O   1 
ATOM   588  C  CB  . ILE A 1 75  ? -11.812 -4.280  11.719  1.00 29.84 ? 74  ILE A CB  1 
ATOM   589  C  CG1 . ILE A 1 75  ? -11.072 -5.096  10.640  1.00 29.88 ? 74  ILE A CG1 1 
ATOM   590  C  CG2 . ILE A 1 75  ? -12.446 -5.237  12.744  1.00 32.60 ? 74  ILE A CG2 1 
ATOM   591  C  CD1 . ILE A 1 75  ? -9.809  -5.829  11.139  1.00 24.04 ? 74  ILE A CD1 1 
ATOM   592  N  N   . SER A 1 76  ? -13.412 -1.809  12.921  1.00 31.48 ? 75  SER A N   1 
ATOM   593  C  CA  . SER A 1 76  ? -14.286 -1.282  13.978  1.00 34.69 ? 75  SER A CA  1 
ATOM   594  C  C   . SER A 1 76  ? -15.536 -0.550  13.457  1.00 33.77 ? 75  SER A C   1 
ATOM   595  O  O   . SER A 1 76  ? -16.580 -0.610  14.077  1.00 29.32 ? 75  SER A O   1 
ATOM   596  C  CB  . SER A 1 76  ? -13.504 -0.357  14.917  1.00 36.35 ? 75  SER A CB  1 
ATOM   597  O  OG  . SER A 1 76  ? -12.995 0.790   14.244  1.00 47.79 ? 75  SER A OG  1 
ATOM   598  N  N   . THR A 1 77  ? -15.409 0.138   12.330  1.00 32.74 ? 76  THR A N   1 
ATOM   599  C  CA  . THR A 1 77  ? -16.480 0.949   11.764  1.00 31.56 ? 76  THR A CA  1 
ATOM   600  C  C   . THR A 1 77  ? -17.444 0.130   10.878  1.00 31.33 ? 76  THR A C   1 
ATOM   601  O  O   . THR A 1 77  ? -18.615 0.487   10.703  1.00 30.85 ? 76  THR A O   1 
ATOM   602  C  CB  A THR A 1 77  ? -15.840 2.100   10.908  0.50 33.05 ? 76  THR A CB  1 
ATOM   603  C  CB  B THR A 1 77  ? -15.906 2.107   10.941  0.50 31.35 ? 76  THR A CB  1 
ATOM   604  O  OG1 A THR A 1 77  ? -14.933 2.869   11.709  0.50 41.74 ? 76  THR A OG1 1 
ATOM   605  O  OG1 B THR A 1 77  ? -14.877 1.610   10.070  0.50 16.90 ? 76  THR A OG1 1 
ATOM   606  C  CG2 A THR A 1 77  ? -16.872 3.053   10.312  0.50 37.17 ? 76  THR A CG2 1 
ATOM   607  C  CG2 B THR A 1 77  ? -15.330 3.180   11.856  0.50 35.39 ? 76  THR A CG2 1 
ATOM   608  N  N   . PHE A 1 78  ? -16.948 -0.989  10.362  1.00 33.55 ? 77  PHE A N   1 
ATOM   609  C  CA  . PHE A 1 78  ? -17.679 -1.830  9.397   1.00 35.17 ? 77  PHE A CA  1 
ATOM   610  C  C   . PHE A 1 78  ? -19.126 -2.142  9.747   1.00 35.60 ? 77  PHE A C   1 
ATOM   611  O  O   . PHE A 1 78  ? -19.997 -1.881  8.945   1.00 34.14 ? 77  PHE A O   1 
ATOM   612  C  CB  . PHE A 1 78  ? -16.972 -3.173  9.166   1.00 35.71 ? 77  PHE A CB  1 
ATOM   613  C  CG  . PHE A 1 78  ? -17.086 -3.676  7.754   1.00 34.83 ? 77  PHE A CG  1 
ATOM   614  C  CD1 . PHE A 1 78  ? -18.264 -4.256  7.283   1.00 33.83 ? 77  PHE A CD1 1 
ATOM   615  C  CD2 . PHE A 1 78  ? -15.998 -3.575  6.891   1.00 41.15 ? 77  PHE A CD2 1 
ATOM   616  C  CE1 . PHE A 1 78  ? -18.341 -4.691  5.994   1.00 33.25 ? 77  PHE A CE1 1 
ATOM   617  C  CE2 . PHE A 1 78  ? -16.077 -4.031  5.608   1.00 37.47 ? 77  PHE A CE2 1 
ATOM   618  C  CZ  . PHE A 1 78  ? -17.257 -4.581  5.161   1.00 35.74 ? 77  PHE A CZ  1 
ATOM   619  N  N   . PRO A 1 79  ? -19.396 -2.669  10.962  1.00 39.12 ? 78  PRO A N   1 
ATOM   620  C  CA  . PRO A 1 79  ? -20.763 -3.107  11.315  1.00 36.00 ? 78  PRO A CA  1 
ATOM   621  C  C   . PRO A 1 79  ? -21.885 -2.098  11.151  1.00 37.57 ? 78  PRO A C   1 
ATOM   622  O  O   . PRO A 1 79  ? -23.062 -2.501  10.970  1.00 40.91 ? 78  PRO A O   1 
ATOM   623  C  CB  . PRO A 1 79  ? -20.634 -3.490  12.789  1.00 37.17 ? 78  PRO A CB  1 
ATOM   624  C  CG  . PRO A 1 79  ? -19.220 -3.885  12.944  1.00 39.65 ? 78  PRO A CG  1 
ATOM   625  C  CD  . PRO A 1 79  ? -18.468 -2.880  12.093  1.00 38.65 ? 78  PRO A CD  1 
ATOM   626  N  N   . THR A 1 80  ? -21.565 -0.813  11.261  1.00 36.90 ? 79  THR A N   1 
ATOM   627  C  CA  . THR A 1 80  ? -22.576 0.195   11.121  1.00 37.61 ? 79  THR A CA  1 
ATOM   628  C  C   . THR A 1 80  ? -22.501 1.023   9.842   1.00 37.22 ? 79  THR A C   1 
ATOM   629  O  O   . THR A 1 80  ? -23.156 2.060   9.740   1.00 36.99 ? 79  THR A O   1 
ATOM   630  C  CB  . THR A 1 80  ? -22.666 1.100   12.356  1.00 41.28 ? 79  THR A CB  1 
ATOM   631  O  OG1 . THR A 1 80  ? -21.437 1.767   12.532  1.00 42.92 ? 79  THR A OG1 1 
ATOM   632  C  CG2 . THR A 1 80  ? -23.039 0.297   13.640  1.00 42.50 ? 79  THR A CG2 1 
ATOM   633  N  N   . ASP A 1 81  ? -21.706 0.581   8.869   1.00 36.84 ? 80  ASP A N   1 
ATOM   634  C  CA  . ASP A 1 81  ? -21.720 1.199   7.539   1.00 37.41 ? 80  ASP A CA  1 
ATOM   635  C  C   . ASP A 1 81  ? -20.940 0.308   6.578   1.00 36.17 ? 80  ASP A C   1 
ATOM   636  O  O   . ASP A 1 81  ? -20.004 0.748   5.979   1.00 32.76 ? 80  ASP A O   1 
ATOM   637  C  CB  . ASP A 1 81  ? -21.134 2.611   7.551   1.00 38.80 ? 80  ASP A CB  1 
ATOM   638  C  CG  . ASP A 1 81  ? -21.267 3.319   6.201   1.00 42.50 ? 80  ASP A CG  1 
ATOM   639  O  OD1 . ASP A 1 81  ? -22.099 2.910   5.348   1.00 47.17 ? 80  ASP A OD1 1 
ATOM   640  O  OD2 . ASP A 1 81  ? -20.531 4.301   6.007   1.00 49.48 ? 80  ASP A OD2 1 
ATOM   641  N  N   . PRO A 1 82  ? -21.394 -0.932  6.388   1.00 35.69 ? 81  PRO A N   1 
ATOM   642  C  CA  . PRO A 1 82  ? -20.652 -1.933  5.627   1.00 35.53 ? 81  PRO A CA  1 
ATOM   643  C  C   . PRO A 1 82  ? -20.219 -1.481  4.234   1.00 34.02 ? 81  PRO A C   1 
ATOM   644  O  O   . PRO A 1 82  ? -19.030 -1.480  3.932   1.00 34.09 ? 81  PRO A O   1 
ATOM   645  C  CB  . PRO A 1 82  ? -21.637 -3.102  5.528   1.00 37.54 ? 81  PRO A CB  1 
ATOM   646  C  CG  . PRO A 1 82  ? -22.665 -2.848  6.534   1.00 37.67 ? 81  PRO A CG  1 
ATOM   647  C  CD  . PRO A 1 82  ? -22.713 -1.409  6.816   1.00 33.48 ? 81  PRO A CD  1 
ATOM   648  N  N   . GLU A 1 83  ? -21.165 -1.066  3.405   1.00 33.16 ? 82  GLU A N   1 
ATOM   649  C  CA  . GLU A 1 83  ? -20.830 -0.658  2.053   1.00 35.13 ? 82  GLU A CA  1 
ATOM   650  C  C   . GLU A 1 83  ? -19.932 0.562   2.007   1.00 35.10 ? 82  GLU A C   1 
ATOM   651  O  O   . GLU A 1 83  ? -18.996 0.634   1.187   1.00 33.50 ? 82  GLU A O   1 
ATOM   652  C  CB  . GLU A 1 83  ? -22.085 -0.390  1.228   1.00 35.84 ? 82  GLU A CB  1 
ATOM   653  C  CG  . GLU A 1 83  ? -21.742 -0.164  -0.231  1.00 43.27 ? 82  GLU A CG  1 
ATOM   654  C  CD  . GLU A 1 83  ? -22.952 -0.155  -1.111  1.00 56.35 ? 82  GLU A CD  1 
ATOM   655  O  OE1 . GLU A 1 83  ? -23.877 0.654   -0.854  1.00 69.65 ? 82  GLU A OE1 1 
ATOM   656  O  OE2 . GLU A 1 83  ? -22.967 -0.949  -2.078  1.00 72.68 ? 82  GLU A OE2 1 
ATOM   657  N  N   . GLY A 1 84  ? -20.228 1.516   2.875   1.00 33.29 ? 83  GLY A N   1 
ATOM   658  C  CA  . GLY A 1 84  ? -19.478 2.758   2.963   1.00 35.22 ? 83  GLY A CA  1 
ATOM   659  C  C   . GLY A 1 84  ? -18.056 2.496   3.398   1.00 35.20 ? 83  GLY A C   1 
ATOM   660  O  O   . GLY A 1 84  ? -17.117 2.944   2.749   1.00 36.16 ? 83  GLY A O   1 
ATOM   661  N  N   . VAL A 1 85  ? -17.891 1.735   4.472   1.00 34.07 ? 84  VAL A N   1 
ATOM   662  C  CA  . VAL A 1 85  ? -16.545 1.398   4.957   1.00 35.57 ? 84  VAL A CA  1 
ATOM   663  C  C   . VAL A 1 85  ? -15.752 0.529   3.938   1.00 35.47 ? 84  VAL A C   1 
ATOM   664  O  O   . VAL A 1 85  ? -14.588 0.759   3.688   1.00 35.02 ? 84  VAL A O   1 
ATOM   665  C  CB  . VAL A 1 85  ? -16.630 0.701   6.345   1.00 32.98 ? 84  VAL A CB  1 
ATOM   666  C  CG1 . VAL A 1 85  ? -15.300 0.106   6.782   1.00 32.46 ? 84  VAL A CG1 1 
ATOM   667  C  CG2 . VAL A 1 85  ? -17.132 1.661   7.389   1.00 36.45 ? 84  VAL A CG2 1 
ATOM   668  N  N   . TRP A 1 86  ? -16.396 -0.491  3.377   1.00 35.26 ? 85  TRP A N   1 
ATOM   669  C  CA  . TRP A 1 86  ? -15.773 -1.387  2.412   1.00 33.42 ? 85  TRP A CA  1 
ATOM   670  C  C   . TRP A 1 86  ? -15.248 -0.621  1.190   1.00 34.16 ? 85  TRP A C   1 
ATOM   671  O  O   . TRP A 1 86  ? -14.130 -0.820  0.758   1.00 36.74 ? 85  TRP A O   1 
ATOM   672  C  CB  . TRP A 1 86  ? -16.786 -2.461  1.939   1.00 34.46 ? 85  TRP A CB  1 
ATOM   673  C  CG  . TRP A 1 86  ? -16.234 -3.423  0.918   1.00 30.54 ? 85  TRP A CG  1 
ATOM   674  C  CD1 . TRP A 1 86  ? -16.670 -3.606  -0.335  1.00 34.28 ? 85  TRP A CD1 1 
ATOM   675  C  CD2 . TRP A 1 86  ? -15.116 -4.316  1.085   1.00 35.58 ? 85  TRP A CD2 1 
ATOM   676  N  NE1 . TRP A 1 86  ? -15.908 -4.546  -0.968  1.00 32.26 ? 85  TRP A NE1 1 
ATOM   677  C  CE2 . TRP A 1 86  ? -14.964 -5.017  -0.110  1.00 34.04 ? 85  TRP A CE2 1 
ATOM   678  C  CE3 . TRP A 1 86  ? -14.240 -4.581  2.131   1.00 35.80 ? 85  TRP A CE3 1 
ATOM   679  C  CZ2 . TRP A 1 86  ? -13.958 -5.951  -0.309  1.00 33.57 ? 85  TRP A CZ2 1 
ATOM   680  C  CZ3 . TRP A 1 86  ? -13.243 -5.512  1.941   1.00 39.16 ? 85  TRP A CZ3 1 
ATOM   681  C  CH2 . TRP A 1 86  ? -13.106 -6.184  0.723   1.00 38.35 ? 85  TRP A CH2 1 
ATOM   682  N  N   . THR A 1 87  ? -16.080 0.249   0.649   1.00 35.27 ? 86  THR A N   1 
ATOM   683  C  CA  A THR A 1 87  ? -15.748 1.057   -0.501  0.50 36.64 ? 86  THR A CA  1 
ATOM   684  C  CA  B THR A 1 87  ? -15.700 1.016   -0.528  0.50 37.02 ? 86  THR A CA  1 
ATOM   685  C  C   . THR A 1 87  ? -14.622 2.055   -0.208  1.00 37.29 ? 86  THR A C   1 
ATOM   686  O  O   . THR A 1 87  ? -13.632 2.122   -0.914  1.00 38.27 ? 86  THR A O   1 
ATOM   687  C  CB  A THR A 1 87  ? -17.001 1.815   -0.941  0.50 35.40 ? 86  THR A CB  1 
ATOM   688  C  CB  B THR A 1 87  ? -16.901 1.684   -1.238  0.50 36.23 ? 86  THR A CB  1 
ATOM   689  O  OG1 A THR A 1 87  ? -18.031 0.863   -1.236  0.50 33.75 ? 86  THR A OG1 1 
ATOM   690  O  OG1 B THR A 1 87  ? -17.540 2.615   -0.360  0.50 37.66 ? 86  THR A OG1 1 
ATOM   691  C  CG2 A THR A 1 87  ? -16.726 2.666   -2.155  0.50 37.08 ? 86  THR A CG2 1 
ATOM   692  C  CG2 B THR A 1 87  ? -17.911 0.629   -1.721  0.50 35.98 ? 86  THR A CG2 1 
ATOM   693  N  N   . SER A 1 88  ? -14.790 2.832   0.850   1.00 36.93 ? 87  SER A N   1 
ATOM   694  C  CA  . SER A 1 88  ? -13.769 3.829   1.215   1.00 39.74 ? 87  SER A CA  1 
ATOM   695  C  C   . SER A 1 88  ? -12.420 3.204   1.577   1.00 37.44 ? 87  SER A C   1 
ATOM   696  O  O   . SER A 1 88  ? -11.376 3.789   1.304   1.00 35.34 ? 87  SER A O   1 
ATOM   697  C  CB  . SER A 1 88  ? -14.261 4.743   2.341   1.00 41.93 ? 87  SER A CB  1 
ATOM   698  O  OG  . SER A 1 88  ? -14.383 4.028   3.550   1.00 49.79 ? 87  SER A OG  1 
ATOM   699  N  N   . PHE A 1 89  ? -12.431 2.031   2.207   1.00 37.92 ? 88  PHE A N   1 
ATOM   700  C  CA  . PHE A 1 89  ? -11.202 1.320   2.517   1.00 37.31 ? 88  PHE A CA  1 
ATOM   701  C  C   . PHE A 1 89  ? -10.436 0.936   1.224   1.00 38.54 ? 88  PHE A C   1 
ATOM   702  O  O   . PHE A 1 89  ? -9.223  1.134   1.119   1.00 38.46 ? 88  PHE A O   1 
ATOM   703  C  CB  . PHE A 1 89  ? -11.506 0.066   3.344   1.00 37.50 ? 88  PHE A CB  1 
ATOM   704  C  CG  . PHE A 1 89  ? -10.324 -0.797  3.565   1.00 32.30 ? 88  PHE A CG  1 
ATOM   705  C  CD1 . PHE A 1 89  ? -9.359  -0.443  4.495   1.00 37.58 ? 88  PHE A CD1 1 
ATOM   706  C  CD2 . PHE A 1 89  ? -10.125 -1.940  2.794   1.00 41.45 ? 88  PHE A CD2 1 
ATOM   707  C  CE1 . PHE A 1 89  ? -8.219  -1.235  4.679   1.00 39.00 ? 88  PHE A CE1 1 
ATOM   708  C  CE2 . PHE A 1 89  ? -8.999  -2.735  2.962   1.00 41.88 ? 88  PHE A CE2 1 
ATOM   709  C  CZ  . PHE A 1 89  ? -8.040  -2.397  3.899   1.00 37.58 ? 88  PHE A CZ  1 
ATOM   710  N  N   . ASN A 1 90  ? -11.143 0.374   0.248   1.00 37.97 ? 89  ASN A N   1 
ATOM   711  C  CA  . ASN A 1 90  ? -10.520 -0.025  -1.008  1.00 37.12 ? 89  ASN A CA  1 
ATOM   712  C  C   . ASN A 1 90  ? -10.133 1.189   -1.859  1.00 37.66 ? 89  ASN A C   1 
ATOM   713  O  O   . ASN A 1 90  ? -9.016  1.217   -2.430  1.00 39.64 ? 89  ASN A O   1 
ATOM   714  C  CB  . ASN A 1 90  ? -11.433 -1.011  -1.754  1.00 39.79 ? 89  ASN A CB  1 
ATOM   715  C  CG  . ASN A 1 90  ? -11.427 -2.418  -1.127  1.00 37.71 ? 89  ASN A CG  1 
ATOM   716  O  OD1 . ASN A 1 90  ? -10.570 -3.248  -1.427  1.00 36.64 ? 89  ASN A OD1 1 
ATOM   717  N  ND2 . ASN A 1 90  ? -12.424 -2.703  -0.318  1.00 33.24 ? 89  ASN A ND2 1 
ATOM   718  N  N   . GLN A 1 91  ? -11.008 2.202   -1.929  1.00 36.12 ? 90  GLN A N   1 
ATOM   719  C  CA  . GLN A 1 91  ? -10.670 3.451   -2.637  1.00 38.45 ? 90  GLN A CA  1 
ATOM   720  C  C   . GLN A 1 91  ? -9.373  4.026   -2.090  1.00 38.46 ? 90  GLN A C   1 
ATOM   721  O  O   . GLN A 1 91  ? -8.510  4.462   -2.849  1.00 36.91 ? 90  GLN A O   1 
ATOM   722  C  CB  . GLN A 1 91  ? -11.765 4.546   -2.554  1.00 38.64 ? 90  GLN A CB  1 
ATOM   723  C  CG  . GLN A 1 91  ? -12.644 4.761   -3.798  1.00 50.31 ? 90  GLN A CG  1 
ATOM   724  C  CD  . GLN A 1 91  ? -11.874 5.350   -4.995  1.00 54.37 ? 90  GLN A CD  1 
ATOM   725  N  N   . LEU A 1 92  ? -9.230  4.033   -0.783  1.00 39.36 ? 91  LEU A N   1 
ATOM   726  C  CA  . LEU A 1 92  ? -8.035  4.624   -0.156  1.00 42.38 ? 91  LEU A CA  1 
ATOM   727  C  C   . LEU A 1 92  ? -6.735  3.885   -0.499  1.00 40.66 ? 91  LEU A C   1 
ATOM   728  O  O   . LEU A 1 92  ? -5.735  4.521   -0.817  1.00 39.17 ? 91  LEU A O   1 
ATOM   729  C  CB  . LEU A 1 92  ? -8.266  4.737   1.360   1.00 41.87 ? 91  LEU A CB  1 
ATOM   730  C  CG  . LEU A 1 92  ? -7.418  5.681   2.198   1.00 55.59 ? 91  LEU A CG  1 
ATOM   731  C  CD1 . LEU A 1 92  ? -7.314  7.088   1.559   1.00 56.87 ? 91  LEU A CD1 1 
ATOM   732  C  CD2 . LEU A 1 92  ? -8.093  5.762   3.568   1.00 52.53 ? 91  LEU A CD2 1 
ATOM   733  N  N   . LEU A 1 93  ? -6.719  2.558   -0.449  1.00 40.42 ? 92  LEU A N   1 
ATOM   734  C  CA  . LEU A 1 93  ? -5.503  1.818   -0.831  1.00 40.66 ? 92  LEU A CA  1 
ATOM   735  C  C   . LEU A 1 93  ? -5.194  1.998   -2.333  1.00 40.65 ? 92  LEU A C   1 
ATOM   736  O  O   . LEU A 1 93  ? -4.050  2.196   -2.747  1.00 42.16 ? 92  LEU A O   1 
ATOM   737  C  CB  . LEU A 1 93  ? -5.651  0.327   -0.521  1.00 40.87 ? 92  LEU A CB  1 
ATOM   738  C  CG  . LEU A 1 93  ? -5.746  -0.032  0.948   1.00 44.65 ? 92  LEU A CG  1 
ATOM   739  C  CD1 . LEU A 1 93  ? -6.105  -1.465  1.045   1.00 48.76 ? 92  LEU A CD1 1 
ATOM   740  C  CD2 . LEU A 1 93  ? -4.401  0.271   1.643   1.00 48.92 ? 92  LEU A CD2 1 
ATOM   741  N  N   . PHE A 1 94  ? -6.231  1.964   -3.136  1.00 40.00 ? 93  PHE A N   1 
ATOM   742  C  CA  . PHE A 1 94  ? -6.104  2.156   -4.553  1.00 41.93 ? 93  PHE A CA  1 
ATOM   743  C  C   . PHE A 1 94  ? -5.531  3.542   -4.859  1.00 44.49 ? 93  PHE A C   1 
ATOM   744  O  O   . PHE A 1 94  ? -4.539  3.657   -5.573  1.00 42.73 ? 93  PHE A O   1 
ATOM   745  C  CB  . PHE A 1 94  ? -7.482  2.010   -5.216  1.00 41.15 ? 93  PHE A CB  1 
ATOM   746  C  CG  . PHE A 1 94  ? -7.458  2.142   -6.716  1.00 44.51 ? 93  PHE A CG  1 
ATOM   747  C  CD1 . PHE A 1 94  ? -7.203  1.042   -7.508  1.00 35.71 ? 93  PHE A CD1 1 
ATOM   748  C  CD2 . PHE A 1 94  ? -7.718  3.353   -7.325  1.00 47.30 ? 93  PHE A CD2 1 
ATOM   749  C  CE1 . PHE A 1 94  ? -7.186  1.144   -8.866  1.00 37.53 ? 93  PHE A CE1 1 
ATOM   750  C  CE2 . PHE A 1 94  ? -7.701  3.476   -8.690  1.00 43.58 ? 93  PHE A CE2 1 
ATOM   751  C  CZ  . PHE A 1 94  ? -7.422  2.377   -9.462  1.00 45.38 ? 93  PHE A CZ  1 
ATOM   752  N  N   . ASP A 1 95  ? -6.145  4.585   -4.305  1.00 43.80 ? 94  ASP A N   1 
ATOM   753  C  CA  . ASP A 1 95  ? -5.750  5.950   -4.619  1.00 44.74 ? 94  ASP A CA  1 
ATOM   754  C  C   . ASP A 1 95  ? -4.395  6.281   -4.022  1.00 43.87 ? 94  ASP A C   1 
ATOM   755  O  O   . ASP A 1 95  ? -3.736  7.151   -4.504  1.00 45.73 ? 94  ASP A O   1 
ATOM   756  C  CB  . ASP A 1 95  ? -6.776  7.010   -4.134  1.00 48.33 ? 94  ASP A CB  1 
ATOM   757  C  CG  . ASP A 1 95  ? -8.221  6.840   -4.735  1.00 58.59 ? 94  ASP A CG  1 
ATOM   758  O  OD1 . ASP A 1 95  ? -8.430  6.288   -5.850  1.00 66.38 ? 94  ASP A OD1 1 
ATOM   759  O  OD2 . ASP A 1 95  ? -9.174  7.313   -4.062  1.00 61.40 ? 94  ASP A OD2 1 
ATOM   760  N  N   . ARG A 1 96  ? -3.984  5.605   -2.966  1.00 43.68 ? 95  ARG A N   1 
ATOM   761  C  CA  . ARG A 1 96  ? -2.719  5.908   -2.313  1.00 45.56 ? 95  ARG A CA  1 
ATOM   762  C  C   . ARG A 1 96  ? -1.578  5.035   -2.830  1.00 45.42 ? 95  ARG A C   1 
ATOM   763  O  O   . ARG A 1 96  ? -0.564  4.933   -2.182  1.00 46.57 ? 95  ARG A O   1 
ATOM   764  C  CB  . ARG A 1 96  ? -2.844  5.739   -0.798  1.00 45.75 ? 95  ARG A CB  1 
ATOM   765  C  CG  . ARG A 1 96  ? -3.972  6.575   -0.200  1.00 50.27 ? 95  ARG A CG  1 
ATOM   766  C  CD  . ARG A 1 96  ? -3.469  7.901   0.074   1.00 57.30 ? 95  ARG A CD  1 
ATOM   767  N  NE  . ARG A 1 96  ? -4.486  8.935   0.256   1.00 60.15 ? 95  ARG A NE  1 
ATOM   768  C  CZ  . ARG A 1 96  ? -4.245  10.064  0.929   1.00 63.09 ? 95  ARG A CZ  1 
ATOM   769  N  NH1 . ARG A 1 96  ? -3.055  10.239  1.530   1.00 61.08 ? 95  ARG A NH1 1 
ATOM   770  N  NH2 . ARG A 1 96  ? -5.187  10.996  1.041   1.00 62.60 ? 95  ARG A NH2 1 
ATOM   771  N  N   . GLY A 1 97  ? -1.789  4.360   -3.945  1.00 45.24 ? 96  GLY A N   1 
ATOM   772  C  CA  . GLY A 1 97  ? -0.717  3.668   -4.616  1.00 47.52 ? 96  GLY A CA  1 
ATOM   773  C  C   . GLY A 1 97  ? -0.277  2.297   -4.158  1.00 47.03 ? 96  GLY A C   1 
ATOM   774  O  O   . GLY A 1 97  ? 0.874   1.941   -4.372  1.00 46.85 ? 96  GLY A O   1 
ATOM   775  N  N   . LEU A 1 98  ? -1.158  1.542   -3.504  1.00 44.26 ? 97  LEU A N   1 
ATOM   776  C  CA  . LEU A 1 98  ? -0.849  0.139   -3.192  1.00 45.67 ? 97  LEU A CA  1 
ATOM   777  C  C   . LEU A 1 98  ? -0.108  -0.535  -4.378  1.00 42.79 ? 97  LEU A C   1 
ATOM   778  O  O   . LEU A 1 98  ? 0.869   -1.282  -4.207  1.00 40.88 ? 97  LEU A O   1 
ATOM   779  C  CB  . LEU A 1 98  ? -2.181  -0.599  -2.967  1.00 43.18 ? 97  LEU A CB  1 
ATOM   780  C  CG  . LEU A 1 98  ? -2.124  -2.110  -2.737  1.00 48.60 ? 97  LEU A CG  1 
ATOM   781  C  CD1 . LEU A 1 98  ? -1.511  -2.439  -1.388  1.00 41.83 ? 97  LEU A CD1 1 
ATOM   782  C  CD2 . LEU A 1 98  ? -3.527  -2.720  -2.874  1.00 49.22 ? 97  LEU A CD2 1 
ATOM   783  N  N   . GLY A 1 99  ? -0.601  -0.247  -5.586  1.00 42.97 ? 98  GLY A N   1 
ATOM   784  C  CA  . GLY A 1 99  ? -0.145  -0.865  -6.827  1.00 43.75 ? 98  GLY A CA  1 
ATOM   785  C  C   . GLY A 1 99  ? 1.193   -0.425  -7.380  1.00 43.07 ? 98  GLY A C   1 
ATOM   786  O  O   . GLY A 1 99  ? 1.737   -1.116  -8.261  1.00 38.86 ? 98  GLY A O   1 
ATOM   787  N  N   . SER A 1 100 ? 1.672   0.738   -6.916  1.00 41.17 ? 99  SER A N   1 
ATOM   788  C  CA  . SER A 1 100 ? 3.027   1.201   -7.218  1.00 43.69 ? 99  SER A CA  1 
ATOM   789  C  C   . SER A 1 100 ? 3.987   0.833   -6.093  1.00 40.99 ? 99  SER A C   1 
ATOM   790  O  O   . SER A 1 100 ? 5.104   0.457   -6.354  1.00 42.48 ? 99  SER A O   1 
ATOM   791  C  CB  . SER A 1 100 ? 3.068   2.715   -7.424  1.00 43.26 ? 99  SER A CB  1 
ATOM   792  O  OG  . SER A 1 100 ? 2.282   3.050   -8.531  1.00 48.36 ? 99  SER A OG  1 
ATOM   793  N  N   . LEU A 1 101 ? 3.539   0.953   -4.846  1.00 38.82 ? 100 LEU A N   1 
ATOM   794  C  CA  . LEU A 1 101 ? 4.411   0.723   -3.686  1.00 38.61 ? 100 LEU A CA  1 
ATOM   795  C  C   . LEU A 1 101 ? 4.811   -0.750  -3.464  1.00 39.48 ? 100 LEU A C   1 
ATOM   796  O  O   . LEU A 1 101 ? 5.956   -1.050  -3.106  1.00 36.94 ? 100 LEU A O   1 
ATOM   797  C  CB  . LEU A 1 101 ? 3.757   1.328   -2.436  1.00 39.47 ? 100 LEU A CB  1 
ATOM   798  C  CG  . LEU A 1 101 ? 3.708   2.880   -2.491  1.00 36.89 ? 100 LEU A CG  1 
ATOM   799  C  CD1 . LEU A 1 101 ? 2.838   3.455   -1.447  1.00 37.98 ? 100 LEU A CD1 1 
ATOM   800  C  CD2 . LEU A 1 101 ? 5.117   3.477   -2.388  1.00 42.91 ? 100 LEU A CD2 1 
ATOM   801  N  N   . VAL A 1 102 ? 3.891   -1.681  -3.687  1.00 39.81 ? 101 VAL A N   1 
ATOM   802  C  CA  . VAL A 1 102 ? 4.230   -3.107  -3.484  1.00 39.84 ? 101 VAL A CA  1 
ATOM   803  C  C   . VAL A 1 102 ? 5.348   -3.567  -4.417  1.00 40.90 ? 101 VAL A C   1 
ATOM   804  O  O   . VAL A 1 102 ? 6.368   -4.090  -3.953  1.00 41.69 ? 101 VAL A O   1 
ATOM   805  C  CB  . VAL A 1 102 ? 2.966   -4.006  -3.538  1.00 42.72 ? 101 VAL A CB  1 
ATOM   806  C  CG1 . VAL A 1 102 ? 3.339   -5.473  -3.521  1.00 43.67 ? 101 VAL A CG1 1 
ATOM   807  C  CG2 . VAL A 1 102 ? 2.083   -3.698  -2.373  1.00 41.88 ? 101 VAL A CG2 1 
ATOM   808  N  N   . PRO A 1 103 ? 5.187   -3.384  -5.745  1.00 42.38 ? 102 PRO A N   1 
ATOM   809  C  CA  . PRO A 1 103 ? 6.313   -3.756  -6.614  1.00 44.07 ? 102 PRO A CA  1 
ATOM   810  C  C   . PRO A 1 103 ? 7.595   -2.931  -6.407  1.00 42.93 ? 102 PRO A C   1 
ATOM   811  O  O   . PRO A 1 103 ? 8.682   -3.421  -6.637  1.00 39.45 ? 102 PRO A O   1 
ATOM   812  C  CB  . PRO A 1 103 ? 5.762   -3.593  -8.047  1.00 43.77 ? 102 PRO A CB  1 
ATOM   813  C  CG  . PRO A 1 103 ? 4.435   -3.035  -7.922  1.00 44.60 ? 102 PRO A CG  1 
ATOM   814  C  CD  . PRO A 1 103 ? 4.002   -2.968  -6.500  1.00 42.29 ? 102 PRO A CD  1 
ATOM   815  N  N   . ALA A 1 104 ? 7.470   -1.689  -5.982  1.00 45.17 ? 103 ALA A N   1 
ATOM   816  C  CA  . ALA A 1 104 ? 8.651   -0.873  -5.712  1.00 43.17 ? 103 ALA A CA  1 
ATOM   817  C  C   . ALA A 1 104 ? 9.449   -1.437  -4.562  1.00 42.61 ? 103 ALA A C   1 
ATOM   818  O  O   . ALA A 1 104 ? 10.686  -1.347  -4.552  1.00 40.63 ? 103 ALA A O   1 
ATOM   819  C  CB  . ALA A 1 104 ? 8.220   0.559   -5.330  1.00 43.35 ? 103 ALA A CB  1 
ATOM   820  N  N   . LEU A 1 105 ? 8.742   -1.962  -3.562  1.00 39.97 ? 104 LEU A N   1 
ATOM   821  C  CA  . LEU A 1 105 ? 9.385   -2.384  -2.311  1.00 40.89 ? 104 LEU A CA  1 
ATOM   822  C  C   . LEU A 1 105 ? 9.511   -3.872  -2.025  1.00 40.44 ? 104 LEU A C   1 
ATOM   823  O  O   . LEU A 1 105 ? 10.270  -4.255  -1.140  1.00 39.44 ? 104 LEU A O   1 
ATOM   824  C  CB  . LEU A 1 105 ? 8.647   -1.758  -1.131  1.00 39.20 ? 104 LEU A CB  1 
ATOM   825  C  CG  . LEU A 1 105 ? 8.574   -0.237  -1.127  1.00 41.42 ? 104 LEU A CG  1 
ATOM   826  C  CD1 . LEU A 1 105 ? 7.636   0.231   -0.021  1.00 46.43 ? 104 LEU A CD1 1 
ATOM   827  C  CD2 . LEU A 1 105 ? 9.989   0.351   -0.969  1.00 40.22 ? 104 LEU A CD2 1 
ATOM   828  N  N   . ALA A 1 106 ? 8.780   -4.718  -2.728  1.00 40.64 ? 105 ALA A N   1 
ATOM   829  C  CA  . ALA A 1 106 ? 8.849   -6.130  -2.404  1.00 42.32 ? 105 ALA A CA  1 
ATOM   830  C  C   . ALA A 1 106 ? 10.157  -6.770  -2.863  1.00 44.70 ? 105 ALA A C   1 
ATOM   831  O  O   . ALA A 1 106 ? 10.624  -6.518  -3.980  1.00 43.80 ? 105 ALA A O   1 
ATOM   832  C  CB  . ALA A 1 106 ? 7.669   -6.877  -2.979  1.00 43.12 ? 105 ALA A CB  1 
ATOM   833  N  N   . PRO A 1 107 ? 10.760  -7.602  -1.992  1.00 45.51 ? 106 PRO A N   1 
ATOM   834  C  CA  . PRO A 1 107 ? 11.918  -8.353  -2.415  1.00 47.01 ? 106 PRO A CA  1 
ATOM   835  C  C   . PRO A 1 107 ? 11.425  -9.543  -3.272  1.00 46.06 ? 106 PRO A C   1 
ATOM   836  O  O   . PRO A 1 107 ? 10.211  -9.774  -3.321  1.00 45.31 ? 106 PRO A O   1 
ATOM   837  C  CB  . PRO A 1 107 ? 12.537  -8.826  -1.100  1.00 47.86 ? 106 PRO A CB  1 
ATOM   838  C  CG  . PRO A 1 107 ? 11.518  -8.587  -0.036  1.00 49.30 ? 106 PRO A CG  1 
ATOM   839  C  CD  . PRO A 1 107 ? 10.355  -7.898  -0.608  1.00 45.44 ? 106 PRO A CD  1 
ATOM   840  N  N   . GLU A 1 108 ? 12.336  -10.275 -3.930  1.00 45.16 ? 107 GLU A N   1 
ATOM   841  C  CA  . GLU A 1 108 ? 11.948  -11.436 -4.767  1.00 45.60 ? 107 GLU A CA  1 
ATOM   842  C  C   . GLU A 1 108 ? 11.134  -12.453 -3.972  1.00 45.32 ? 107 GLU A C   1 
ATOM   843  O  O   . GLU A 1 108 ? 10.218  -13.064 -4.499  1.00 46.62 ? 107 GLU A O   1 
ATOM   844  C  CB  . GLU A 1 108 ? 13.160  -12.094 -5.446  1.00 43.45 ? 107 GLU A CB  1 
ATOM   845  N  N   . SER A 1 109 ? 11.447  -12.613 -2.693  1.00 48.83 ? 108 SER A N   1 
ATOM   846  C  CA  . SER A 1 109 ? 10.671  -13.482 -1.821  1.00 50.17 ? 108 SER A CA  1 
ATOM   847  C  C   . SER A 1 109 ? 10.237  -12.700 -0.603  1.00 51.27 ? 108 SER A C   1 
ATOM   848  O  O   . SER A 1 109 ? 10.990  -11.885 -0.091  1.00 52.05 ? 108 SER A O   1 
ATOM   849  C  CB  . SER A 1 109 ? 11.509  -14.664 -1.355  1.00 51.91 ? 108 SER A CB  1 
ATOM   850  O  OG  . SER A 1 109 ? 10.750  -15.477 -0.479  1.00 54.70 ? 108 SER A OG  1 
ATOM   851  N  N   . LEU A 1 110 ? 9.029   -12.960 -0.123  1.00 51.98 ? 109 LEU A N   1 
ATOM   852  C  CA  . LEU A 1 110 ? 8.572   -12.313 1.090   1.00 54.60 ? 109 LEU A CA  1 
ATOM   853  C  C   . LEU A 1 110 ? 9.381   -12.798 2.292   1.00 54.38 ? 109 LEU A C   1 
ATOM   854  O  O   . LEU A 1 110 ? 9.328   -12.172 3.351   1.00 53.57 ? 109 LEU A O   1 
ATOM   855  C  CB  . LEU A 1 110 ? 7.068   -12.520 1.307   1.00 55.70 ? 109 LEU A CB  1 
ATOM   856  C  CG  . LEU A 1 110 ? 6.198   -11.795 0.281   1.00 57.57 ? 109 LEU A CG  1 
ATOM   857  C  CD1 . LEU A 1 110 ? 4.737   -12.089 0.488   1.00 58.64 ? 109 LEU A CD1 1 
ATOM   858  C  CD2 . LEU A 1 110 ? 6.445   -10.288 0.328   1.00 61.59 ? 109 LEU A CD2 1 
ATOM   859  N  N   . ASP A 1 111 ? 10.134  -13.895 2.115   1.00 53.45 ? 110 ASP A N   1 
ATOM   860  C  CA  . ASP A 1 111 ? 11.011  -14.426 3.154   1.00 53.58 ? 110 ASP A CA  1 
ATOM   861  C  C   . ASP A 1 111 ? 12.194  -13.502 3.412   1.00 51.88 ? 110 ASP A C   1 
ATOM   862  O  O   . ASP A 1 111 ? 12.818  -13.606 4.454   1.00 51.20 ? 110 ASP A O   1 
ATOM   863  C  CB  . ASP A 1 111 ? 11.568  -15.817 2.779   1.00 54.89 ? 110 ASP A CB  1 
ATOM   864  C  CG  . ASP A 1 111 ? 10.472  -16.851 2.529   1.00 59.62 ? 110 ASP A CG  1 
ATOM   865  O  OD1 . ASP A 1 111 ? 9.277   -16.560 2.801   1.00 66.10 ? 110 ASP A OD1 1 
ATOM   866  O  OD2 . ASP A 1 111 ? 10.812  -17.955 2.046   1.00 57.29 ? 110 ASP A OD2 1 
ATOM   867  N  N   . ASP A 1 112 ? 12.510  -12.615 2.463   1.00 50.49 ? 111 ASP A N   1 
ATOM   868  C  CA  . ASP A 1 112 ? 13.638  -11.666 2.610   1.00 49.55 ? 111 ASP A CA  1 
ATOM   869  C  C   . ASP A 1 112 ? 13.249  -10.442 3.444   1.00 46.72 ? 111 ASP A C   1 
ATOM   870  O  O   . ASP A 1 112 ? 14.096  -9.599  3.733   1.00 43.76 ? 111 ASP A O   1 
ATOM   871  C  CB  . ASP A 1 112 ? 14.149  -11.188 1.242   1.00 49.47 ? 111 ASP A CB  1 
ATOM   872  C  CG  . ASP A 1 112 ? 14.520  -12.338 0.316   1.00 56.42 ? 111 ASP A CG  1 
ATOM   873  O  OD1 . ASP A 1 112 ? 15.179  -13.285 0.799   1.00 63.87 ? 111 ASP A OD1 1 
ATOM   874  O  OD2 . ASP A 1 112 ? 14.159  -12.292 -0.889  1.00 59.48 ? 111 ASP A OD2 1 
ATOM   875  N  N   . LEU A 1 113 ? 11.972  -10.310 3.804   1.00 46.25 ? 112 LEU A N   1 
ATOM   876  C  CA  . LEU A 1 113 ? 11.593  -9.200  4.658   1.00 44.43 ? 112 LEU A CA  1 
ATOM   877  C  C   . LEU A 1 113 ? 12.270  -9.392  6.026   1.00 43.13 ? 112 LEU A C   1 
ATOM   878  O  O   . LEU A 1 113 ? 12.342  -10.507 6.526   1.00 42.59 ? 112 LEU A O   1 
ATOM   879  C  CB  . LEU A 1 113 ? 10.083  -9.121  4.829   1.00 44.46 ? 112 LEU A CB  1 
ATOM   880  C  CG  . LEU A 1 113 ? 9.223   -8.817  3.616   1.00 43.31 ? 112 LEU A CG  1 
ATOM   881  C  CD1 . LEU A 1 113 ? 7.739   -8.839  4.021   1.00 44.39 ? 112 LEU A CD1 1 
ATOM   882  C  CD2 . LEU A 1 113 ? 9.615   -7.491  2.987   1.00 47.28 ? 112 LEU A CD2 1 
ATOM   883  N  N   . PRO A 1 114 ? 12.810  -8.317  6.610   1.00 42.86 ? 113 PRO A N   1 
ATOM   884  C  CA  . PRO A 1 114 ? 13.349  -8.462  7.963   1.00 42.14 ? 113 PRO A CA  1 
ATOM   885  C  C   . PRO A 1 114 ? 12.197  -8.874  8.914   1.00 42.63 ? 113 PRO A C   1 
ATOM   886  O  O   . PRO A 1 114 ? 11.027  -8.615  8.610   1.00 41.68 ? 113 PRO A O   1 
ATOM   887  C  CB  . PRO A 1 114 ? 13.858  -7.063  8.304   1.00 43.18 ? 113 PRO A CB  1 
ATOM   888  C  CG  . PRO A 1 114 ? 13.835  -6.280  7.018   1.00 43.71 ? 113 PRO A CG  1 
ATOM   889  C  CD  . PRO A 1 114 ? 12.917  -6.944  6.086   1.00 42.32 ? 113 PRO A CD  1 
ATOM   890  N  N   . ASP A 1 115 ? 12.537  -9.505  10.039  1.00 42.50 ? 114 ASP A N   1 
ATOM   891  C  CA  . ASP A 1 115 ? 11.562  -10.016 11.018  1.00 41.44 ? 114 ASP A CA  1 
ATOM   892  C  C   . ASP A 1 115 ? 10.508  -9.023  11.514  1.00 42.52 ? 114 ASP A C   1 
ATOM   893  O  O   . ASP A 1 115 ? 9.369   -9.426  11.699  1.00 42.31 ? 114 ASP A O   1 
ATOM   894  C  CB  . ASP A 1 115 ? 12.279  -10.620 12.230  1.00 42.84 ? 114 ASP A CB  1 
ATOM   895  C  CG  . ASP A 1 115 ? 13.116  -11.820 11.872  1.00 41.11 ? 114 ASP A CG  1 
ATOM   896  O  OD1 . ASP A 1 115 ? 12.889  -12.419 10.802  1.00 39.74 ? 114 ASP A OD1 1 
ATOM   897  O  OD2 . ASP A 1 115 ? 13.996  -12.183 12.668  1.00 53.91 ? 114 ASP A OD2 1 
ATOM   898  N  N   . GLU A 1 116 ? 10.860  -7.755  11.741  1.00 43.68 ? 115 GLU A N   1 
ATOM   899  C  CA  . GLU A 1 116 ? 9.834   -6.774  12.183  1.00 43.59 ? 115 GLU A CA  1 
ATOM   900  C  C   . GLU A 1 116 ? 8.846   -6.501  11.037  1.00 40.13 ? 115 GLU A C   1 
ATOM   901  O  O   . GLU A 1 116 ? 7.659   -6.342  11.250  1.00 38.74 ? 115 GLU A O   1 
ATOM   902  C  CB  . GLU A 1 116 ? 10.446  -5.467  12.735  1.00 44.86 ? 115 GLU A CB  1 
ATOM   903  C  CG  . GLU A 1 116 ? 11.255  -4.627  11.738  1.00 53.18 ? 115 GLU A CG  1 
ATOM   904  N  N   . VAL A 1 117 ? 9.321   -6.500  9.805   1.00 36.49 ? 116 VAL A N   1 
ATOM   905  C  CA  . VAL A 1 117 ? 8.427   -6.256  8.694   1.00 37.45 ? 116 VAL A CA  1 
ATOM   906  C  C   . VAL A 1 117 ? 7.536   -7.479  8.428   1.00 35.74 ? 116 VAL A C   1 
ATOM   907  O  O   . VAL A 1 117 ? 6.355   -7.363  8.156   1.00 38.17 ? 116 VAL A O   1 
ATOM   908  C  CB  . VAL A 1 117 ? 9.199   -5.855  7.432   1.00 36.27 ? 116 VAL A CB  1 
ATOM   909  C  CG1 . VAL A 1 117 ? 8.222   -5.579  6.305   1.00 33.28 ? 116 VAL A CG1 1 
ATOM   910  C  CG2 . VAL A 1 117 ? 10.019  -4.596  7.725   1.00 39.82 ? 116 VAL A CG2 1 
ATOM   911  N  N   . SER A 1 118 ? 8.127   -8.650  8.546   1.00 35.74 ? 117 SER A N   1 
ATOM   912  C  CA  . SER A 1 118 ? 7.426   -9.899  8.339   1.00 35.42 ? 117 SER A CA  1 
ATOM   913  C  C   . SER A 1 118 ? 6.294   -10.066 9.343   1.00 34.11 ? 117 SER A C   1 
ATOM   914  O  O   . SER A 1 118 ? 5.222   -10.563 8.999   1.00 33.96 ? 117 SER A O   1 
ATOM   915  C  CB  . SER A 1 118 ? 8.417   -11.044 8.433   1.00 33.27 ? 117 SER A CB  1 
ATOM   916  O  OG  . SER A 1 118 ? 7.768   -12.229 8.108   1.00 43.03 ? 117 SER A OG  1 
ATOM   917  N  N   . ALA A 1 119 ? 6.524   -9.635  10.574  1.00 33.56 ? 118 ALA A N   1 
ATOM   918  C  CA  . ALA A 1 119 ? 5.489   -9.646  11.584  1.00 33.77 ? 118 ALA A CA  1 
ATOM   919  C  C   . ALA A 1 119 ? 4.355   -8.730  11.154  1.00 35.60 ? 118 ALA A C   1 
ATOM   920  O  O   . ALA A 1 119 ? 3.202   -9.103  11.222  1.00 36.46 ? 118 ALA A O   1 
ATOM   921  C  CB  . ALA A 1 119 ? 6.066   -9.204  12.936  1.00 36.22 ? 118 ALA A CB  1 
ATOM   922  N  N   . LEU A 1 120 ? 4.676   -7.534  10.655  1.00 37.24 ? 119 LEU A N   1 
ATOM   923  C  CA  . LEU A 1 120 ? 3.637   -6.616  10.181  1.00 35.39 ? 119 LEU A CA  1 
ATOM   924  C  C   . LEU A 1 120 ? 2.839   -7.220  9.011   1.00 32.54 ? 119 LEU A C   1 
ATOM   925  O  O   . LEU A 1 120 ? 1.634   -7.095  8.950   1.00 29.95 ? 119 LEU A O   1 
ATOM   926  C  CB  . LEU A 1 120 ? 4.260   -5.255  9.825   1.00 36.32 ? 119 LEU A CB  1 
ATOM   927  C  CG  . LEU A 1 120 ? 4.834   -4.508  11.024  1.00 35.26 ? 119 LEU A CG  1 
ATOM   928  C  CD1 . LEU A 1 120 ? 5.668   -3.362  10.539  1.00 34.66 ? 119 LEU A CD1 1 
ATOM   929  C  CD2 . LEU A 1 120 ? 3.721   -4.020  11.971  1.00 42.29 ? 119 LEU A CD2 1 
ATOM   930  N  N   . ARG A 1 121 ? 3.506   -7.929  8.117   1.00 34.73 ? 120 ARG A N   1 
ATOM   931  C  CA  . ARG A 1 121 ? 2.812   -8.571  7.019   1.00 33.69 ? 120 ARG A CA  1 
ATOM   932  C  C   . ARG A 1 121 ? 1.814   -9.580  7.520   1.00 33.81 ? 120 ARG A C   1 
ATOM   933  O  O   . ARG A 1 121 ? 0.699   -9.670  6.980   1.00 32.15 ? 120 ARG A O   1 
ATOM   934  C  CB  . ARG A 1 121 ? 3.794   -9.291  6.112   1.00 34.99 ? 120 ARG A CB  1 
ATOM   935  C  CG  . ARG A 1 121 ? 3.138   -9.909  4.896   1.00 43.43 ? 120 ARG A CG  1 
ATOM   936  C  CD  . ARG A 1 121 ? 4.109   -10.771 4.170   1.00 57.06 ? 120 ARG A CD  1 
ATOM   937  N  NE  . ARG A 1 121 ? 4.399   -11.975 4.937   1.00 62.84 ? 120 ARG A NE  1 
ATOM   938  C  CZ  . ARG A 1 121 ? 3.932   -13.185 4.658   1.00 66.81 ? 120 ARG A CZ  1 
ATOM   939  N  NH1 . ARG A 1 121 ? 3.148   -13.406 3.604   1.00 63.81 ? 120 ARG A NH1 1 
ATOM   940  N  NH2 . ARG A 1 121 ? 4.267   -14.196 5.449   1.00 72.85 ? 120 ARG A NH2 1 
ATOM   941  N  N   . ARG A 1 122 ? 2.207   -10.370 8.518   1.00 35.03 ? 121 ARG A N   1 
ATOM   942  C  CA  . ARG A 1 122 ? 1.302   -11.373 9.098   1.00 38.05 ? 121 ARG A CA  1 
ATOM   943  C  C   . ARG A 1 122 ? 0.039   -10.719 9.725   1.00 36.03 ? 121 ARG A C   1 
ATOM   944  O  O   . ARG A 1 122 ? -1.076  -11.214 9.556   1.00 36.22 ? 121 ARG A O   1 
ATOM   945  C  CB  . ARG A 1 122 ? 2.035   -12.259 10.133  1.00 37.15 ? 121 ARG A CB  1 
ATOM   946  C  CG  . ARG A 1 122 ? 3.080   -13.179 9.460   1.00 45.60 ? 121 ARG A CG  1 
ATOM   947  C  CD  . ARG A 1 122 ? 3.612   -14.298 10.362  1.00 43.36 ? 121 ARG A CD  1 
ATOM   948  N  NE  . ARG A 1 122 ? 4.283   -13.777 11.564  1.00 54.41 ? 121 ARG A NE  1 
ATOM   949  C  CZ  . ARG A 1 122 ? 5.565   -13.402 11.644  1.00 50.58 ? 121 ARG A CZ  1 
ATOM   950  N  NH1 . ARG A 1 122 ? 6.378   -13.455 10.590  1.00 51.60 ? 121 ARG A NH1 1 
ATOM   951  N  NH2 . ARG A 1 122 ? 6.035   -12.953 12.801  1.00 50.62 ? 121 ARG A NH2 1 
ATOM   952  N  N   . THR A 1 123 ? 0.221   -9.629  10.462  1.00 36.09 ? 122 THR A N   1 
ATOM   953  C  CA  . THR A 1 123 ? -0.915  -8.927  11.065  1.00 38.58 ? 122 THR A CA  1 
ATOM   954  C  C   . THR A 1 123 ? -1.846  -8.405  9.960   1.00 36.81 ? 122 THR A C   1 
ATOM   955  O  O   . THR A 1 123 ? -3.060  -8.427  10.082  1.00 36.28 ? 122 THR A O   1 
ATOM   956  C  CB  . THR A 1 123 ? -0.415  -7.753  11.872  1.00 39.32 ? 122 THR A CB  1 
ATOM   957  O  OG1 . THR A 1 123 ? 0.424   -8.242  12.917  1.00 37.09 ? 122 THR A OG1 1 
ATOM   958  C  CG2 . THR A 1 123 ? -1.551  -6.941  12.464  1.00 41.91 ? 122 THR A CG2 1 
ATOM   959  N  N   . THR A 1 124 ? -1.246  -7.951  8.872   1.00 37.75 ? 123 THR A N   1 
ATOM   960  C  CA  . THR A 1 124 ? -1.996  -7.398  7.755   1.00 37.30 ? 123 THR A CA  1 
ATOM   961  C  C   . THR A 1 124 ? -2.842  -8.482  7.083   1.00 38.61 ? 123 THR A C   1 
ATOM   962  O  O   . THR A 1 124 ? -4.013  -8.247  6.739   1.00 38.47 ? 123 THR A O   1 
ATOM   963  C  CB  . THR A 1 124 ? -1.044  -6.684  6.766   1.00 38.01 ? 123 THR A CB  1 
ATOM   964  O  OG1 . THR A 1 124 ? -0.298  -5.650  7.451   1.00 38.11 ? 123 THR A OG1 1 
ATOM   965  C  CG2 . THR A 1 124 ? -1.814  -6.061  5.655   1.00 40.51 ? 123 THR A CG2 1 
ATOM   966  N  N   . GLU A 1 125 ? -2.277  -9.680  6.938   1.00 39.45 ? 124 GLU A N   1 
ATOM   967  C  CA  . GLU A 1 125 ? -2.995  -10.793 6.348   1.00 41.95 ? 124 GLU A CA  1 
ATOM   968  C  C   . GLU A 1 125 ? -4.121  -11.262 7.237   1.00 39.15 ? 124 GLU A C   1 
ATOM   969  O  O   . GLU A 1 125 ? -5.194  -11.586 6.757   1.00 38.27 ? 124 GLU A O   1 
ATOM   970  C  CB  . GLU A 1 125 ? -2.054  -11.951 6.004   1.00 44.66 ? 124 GLU A CB  1 
ATOM   971  C  CG  . GLU A 1 125 ? -1.058  -11.569 4.923   1.00 51.10 ? 124 GLU A CG  1 
ATOM   972  C  CD  . GLU A 1 125 ? -0.225  -12.747 4.412   1.00 53.89 ? 124 GLU A CD  1 
ATOM   973  O  OE1 . GLU A 1 125 ? -0.831  -13.758 3.977   1.00 64.91 ? 124 GLU A OE1 1 
ATOM   974  O  OE2 . GLU A 1 125 ? 1.028   -12.637 4.411   1.00 67.49 ? 124 GLU A OE2 1 
ATOM   975  N  N   . LYS A 1 126 ? -3.875  -11.286 8.532   1.00 38.80 ? 125 LYS A N   1 
ATOM   976  C  CA  . LYS A 1 126 ? -4.885  -11.635 9.497   1.00 39.48 ? 125 LYS A CA  1 
ATOM   977  C  C   . LYS A 1 126 ? -6.027  -10.614 9.493   1.00 36.98 ? 125 LYS A C   1 
ATOM   978  O  O   . LYS A 1 126 ? -7.178  -10.987 9.484   1.00 34.38 ? 125 LYS A O   1 
ATOM   979  C  CB  . LYS A 1 126 ? -4.246  -11.710 10.890  1.00 40.90 ? 125 LYS A CB  1 
ATOM   980  C  CG  . LYS A 1 126 ? -5.181  -12.158 11.989  1.00 43.41 ? 125 LYS A CG  1 
ATOM   981  N  N   . ASN A 1 127 ? -5.713  -9.324  9.514   1.00 36.21 ? 126 ASN A N   1 
ATOM   982  C  CA  . ASN A 1 127 ? -6.774  -8.324  9.470   1.00 34.03 ? 126 ASN A CA  1 
ATOM   983  C  C   . ASN A 1 127 ? -7.591  -8.390  8.171   1.00 34.15 ? 126 ASN A C   1 
ATOM   984  O  O   . ASN A 1 127 ? -8.763  -8.063  8.191   1.00 31.07 ? 126 ASN A O   1 
ATOM   985  C  CB  . ASN A 1 127 ? -6.231  -6.912  9.615   1.00 31.47 ? 126 ASN A CB  1 
ATOM   986  C  CG  . ASN A 1 127 ? -5.689  -6.619  10.981  1.00 34.12 ? 126 ASN A CG  1 
ATOM   987  O  OD1 . ASN A 1 127 ? -6.000  -7.320  11.946  1.00 29.97 ? 126 ASN A OD1 1 
ATOM   988  N  ND2 . ASN A 1 127 ? -4.887  -5.553  11.082  1.00 32.44 ? 126 ASN A ND2 1 
ATOM   989  N  N   . THR A 1 128 ? -6.955  -8.743  7.053   1.00 34.15 ? 127 THR A N   1 
ATOM   990  C  CA  . THR A 1 128 ? -7.633  -8.840  5.764   1.00 34.63 ? 127 THR A CA  1 
ATOM   991  C  C   . THR A 1 128 ? -8.716  -9.925  5.760   1.00 36.49 ? 127 THR A C   1 
ATOM   992  O  O   . THR A 1 128 ? -9.811  -9.735  5.190   1.00 36.86 ? 127 THR A O   1 
ATOM   993  C  CB  . THR A 1 128 ? -6.649  -9.122  4.641   1.00 37.71 ? 127 THR A CB  1 
ATOM   994  O  OG1 . THR A 1 128 ? -5.760  -8.024  4.493   1.00 37.32 ? 127 THR A OG1 1 
ATOM   995  C  CG2 . THR A 1 128 ? -7.385  -9.296  3.310   1.00 41.68 ? 127 THR A CG2 1 
ATOM   996  N  N   . THR A 1 129 ? -8.399  -11.059 6.392   1.00 37.00 ? 128 THR A N   1 
ATOM   997  C  CA  . THR A 1 129 ? -9.341  -12.134 6.571   1.00 37.68 ? 128 THR A CA  1 
ATOM   998  C  C   . THR A 1 129 ? -10.501 -11.632 7.400   1.00 35.85 ? 128 THR A C   1 
ATOM   999  O  O   . THR A 1 129 ? -11.661 -11.912 7.089   1.00 34.96 ? 128 THR A O   1 
ATOM   1000 C  CB  . THR A 1 129 ? -8.679  -13.340 7.283   1.00 40.07 ? 128 THR A CB  1 
ATOM   1001 O  OG1 . THR A 1 129 ? -7.635  -13.850 6.453   1.00 46.83 ? 128 THR A OG1 1 
ATOM   1002 C  CG2 . THR A 1 129 ? -9.680  -14.447 7.570   1.00 40.53 ? 128 THR A CG2 1 
ATOM   1003 N  N   . THR A 1 130 ? -10.209 -10.904 8.474   1.00 33.50 ? 129 THR A N   1 
ATOM   1004 C  CA  . THR A 1 130 ? -11.286 -10.377 9.323   1.00 33.13 ? 129 THR A CA  1 
ATOM   1005 C  C   . THR A 1 130 ? -12.180 -9.468  8.465   1.00 35.82 ? 129 THR A C   1 
ATOM   1006 O  O   . THR A 1 130 ? -13.408 -9.606  8.468   1.00 34.22 ? 129 THR A O   1 
ATOM   1007 C  CB  . THR A 1 130 ? -10.707 -9.592  10.508  1.00 33.46 ? 129 THR A CB  1 
ATOM   1008 O  OG1 . THR A 1 130 ? -9.740  -10.410 11.165  1.00 35.25 ? 129 THR A OG1 1 
ATOM   1009 C  CG2 . THR A 1 130 ? -11.762 -9.152  11.477  1.00 30.45 ? 129 THR A CG2 1 
ATOM   1010 N  N   . LEU A 1 131 ? -11.562 -8.574  7.687   1.00 35.85 ? 130 LEU A N   1 
ATOM   1011 C  CA  . LEU A 1 131 ? -12.335 -7.673  6.843   1.00 37.79 ? 130 LEU A CA  1 
ATOM   1012 C  C   . LEU A 1 131 ? -13.124 -8.378  5.784   1.00 37.85 ? 130 LEU A C   1 
ATOM   1013 O  O   . LEU A 1 131 ? -14.292 -8.062  5.583   1.00 38.52 ? 130 LEU A O   1 
ATOM   1014 C  CB  . LEU A 1 131 ? -11.458 -6.623  6.191   1.00 41.92 ? 130 LEU A CB  1 
ATOM   1015 C  CG  . LEU A 1 131 ? -11.199 -5.354  6.996   1.00 46.69 ? 130 LEU A CG  1 
ATOM   1016 C  CD1 . LEU A 1 131 ? -10.111 -4.546  6.310   1.00 46.90 ? 130 LEU A CD1 1 
ATOM   1017 C  CD2 . LEU A 1 131 ? -12.489 -4.544  7.155   1.00 45.51 ? 130 LEU A CD2 1 
ATOM   1018 N  N   . ILE A 1 132 ? -12.494 -9.306  5.072   1.00 38.74 ? 131 ILE A N   1 
ATOM   1019 C  CA  . ILE A 1 132 ? -13.214 -10.076 4.068   1.00 39.43 ? 131 ILE A CA  1 
ATOM   1020 C  C   . ILE A 1 132 ? -14.409 -10.841 4.662   1.00 37.61 ? 131 ILE A C   1 
ATOM   1021 O  O   . ILE A 1 132 ? -15.461 -10.873 4.050   1.00 36.64 ? 131 ILE A O   1 
ATOM   1022 C  CB  . ILE A 1 132 ? -12.280 -11.053 3.338   1.00 42.00 ? 131 ILE A CB  1 
ATOM   1023 C  CG1 . ILE A 1 132 ? -11.389 -10.282 2.380   1.00 47.73 ? 131 ILE A CG1 1 
ATOM   1024 C  CG2 . ILE A 1 132 ? -13.078 -12.089 2.540   1.00 41.80 ? 131 ILE A CG2 1 
ATOM   1025 C  CD1 . ILE A 1 132 ? -12.137 -9.698  1.194   1.00 48.96 ? 131 ILE A CD1 1 
ATOM   1026 N  N   . ASN A 1 133 ? -14.232 -11.451 5.837   1.00 35.44 ? 132 ASN A N   1 
ATOM   1027 C  CA  . ASN A 1 133 ? -15.296 -12.161 6.493   1.00 34.64 ? 132 ASN A CA  1 
ATOM   1028 C  C   . ASN A 1 133 ? -16.418 -11.197 6.839   1.00 31.50 ? 132 ASN A C   1 
ATOM   1029 O  O   . ASN A 1 133 ? -17.561 -11.575 6.751   1.00 31.19 ? 132 ASN A O   1 
ATOM   1030 C  CB  . ASN A 1 133 ? -14.810 -12.945 7.724   1.00 36.11 ? 132 ASN A CB  1 
ATOM   1031 C  CG  . ASN A 1 133 ? -13.995 -14.193 7.357   1.00 35.16 ? 132 ASN A CG  1 
ATOM   1032 O  OD1 . ASN A 1 133 ? -14.016 -14.659 6.225   1.00 33.21 ? 132 ASN A OD1 1 
ATOM   1033 N  ND2 . ASN A 1 133 ? -13.266 -14.719 8.321   1.00 36.95 ? 132 ASN A ND2 1 
ATOM   1034 N  N   . LEU A 1 134 ? -16.108 -9.955  7.191   1.00 30.13 ? 133 LEU A N   1 
ATOM   1035 C  CA  . LEU A 1 134 ? -17.167 -8.952  7.437   1.00 30.52 ? 133 LEU A CA  1 
ATOM   1036 C  C   . LEU A 1 134 ? -17.899 -8.624  6.135   1.00 28.76 ? 133 LEU A C   1 
ATOM   1037 O  O   . LEU A 1 134 ? -19.132 -8.551  6.088   1.00 29.46 ? 133 LEU A O   1 
ATOM   1038 C  CB  . LEU A 1 134 ? -16.592 -7.670  8.059   1.00 30.68 ? 133 LEU A CB  1 
ATOM   1039 C  CG  . LEU A 1 134 ? -16.209 -7.790  9.527   1.00 30.21 ? 133 LEU A CG  1 
ATOM   1040 C  CD1 . LEU A 1 134 ? -15.293 -6.632  9.957   1.00 34.98 ? 133 LEU A CD1 1 
ATOM   1041 C  CD2 . LEU A 1 134 ? -17.446 -7.888  10.408  1.00 33.53 ? 133 LEU A CD2 1 
ATOM   1042 N  N   . ALA A 1 135 ? -17.137 -8.497  5.063   1.00 26.05 ? 134 ALA A N   1 
ATOM   1043 C  CA  . ALA A 1 135 ? -17.683 -8.136  3.767   1.00 29.49 ? 134 ALA A CA  1 
ATOM   1044 C  C   . ALA A 1 135 ? -18.613 -9.209  3.260   1.00 28.47 ? 134 ALA A C   1 
ATOM   1045 O  O   . ALA A 1 135 ? -19.670 -8.900  2.716   1.00 30.87 ? 134 ALA A O   1 
ATOM   1046 C  CB  . ALA A 1 135 ? -16.569 -7.890  2.751   1.00 28.38 ? 134 ALA A CB  1 
ATOM   1047 N  N   . LYS A 1 136 ? -18.197 -10.464 3.435   1.00 31.23 ? 135 LYS A N   1 
ATOM   1048 C  CA  . LYS A 1 136 ? -19.009 -11.645 3.066   1.00 29.64 ? 135 LYS A CA  1 
ATOM   1049 C  C   . LYS A 1 136 ? -20.276 -11.683 3.874   1.00 29.07 ? 135 LYS A C   1 
ATOM   1050 O  O   . LYS A 1 136 ? -21.343 -12.003 3.350   1.00 25.35 ? 135 LYS A O   1 
ATOM   1051 C  CB  . LYS A 1 136 ? -18.225 -12.959 3.262   1.00 28.56 ? 135 LYS A CB  1 
ATOM   1052 C  CG  . LYS A 1 136 ? -17.052 -13.113 2.296   1.00 27.62 ? 135 LYS A CG  1 
ATOM   1053 C  CD  . LYS A 1 136 ? -16.307 -14.458 2.459   1.00 27.12 ? 135 LYS A CD  1 
ATOM   1054 C  CE  . LYS A 1 136 ? -15.250 -14.655 1.371   1.00 34.44 ? 135 LYS A CE  1 
ATOM   1055 N  NZ  . LYS A 1 136 ? -14.404 -15.877 1.597   1.00 31.63 ? 135 LYS A NZ  1 
ATOM   1056 N  N   . GLN A 1 137 ? -20.168 -11.352 5.160   1.00 32.31 ? 136 GLN A N   1 
ATOM   1057 C  CA  . GLN A 1 137 ? -21.327 -11.320 6.069   1.00 32.89 ? 136 GLN A CA  1 
ATOM   1058 C  C   . GLN A 1 137 ? -22.405 -10.343 5.591   1.00 33.09 ? 136 GLN A C   1 
ATOM   1059 O  O   . GLN A 1 137 ? -23.596 -10.628 5.636   1.00 30.47 ? 136 GLN A O   1 
ATOM   1060 C  CB  . GLN A 1 137 ? -20.855 -10.930 7.479   1.00 32.63 ? 136 GLN A CB  1 
ATOM   1061 C  CG  . GLN A 1 137 ? -21.957 -10.773 8.500   1.00 38.67 ? 136 GLN A CG  1 
ATOM   1062 C  CD  . GLN A 1 137 ? -21.475 -10.313 9.873   1.00 37.77 ? 136 GLN A CD  1 
ATOM   1063 O  OE1 . GLN A 1 137 ? -20.293 -10.002 10.087  1.00 43.83 ? 136 GLN A OE1 1 
ATOM   1064 N  NE2 . GLN A 1 137 ? -22.411 -10.261 10.817  1.00 48.98 ? 136 GLN A NE2 1 
ATOM   1065 N  N   . HIS A 1 138 ? -21.956 -9.210  5.085   1.00 35.18 ? 137 HIS A N   1 
ATOM   1066 C  CA  . HIS A 1 138 ? -22.821 -8.136  4.620   1.00 35.96 ? 137 HIS A CA  1 
ATOM   1067 C  C   . HIS A 1 138 ? -23.132 -8.160  3.117   1.00 35.79 ? 137 HIS A C   1 
ATOM   1068 O  O   . HIS A 1 138 ? -23.640 -7.184  2.568   1.00 33.88 ? 137 HIS A O   1 
ATOM   1069 C  CB  . HIS A 1 138 ? -22.188 -6.800  5.036   1.00 34.85 ? 137 HIS A CB  1 
ATOM   1070 C  CG  . HIS A 1 138 ? -22.253 -6.567  6.516   1.00 34.70 ? 137 HIS A CG  1 
ATOM   1071 N  ND1 . HIS A 1 138 ? -23.412 -6.168  7.149   1.00 36.70 ? 137 HIS A ND1 1 
ATOM   1072 C  CD2 . HIS A 1 138 ? -21.324 -6.717  7.489   1.00 35.61 ? 137 HIS A CD2 1 
ATOM   1073 C  CE1 . HIS A 1 138 ? -23.191 -6.066  8.446   1.00 41.20 ? 137 HIS A CE1 1 
ATOM   1074 N  NE2 . HIS A 1 138 ? -21.927 -6.377  8.679   1.00 45.66 ? 137 HIS A NE2 1 
ATOM   1075 N  N   . GLY A 1 139 ? -22.818 -9.278  2.469   1.00 36.56 ? 138 GLY A N   1 
ATOM   1076 C  CA  . GLY A 1 139 ? -23.139 -9.497  1.070   1.00 34.82 ? 138 GLY A CA  1 
ATOM   1077 C  C   . GLY A 1 139 ? -22.347 -8.653  0.108   1.00 32.71 ? 138 GLY A C   1 
ATOM   1078 O  O   . GLY A 1 139 ? -22.770 -8.452  -1.007  1.00 32.20 ? 138 GLY A O   1 
ATOM   1079 N  N   . LEU A 1 140 ? -21.173 -8.189  0.520   1.00 36.12 ? 139 LEU A N   1 
ATOM   1080 C  CA  . LEU A 1 140 ? -20.344 -7.321  -0.337  1.00 33.43 ? 139 LEU A CA  1 
ATOM   1081 C  C   . LEU A 1 140 ? -19.284 -8.080  -1.145  1.00 35.18 ? 139 LEU A C   1 
ATOM   1082 O  O   . LEU A 1 140 ? -18.790 -7.572  -2.134  1.00 33.92 ? 139 LEU A O   1 
ATOM   1083 C  CB  . LEU A 1 140 ? -19.675 -6.237  0.511   1.00 35.05 ? 139 LEU A CB  1 
ATOM   1084 C  CG  . LEU A 1 140 ? -20.661 -5.300  1.220   1.00 38.37 ? 139 LEU A CG  1 
ATOM   1085 C  CD1 . LEU A 1 140 ? -19.971 -4.580  2.365   1.00 41.17 ? 139 LEU A CD1 1 
ATOM   1086 C  CD2 . LEU A 1 140 ? -21.315 -4.311  0.229   1.00 37.56 ? 139 LEU A CD2 1 
ATOM   1087 N  N   . VAL A 1 141 ? -18.927 -9.281  -0.700  1.00 35.21 ? 140 VAL A N   1 
ATOM   1088 C  CA  . VAL A 1 141 ? -17.948 -10.106 -1.370  1.00 34.48 ? 140 VAL A CA  1 
ATOM   1089 C  C   . VAL A 1 141 ? -18.510 -11.505 -1.431  1.00 34.48 ? 140 VAL A C   1 
ATOM   1090 O  O   . VAL A 1 141 ? -18.935 -12.033 -0.422  1.00 36.47 ? 140 VAL A O   1 
ATOM   1091 C  CB  . VAL A 1 141 ? -16.605 -10.117 -0.629  1.00 33.00 ? 140 VAL A CB  1 
ATOM   1092 C  CG1 . VAL A 1 141 ? -15.646 -11.130 -1.267  1.00 31.28 ? 140 VAL A CG1 1 
ATOM   1093 C  CG2 . VAL A 1 141 ? -15.998 -8.733  -0.653  1.00 31.55 ? 140 VAL A CG2 1 
ATOM   1094 N  N   . HIS A 1 142 ? -18.517 -12.112 -2.610  1.00 34.40 ? 141 HIS A N   1 
ATOM   1095 C  CA  . HIS A 1 142 ? -19.079 -13.460 -2.754  1.00 35.41 ? 141 HIS A CA  1 
ATOM   1096 C  C   . HIS A 1 142 ? -18.339 -14.446 -1.825  1.00 34.83 ? 141 HIS A C   1 
ATOM   1097 O  O   . HIS A 1 142 ? -17.136 -14.355 -1.645  1.00 31.52 ? 141 HIS A O   1 
ATOM   1098 C  CB  . HIS A 1 142 ? -19.012 -13.902 -4.210  1.00 35.30 ? 141 HIS A CB  1 
ATOM   1099 C  CG  . HIS A 1 142 ? -19.761 -15.162 -4.493  1.00 36.80 ? 141 HIS A CG  1 
ATOM   1100 N  ND1 . HIS A 1 142 ? -19.235 -16.413 -4.256  1.00 35.64 ? 141 HIS A ND1 1 
ATOM   1101 C  CD2 . HIS A 1 142 ? -20.995 -15.363 -5.010  1.00 43.07 ? 141 HIS A CD2 1 
ATOM   1102 C  CE1 . HIS A 1 142 ? -20.115 -17.330 -4.613  1.00 41.64 ? 141 HIS A CE1 1 
ATOM   1103 N  NE2 . HIS A 1 142 ? -21.192 -16.719 -5.072  1.00 41.78 ? 141 HIS A NE2 1 
ATOM   1104 N  N   . HIS A 1 143 ? -19.075 -15.368 -1.223  1.00 36.41 ? 142 HIS A N   1 
ATOM   1105 C  CA  . HIS A 1 143 ? -18.498 -16.301 -0.247  1.00 39.46 ? 142 HIS A CA  1 
ATOM   1106 C  C   . HIS A 1 143 ? -17.403 -17.236 -0.784  1.00 39.98 ? 142 HIS A C   1 
ATOM   1107 O  O   . HIS A 1 143 ? -16.629 -17.766 -0.006  1.00 42.41 ? 142 HIS A O   1 
ATOM   1108 C  CB  . HIS A 1 143 ? -19.610 -17.135 0.416   1.00 43.03 ? 142 HIS A CB  1 
ATOM   1109 C  CG  . HIS A 1 143 ? -20.480 -16.367 1.381   1.00 47.08 ? 142 HIS A CG  1 
ATOM   1110 N  ND1 . HIS A 1 143 ? -20.095 -16.099 2.681   1.00 44.50 ? 142 HIS A ND1 1 
ATOM   1111 C  CD2 . HIS A 1 143 ? -21.736 -15.873 1.258   1.00 51.60 ? 142 HIS A CD2 1 
ATOM   1112 C  CE1 . HIS A 1 143 ? -21.059 -15.442 3.301   1.00 48.53 ? 142 HIS A CE1 1 
ATOM   1113 N  NE2 . HIS A 1 143 ? -22.067 -15.294 2.461   1.00 56.24 ? 142 HIS A NE2 1 
ATOM   1114 N  N   . ASP A 1 144 ? -17.344 -17.470 -2.092  1.00 39.95 ? 143 ASP A N   1 
ATOM   1115 C  CA  . ASP A 1 144 ? -16.333 -18.377 -2.638  1.00 41.63 ? 143 ASP A CA  1 
ATOM   1116 C  C   . ASP A 1 144 ? -14.949 -17.746 -2.786  1.00 42.34 ? 143 ASP A C   1 
ATOM   1117 O  O   . ASP A 1 144 ? -13.943 -18.465 -2.910  1.00 43.94 ? 143 ASP A O   1 
ATOM   1118 C  CB  . ASP A 1 144 ? -16.773 -18.941 -4.005  1.00 44.50 ? 143 ASP A CB  1 
ATOM   1119 C  CG  . ASP A 1 144 ? -17.924 -19.943 -3.905  1.00 45.25 ? 143 ASP A CG  1 
ATOM   1120 O  OD1 . ASP A 1 144 ? -18.248 -20.432 -2.793  1.00 49.12 ? 143 ASP A OD1 1 
ATOM   1121 O  OD2 . ASP A 1 144 ? -18.510 -20.251 -4.964  1.00 59.39 ? 143 ASP A OD2 1 
ATOM   1122 N  N   . ILE A 1 145 ? -14.882 -16.417 -2.756  1.00 38.83 ? 144 ILE A N   1 
ATOM   1123 C  CA  . ILE A 1 145 ? -13.620 -15.714 -2.954  1.00 39.96 ? 144 ILE A CA  1 
ATOM   1124 C  C   . ILE A 1 145 ? -12.692 -15.763 -1.742  1.00 37.97 ? 144 ILE A C   1 
ATOM   1125 O  O   . ILE A 1 145 ? -13.051 -15.317 -0.638  1.00 37.89 ? 144 ILE A O   1 
ATOM   1126 C  CB  . ILE A 1 145 ? -13.893 -14.249 -3.347  1.00 40.14 ? 144 ILE A CB  1 
ATOM   1127 C  CG1 . ILE A 1 145 ? -14.602 -14.244 -4.710  1.00 47.83 ? 144 ILE A CG1 1 
ATOM   1128 C  CG2 . ILE A 1 145 ? -12.587 -13.493 -3.400  1.00 45.39 ? 144 ILE A CG2 1 
ATOM   1129 C  CD1 . ILE A 1 145 ? -15.370 -12.999 -4.982  1.00 52.01 ? 144 ILE A CD1 1 
ATOM   1130 N  N   . ALA A 1 146 ? -11.489 -16.284 -1.941  1.00 35.94 ? 145 ALA A N   1 
ATOM   1131 C  CA  . ALA A 1 146 ? -10.524 -16.361 -0.825  1.00 36.89 ? 145 ALA A CA  1 
ATOM   1132 C  C   . ALA A 1 146 ? -9.898  -15.005 -0.492  1.00 36.09 ? 145 ALA A C   1 
ATOM   1133 O  O   . ALA A 1 146 ? -9.786  -14.144 -1.350  1.00 38.63 ? 145 ALA A O   1 
ATOM   1134 C  CB  . ALA A 1 146 ? -9.443  -17.386 -1.123  1.00 38.61 ? 145 ALA A CB  1 
ATOM   1135 N  N   . PRO A 1 147 ? -9.540  -14.776 0.784   1.00 38.31 ? 146 PRO A N   1 
ATOM   1136 C  CA  . PRO A 1 147 ? -8.851  -13.532 1.129   1.00 39.71 ? 146 PRO A CA  1 
ATOM   1137 C  C   . PRO A 1 147 ? -7.575  -13.233 0.307   1.00 42.21 ? 146 PRO A C   1 
ATOM   1138 O  O   . PRO A 1 147 ? -7.345  -12.069 -0.045  1.00 44.58 ? 146 PRO A O   1 
ATOM   1139 C  CB  . PRO A 1 147 ? -8.535  -13.707 2.624   1.00 39.76 ? 146 PRO A CB  1 
ATOM   1140 C  CG  . PRO A 1 147 ? -9.574  -14.617 3.114   1.00 37.95 ? 146 PRO A CG  1 
ATOM   1141 C  CD  . PRO A 1 147 ? -9.830  -15.582 1.983   1.00 39.35 ? 146 PRO A CD  1 
ATOM   1142 N  N   . GLY A 1 148 ? -6.774  -14.256 -0.007  1.00 42.23 ? 147 GLY A N   1 
ATOM   1143 C  CA  . GLY A 1 148 ? -5.544  -14.076 -0.783  1.00 40.63 ? 147 GLY A CA  1 
ATOM   1144 C  C   . GLY A 1 148 ? -5.825  -13.697 -2.224  1.00 41.14 ? 147 GLY A C   1 
ATOM   1145 O  O   . GLY A 1 148 ? -5.089  -12.945 -2.843  1.00 42.41 ? 147 GLY A O   1 
ATOM   1146 N  N   . THR A 1 149 ? -6.920  -14.200 -2.761  1.00 39.87 ? 148 THR A N   1 
ATOM   1147 C  CA  . THR A 1 149 ? -7.292  -13.840 -4.109  1.00 39.25 ? 148 THR A CA  1 
ATOM   1148 C  C   . THR A 1 149 ? -7.676  -12.368 -4.147  1.00 37.99 ? 148 THR A C   1 
ATOM   1149 O  O   . THR A 1 149 ? -7.286  -11.637 -5.062  1.00 37.24 ? 148 THR A O   1 
ATOM   1150 C  CB  . THR A 1 149 ? -8.430  -14.727 -4.574  1.00 40.10 ? 148 THR A CB  1 
ATOM   1151 O  OG1 . THR A 1 149 ? -7.985  -16.089 -4.472  1.00 39.37 ? 148 THR A OG1 1 
ATOM   1152 C  CG2 . THR A 1 149 ? -8.834  -14.390 -5.999  1.00 38.91 ? 148 THR A CG2 1 
ATOM   1153 N  N   . TYR A 1 150 ? -8.416  -11.927 -3.126  1.00 37.93 ? 149 TYR A N   1 
ATOM   1154 C  CA  . TYR A 1 150 ? -8.793  -10.522 -3.012  1.00 34.69 ? 149 TYR A CA  1 
ATOM   1155 C  C   . TYR A 1 150 ? -7.568  -9.613  -2.931  1.00 33.32 ? 149 TYR A C   1 
ATOM   1156 O  O   . TYR A 1 150 ? -7.515  -8.582  -3.596  1.00 36.19 ? 149 TYR A O   1 
ATOM   1157 C  CB  . TYR A 1 150 ? -9.727  -10.292 -1.814  1.00 34.22 ? 149 TYR A CB  1 
ATOM   1158 C  CG  . TYR A 1 150 ? -9.684  -8.873  -1.316  1.00 34.61 ? 149 TYR A CG  1 
ATOM   1159 C  CD1 . TYR A 1 150 ? -10.347 -7.840  -1.994  1.00 35.84 ? 149 TYR A CD1 1 
ATOM   1160 C  CD2 . TYR A 1 150 ? -8.971  -8.544  -0.155  1.00 32.88 ? 149 TYR A CD2 1 
ATOM   1161 C  CE1 . TYR A 1 150 ? -10.287 -6.550  -1.540  1.00 32.01 ? 149 TYR A CE1 1 
ATOM   1162 C  CE2 . TYR A 1 150 ? -8.941  -7.252  0.316   1.00 30.42 ? 149 TYR A CE2 1 
ATOM   1163 C  CZ  . TYR A 1 150 ? -9.590  -6.268  -0.379  1.00 34.46 ? 149 TYR A CZ  1 
ATOM   1164 O  OH  . TYR A 1 150 ? -9.512  -5.002  0.086   1.00 40.09 ? 149 TYR A OH  1 
ATOM   1165 N  N   . ILE A 1 151 ? -6.589  -9.978  -2.112  1.00 35.50 ? 150 ILE A N   1 
ATOM   1166 C  CA  . ILE A 1 151 ? -5.372  -9.162  -1.942  1.00 38.88 ? 150 ILE A CA  1 
ATOM   1167 C  C   . ILE A 1 151 ? -4.593  -9.038  -3.224  1.00 36.41 ? 150 ILE A C   1 
ATOM   1168 O  O   . ILE A 1 151 ? -4.203  -7.931  -3.626  1.00 37.62 ? 150 ILE A O   1 
ATOM   1169 C  CB  . ILE A 1 151 ? -4.405  -9.783  -0.902  1.00 40.78 ? 150 ILE A CB  1 
ATOM   1170 C  CG1 . ILE A 1 151 ? -4.990  -9.695  0.506   1.00 48.82 ? 150 ILE A CG1 1 
ATOM   1171 C  CG2 . ILE A 1 151 ? -3.074  -9.074  -0.911  1.00 48.07 ? 150 ILE A CG2 1 
ATOM   1172 C  CD1 . ILE A 1 151 ? -4.370  -10.725 1.474   1.00 47.31 ? 150 ILE A CD1 1 
ATOM   1173 N  N   . VAL A 1 152 ? -4.322  -10.177 -3.846  1.00 37.54 ? 151 VAL A N   1 
ATOM   1174 C  CA  . VAL A 1 152 ? -3.540  -10.202 -5.102  1.00 39.65 ? 151 VAL A CA  1 
ATOM   1175 C  C   . VAL A 1 152 ? -4.280  -9.407  -6.179  1.00 39.35 ? 151 VAL A C   1 
ATOM   1176 O  O   . VAL A 1 152 ? -3.656  -8.662  -6.952  1.00 39.42 ? 151 VAL A O   1 
ATOM   1177 C  CB  . VAL A 1 152 ? -3.262  -11.662 -5.523  1.00 40.82 ? 151 VAL A CB  1 
ATOM   1178 C  CG1 . VAL A 1 152 ? -2.726  -11.787 -6.962  1.00 46.64 ? 151 VAL A CG1 1 
ATOM   1179 C  CG2 . VAL A 1 152 ? -2.287  -12.288 -4.544  1.00 46.95 ? 151 VAL A CG2 1 
ATOM   1180 N  N   . GLY A 1 153 ? -5.611  -9.520  -6.200  1.00 39.36 ? 152 GLY A N   1 
ATOM   1181 C  CA  . GLY A 1 153 ? -6.421  -8.804  -7.171  1.00 36.44 ? 152 GLY A CA  1 
ATOM   1182 C  C   . GLY A 1 153 ? -6.335  -7.314  -6.954  1.00 36.18 ? 152 GLY A C   1 
ATOM   1183 O  O   . GLY A 1 153 ? -6.164  -6.564  -7.886  1.00 37.41 ? 152 GLY A O   1 
ATOM   1184 N  N   . LEU A 1 154 ? -6.471  -6.875  -5.710  1.00 38.22 ? 153 LEU A N   1 
ATOM   1185 C  CA  . LEU A 1 154 ? -6.379  -5.469  -5.378  1.00 38.44 ? 153 LEU A CA  1 
ATOM   1186 C  C   . LEU A 1 154 ? -5.006  -4.873  -5.755  1.00 37.94 ? 153 LEU A C   1 
ATOM   1187 O  O   . LEU A 1 154 ? -4.890  -3.752  -6.280  1.00 39.99 ? 153 LEU A O   1 
ATOM   1188 C  CB  . LEU A 1 154 ? -6.640  -5.274  -3.881  1.00 35.52 ? 153 LEU A CB  1 
ATOM   1189 C  CG  . LEU A 1 154 ? -6.790  -3.815  -3.475  1.00 41.27 ? 153 LEU A CG  1 
ATOM   1190 C  CD1 . LEU A 1 154 ? -8.006  -3.189  -4.144  1.00 44.64 ? 153 LEU A CD1 1 
ATOM   1191 C  CD2 . LEU A 1 154 ? -6.899  -3.683  -1.956  1.00 42.30 ? 153 LEU A CD2 1 
ATOM   1192 N  N   . ILE A 1 155 ? -3.957  -5.614  -5.470  1.00 37.66 ? 154 ILE A N   1 
ATOM   1193 C  CA  . ILE A 1 155 ? -2.611  -5.173  -5.805  1.00 38.36 ? 154 ILE A CA  1 
ATOM   1194 C  C   . ILE A 1 155 ? -2.470  -5.087  -7.317  1.00 37.19 ? 154 ILE A C   1 
ATOM   1195 O  O   . ILE A 1 155 ? -1.922  -4.125  -7.844  1.00 34.84 ? 154 ILE A O   1 
ATOM   1196 C  CB  . ILE A 1 155 ? -1.543  -6.127  -5.173  1.00 39.16 ? 154 ILE A CB  1 
ATOM   1197 C  CG1 . ILE A 1 155 ? -1.488  -5.894  -3.657  1.00 39.05 ? 154 ILE A CG1 1 
ATOM   1198 C  CG2 . ILE A 1 155 ? -0.148  -5.891  -5.745  1.00 40.54 ? 154 ILE A CG2 1 
ATOM   1199 C  CD1 . ILE A 1 155 ? -0.759  -6.992  -2.933  1.00 42.67 ? 154 ILE A CD1 1 
ATOM   1200 N  N   . THR A 1 156 ? -3.033  -6.075  -8.007  1.00 37.74 ? 155 THR A N   1 
ATOM   1201 C  CA  . THR A 1 156 ? -2.957  -6.146  -9.464  1.00 37.65 ? 155 THR A CA  1 
ATOM   1202 C  C   . THR A 1 156 ? -3.753  -5.007  -10.138 1.00 38.86 ? 155 THR A C   1 
ATOM   1203 O  O   . THR A 1 156 ? -3.220  -4.313  -11.003 1.00 40.21 ? 155 THR A O   1 
ATOM   1204 C  CB  . THR A 1 156 ? -3.422  -7.533  -9.977  1.00 38.45 ? 155 THR A CB  1 
ATOM   1205 O  OG1 . THR A 1 156 ? -2.520  -8.546  -9.522  1.00 39.52 ? 155 THR A OG1 1 
ATOM   1206 C  CG2 . THR A 1 156 ? -3.492  -7.605  -11.510 1.00 40.21 ? 155 THR A CG2 1 
ATOM   1207 N  N   . ILE A 1 157 ? -5.017  -4.812  -9.773  1.00 38.09 ? 156 ILE A N   1 
ATOM   1208 C  CA  . ILE A 1 157 ? -5.789  -3.762  -10.428 1.00 39.35 ? 156 ILE A CA  1 
ATOM   1209 C  C   . ILE A 1 157 ? -5.294  -2.352  -10.126 1.00 39.27 ? 156 ILE A C   1 
ATOM   1210 O  O   . ILE A 1 157 ? -5.598  -1.448  -10.882 1.00 42.63 ? 156 ILE A O   1 
ATOM   1211 C  CB  . ILE A 1 157 ? -7.295  -3.787  -10.125 1.00 39.46 ? 156 ILE A CB  1 
ATOM   1212 C  CG1 . ILE A 1 157 ? -7.540  -3.660  -8.630  1.00 44.77 ? 156 ILE A CG1 1 
ATOM   1213 C  CG2 . ILE A 1 157 ? -7.946  -5.033  -10.688 1.00 41.18 ? 156 ILE A CG2 1 
ATOM   1214 C  CD1 . ILE A 1 157 ? -8.665  -2.728  -8.318  1.00 56.55 ? 156 ILE A CD1 1 
ATOM   1215 N  N   . SER A 1 158 ? -4.557  -2.174  -9.027  1.00 40.96 ? 157 SER A N   1 
ATOM   1216 C  CA  . SER A 1 158 ? -4.029  -0.871  -8.589  1.00 41.15 ? 157 SER A CA  1 
ATOM   1217 C  C   . SER A 1 158 ? -2.737  -0.500  -9.251  1.00 41.49 ? 157 SER A C   1 
ATOM   1218 O  O   . SER A 1 158 ? -2.276  0.625   -9.092  1.00 43.43 ? 157 SER A O   1 
ATOM   1219 C  CB  . SER A 1 158 ? -3.711  -0.882  -7.068  1.00 42.66 ? 157 SER A CB  1 
ATOM   1220 O  OG  . SER A 1 158 ? -4.856  -1.209  -6.315  1.00 50.53 ? 157 SER A OG  1 
ATOM   1221 N  N   . ARG A 1 159 ? -2.108  -1.448  -9.925  1.00 37.76 ? 158 ARG A N   1 
ATOM   1222 C  CA  . ARG A 1 159 ? -0.817  -1.183  -10.548 1.00 40.31 ? 158 ARG A CA  1 
ATOM   1223 C  C   . ARG A 1 159 ? -1.093  -0.265  -11.694 1.00 40.57 ? 158 ARG A C   1 
ATOM   1224 O  O   . ARG A 1 159 ? -1.860  -0.617  -12.579 1.00 38.54 ? 158 ARG A O   1 
ATOM   1225 C  CB  . ARG A 1 159 ? -0.177  -2.466  -11.053 1.00 38.75 ? 158 ARG A CB  1 
ATOM   1226 C  CG  . ARG A 1 159 ? 1.282   -2.297  -11.464 1.00 41.05 ? 158 ARG A CG  1 
ATOM   1227 C  CD  . ARG A 1 159 ? 1.872   -3.651  -11.785 1.00 45.89 ? 158 ARG A CD  1 
ATOM   1228 N  NE  . ARG A 1 159 ? 3.331   -3.623  -11.868 1.00 54.55 ? 158 ARG A NE  1 
ATOM   1229 C  CZ  . ARG A 1 159 ? 4.082   -4.717  -11.931 1.00 53.05 ? 158 ARG A CZ  1 
ATOM   1230 N  NH1 . ARG A 1 159 ? 3.522   -5.930  -11.936 1.00 55.63 ? 158 ARG A NH1 1 
ATOM   1231 N  NH2 . ARG A 1 159 ? 5.390   -4.603  -12.006 1.00 63.06 ? 158 ARG A NH2 1 
ATOM   1232 N  N   . PRO A 1 160 ? -0.506  0.928   -11.686 1.00 44.12 ? 159 PRO A N   1 
ATOM   1233 C  CA  . PRO A 1 160 ? -0.838  1.819   -12.809 1.00 46.91 ? 159 PRO A CA  1 
ATOM   1234 C  C   . PRO A 1 160 ? -0.411  1.249   -14.171 1.00 46.54 ? 159 PRO A C   1 
ATOM   1235 O  O   . PRO A 1 160 ? 0.483   0.408   -14.222 1.00 40.71 ? 159 PRO A O   1 
ATOM   1236 C  CB  . PRO A 1 160 ? -0.071  3.116   -12.481 1.00 49.07 ? 159 PRO A CB  1 
ATOM   1237 C  CG  . PRO A 1 160 ? 0.980   2.742   -11.497 1.00 48.33 ? 159 PRO A CG  1 
ATOM   1238 C  CD  . PRO A 1 160 ? 0.439   1.541   -10.730 1.00 47.12 ? 159 PRO A CD  1 
ATOM   1239 N  N   . PRO A 1 161 ? -1.064  1.689   -15.264 1.00 47.24 ? 160 PRO A N   1 
ATOM   1240 C  CA  . PRO A 1 161 ? -0.709  1.169   -16.607 1.00 46.68 ? 160 PRO A CA  1 
ATOM   1241 C  C   . PRO A 1 161 ? 0.646   1.620   -17.090 1.00 47.08 ? 160 PRO A C   1 
ATOM   1242 O  O   . PRO A 1 161 ? 1.191   2.598   -16.577 1.00 49.67 ? 160 PRO A O   1 
ATOM   1243 C  CB  . PRO A 1 161 ? -1.790  1.743   -17.548 1.00 47.09 ? 160 PRO A CB  1 
ATOM   1244 C  CG  . PRO A 1 161 ? -2.781  2.530   -16.662 1.00 51.76 ? 160 PRO A CG  1 
ATOM   1245 C  CD  . PRO A 1 161 ? -2.154  2.692   -15.290 1.00 48.56 ? 160 PRO A CD  1 
ATOM   1246 N  N   . ILE A 1 162 ? 1.205   0.915   -18.061 1.00 44.08 ? 161 ILE A N   1 
ATOM   1247 C  CA  . ILE A 1 162 ? 2.443   1.356   -18.634 1.00 46.68 ? 161 ILE A CA  1 
ATOM   1248 C  C   . ILE A 1 162 ? 2.187   2.743   -19.234 1.00 46.53 ? 161 ILE A C   1 
ATOM   1249 O  O   . ILE A 1 162 ? 1.070   3.090   -19.590 1.00 46.29 ? 161 ILE A O   1 
ATOM   1250 C  CB  . ILE A 1 162 ? 3.016   0.395   -19.696 1.00 45.66 ? 161 ILE A CB  1 
ATOM   1251 C  CG1 . ILE A 1 162 ? 2.029   0.133   -20.828 1.00 48.13 ? 161 ILE A CG1 1 
ATOM   1252 C  CG2 . ILE A 1 162 ? 3.418   -0.931  -19.060 1.00 54.19 ? 161 ILE A CG2 1 
ATOM   1253 C  CD1 . ILE A 1 162 ? 2.617   -0.822  -21.887 1.00 48.12 ? 161 ILE A CD1 1 
ATOM   1254 N  N   . THR A 1 163 ? 3.241   3.517   -19.358 1.00 49.88 ? 162 THR A N   1 
ATOM   1255 C  CA  . THR A 1 163 ? 3.150   4.888   -19.848 1.00 51.15 ? 162 THR A CA  1 
ATOM   1256 C  C   . THR A 1 163 ? 2.268   5.032   -21.057 1.00 49.91 ? 162 THR A C   1 
ATOM   1257 O  O   . THR A 1 163 ? 1.315   5.808   -21.026 1.00 47.85 ? 162 THR A O   1 
ATOM   1258 C  CB  . THR A 1 163 ? 4.522   5.408   -20.208 1.00 52.26 ? 162 THR A CB  1 
ATOM   1259 O  OG1 . THR A 1 163 ? 5.400   5.159   -19.105 1.00 53.25 ? 162 THR A OG1 1 
ATOM   1260 C  CG2 . THR A 1 163 ? 4.465   6.897   -20.506 1.00 55.75 ? 162 THR A CG2 1 
ATOM   1261 N  N   . ALA A 1 164 ? 2.563   4.248   -22.098 1.00 49.21 ? 163 ALA A N   1 
ATOM   1262 C  CA  . ALA A 1 164 ? 1.815   4.283   -23.360 1.00 46.83 ? 163 ALA A CA  1 
ATOM   1263 C  C   . ALA A 1 164 ? 0.293   4.237   -23.203 1.00 46.11 ? 163 ALA A C   1 
ATOM   1264 O  O   . ALA A 1 164 ? -0.427  4.777   -24.036 1.00 47.01 ? 163 ALA A O   1 
ATOM   1265 C  CB  . ALA A 1 164 ? 2.284   3.143   -24.293 1.00 47.06 ? 163 ALA A CB  1 
ATOM   1266 N  N   . LEU A 1 165 ? -0.195  3.585   -22.153 1.00 45.07 ? 164 LEU A N   1 
ATOM   1267 C  CA  . LEU A 1 165 ? -1.631  3.442   -21.930 1.00 44.82 ? 164 LEU A CA  1 
ATOM   1268 C  C   . LEU A 1 165 ? -2.210  4.373   -20.857 1.00 47.33 ? 164 LEU A C   1 
ATOM   1269 O  O   . LEU A 1 165 ? -3.415  4.299   -20.554 1.00 48.78 ? 164 LEU A O   1 
ATOM   1270 C  CB  . LEU A 1 165 ? -1.905  2.010   -21.529 1.00 43.74 ? 164 LEU A CB  1 
ATOM   1271 C  CG  . LEU A 1 165 ? -1.418  0.985   -22.551 1.00 45.80 ? 164 LEU A CG  1 
ATOM   1272 C  CD1 . LEU A 1 165 ? -1.782  -0.400  -22.094 1.00 42.64 ? 164 LEU A CD1 1 
ATOM   1273 C  CD2 . LEU A 1 165 ? -2.017  1.259   -23.897 1.00 51.76 ? 164 LEU A CD2 1 
ATOM   1274 N  N   . ALA A 1 166 ? -1.357  5.211   -20.265 1.00 47.22 ? 165 ALA A N   1 
ATOM   1275 C  CA  . ALA A 1 166 ? -1.773  6.150   -19.219 1.00 49.70 ? 165 ALA A CA  1 
ATOM   1276 C  C   . ALA A 1 166 ? -2.482  7.386   -19.782 1.00 51.04 ? 165 ALA A C   1 
ATOM   1277 O  O   . ALA A 1 166 ? -2.121  7.901   -20.836 1.00 51.44 ? 165 ALA A O   1 
ATOM   1278 C  CB  . ALA A 1 166 ? -0.575  6.573   -18.408 1.00 51.41 ? 165 ALA A CB  1 
ATOM   1279 N  N   . THR A 1 167 ? -3.525  7.835   -19.095 1.00 51.60 ? 166 THR A N   1 
ATOM   1280 C  CA  . THR A 1 167 ? -4.255  9.035   -19.516 1.00 52.02 ? 166 THR A CA  1 
ATOM   1281 C  C   . THR A 1 167 ? -4.116  10.096  -18.428 1.00 49.62 ? 166 THR A C   1 
ATOM   1282 O  O   . THR A 1 167 ? -3.872  9.754   -17.288 1.00 48.31 ? 166 THR A O   1 
ATOM   1283 C  CB  . THR A 1 167 ? -5.740  8.742   -19.722 1.00 50.88 ? 166 THR A CB  1 
ATOM   1284 O  OG1 . THR A 1 167 ? -6.285  8.244   -18.500 1.00 46.76 ? 166 THR A OG1 1 
ATOM   1285 C  CG2 . THR A 1 167 ? -5.922  7.720   -20.859 1.00 57.80 ? 166 THR A CG2 1 
ATOM   1286 N  N   . ILE A 1 168 ? -4.266  11.368  -18.784 1.00 48.94 ? 167 ILE A N   1 
ATOM   1287 C  CA  . ILE A 1 168 ? -4.172  12.437  -17.803 1.00 47.93 ? 167 ILE A CA  1 
ATOM   1288 C  C   . ILE A 1 168 ? -5.226  12.253  -16.698 1.00 47.09 ? 167 ILE A C   1 
ATOM   1289 O  O   . ILE A 1 168 ? -4.907  12.396  -15.520 1.00 42.64 ? 167 ILE A O   1 
ATOM   1290 C  CB  . ILE A 1 168 ? -4.361  13.847  -18.456 1.00 48.96 ? 167 ILE A CB  1 
ATOM   1291 C  CG1 . ILE A 1 168 ? -3.232  14.167  -19.444 1.00 49.07 ? 167 ILE A CG1 1 
ATOM   1292 C  CG2 . ILE A 1 168 ? -4.419  14.919  -17.373 1.00 46.93 ? 167 ILE A CG2 1 
ATOM   1293 N  N   . SER A 1 169 ? -6.480  11.951  -17.069 1.00 46.43 ? 168 SER A N   1 
ATOM   1294 C  CA  . SER A 1 169 ? -7.546  11.726  -16.063 1.00 48.58 ? 168 SER A CA  1 
ATOM   1295 C  C   . SER A 1 169 ? -7.381  10.424  -15.275 1.00 52.04 ? 168 SER A C   1 
ATOM   1296 O  O   . SER A 1 169 ? -7.733  10.355  -14.087 1.00 51.68 ? 168 SER A O   1 
ATOM   1297 C  CB  . SER A 1 169 ? -8.929  11.712  -16.712 1.00 48.05 ? 168 SER A CB  1 
ATOM   1298 O  OG  . SER A 1 169 ? -9.035  10.644  -17.657 1.00 49.38 ? 168 SER A OG  1 
ATOM   1299 N  N   . GLU A 1 170 ? -6.859  9.397   -15.944 1.00 56.64 ? 169 GLU A N   1 
ATOM   1300 C  CA  . GLU A 1 170 ? -6.691  8.068   -15.344 1.00 60.11 ? 169 GLU A CA  1 
ATOM   1301 C  C   . GLU A 1 170 ? -8.070  7.396   -15.136 1.00 62.24 ? 169 GLU A C   1 
ATOM   1302 O  O   . GLU A 1 170 ? -8.211  6.440   -14.345 1.00 62.54 ? 169 GLU A O   1 
ATOM   1303 C  CB  . GLU A 1 170 ? -5.914  8.142   -14.010 1.00 60.39 ? 169 GLU A CB  1 
ATOM   1304 C  CG  . GLU A 1 170 ? -4.446  8.563   -14.130 1.00 59.36 ? 169 GLU A CG  1 
ATOM   1305 N  N   . ASN A 1 171 ? -9.078  7.899   -15.856 1.00 62.34 ? 170 ASN A N   1 
ATOM   1306 C  CA  . ASN A 1 171 ? -10.441 7.391   -15.729 1.00 61.81 ? 170 ASN A CA  1 
ATOM   1307 C  C   . ASN A 1 171 ? -10.570 5.920   -16.034 1.00 59.55 ? 170 ASN A C   1 
ATOM   1308 O  O   . ASN A 1 171 ? -11.236 5.220   -15.290 1.00 61.02 ? 170 ASN A O   1 
ATOM   1309 C  CB  . ASN A 1 171 ? -11.400 8.204   -16.584 1.00 63.39 ? 170 ASN A CB  1 
ATOM   1310 C  CG  . ASN A 1 171 ? -11.711 9.549   -15.969 1.00 62.54 ? 170 ASN A CG  1 
ATOM   1311 O  OD1 . ASN A 1 171 ? -11.653 9.706   -14.740 1.00 56.41 ? 170 ASN A OD1 1 
ATOM   1312 N  ND2 . ASN A 1 171 ? -12.069 10.522  -16.814 1.00 57.51 ? 170 ASN A ND2 1 
ATOM   1313 N  N   . SER A 1 172 ? -9.948  5.452   -17.116 1.00 58.13 ? 171 SER A N   1 
ATOM   1314 C  CA  . SER A 1 172 ? -9.954  4.018   -17.413 1.00 57.42 ? 171 SER A CA  1 
ATOM   1315 C  C   . SER A 1 172 ? -9.436  3.262   -16.177 1.00 55.05 ? 171 SER A C   1 
ATOM   1316 O  O   . SER A 1 172 ? -10.086 2.351   -15.693 1.00 52.31 ? 171 SER A O   1 
ATOM   1317 C  CB  . SER A 1 172 ? -9.093  3.681   -18.634 1.00 57.48 ? 171 SER A CB  1 
ATOM   1318 O  OG  . SER A 1 172 ? -9.691  4.125   -19.832 1.00 61.20 ? 171 SER A OG  1 
ATOM   1319 N  N   . HIS A 1 173 ? -8.296  3.694   -15.643 1.00 55.16 ? 172 HIS A N   1 
ATOM   1320 C  CA  . HIS A 1 173 ? -7.710  3.076   -14.459 1.00 52.30 ? 172 HIS A CA  1 
ATOM   1321 C  C   . HIS A 1 173 ? -8.599  3.172   -13.210 1.00 49.10 ? 172 HIS A C   1 
ATOM   1322 O  O   . HIS A 1 173 ? -8.770  2.162   -12.519 1.00 44.51 ? 172 HIS A O   1 
ATOM   1323 C  CB  . HIS A 1 173 ? -6.317  3.689   -14.165 1.00 54.97 ? 172 HIS A CB  1 
ATOM   1324 C  CG  . HIS A 1 173 ? -5.596  3.070   -12.998 1.00 52.27 ? 172 HIS A CG  1 
ATOM   1325 N  ND1 . HIS A 1 173 ? -5.423  1.704   -12.861 1.00 57.10 ? 172 HIS A ND1 1 
ATOM   1326 C  CD2 . HIS A 1 173 ? -4.915  3.636   -11.971 1.00 58.26 ? 172 HIS A CD2 1 
ATOM   1327 C  CE1 . HIS A 1 173 ? -4.722  1.457   -11.772 1.00 54.45 ? 172 HIS A CE1 1 
ATOM   1328 N  NE2 . HIS A 1 173 ? -4.392  2.613   -11.220 1.00 55.74 ? 172 HIS A NE2 1 
ATOM   1329 N  N   . LYS A 1 174 ? -9.130  4.364   -12.908 1.00 46.33 ? 173 LYS A N   1 
ATOM   1330 C  CA  . LYS A 1 174 ? -9.946  4.574   -11.704 1.00 44.74 ? 173 LYS A CA  1 
ATOM   1331 C  C   . LYS A 1 174 ? -11.242 3.775   -11.740 1.00 45.84 ? 173 LYS A C   1 
ATOM   1332 O  O   . LYS A 1 174 ? -11.728 3.299   -10.709 1.00 43.62 ? 173 LYS A O   1 
ATOM   1333 C  CB  . LYS A 1 174 ? -10.282 6.052   -11.508 1.00 47.88 ? 173 LYS A CB  1 
ATOM   1334 N  N   . ALA A 1 175 ? -11.789 3.614   -12.944 1.00 43.01 ? 174 ALA A N   1 
ATOM   1335 C  CA  . ALA A 1 175 ? -12.974 2.829   -13.137 1.00 40.59 ? 174 ALA A CA  1 
ATOM   1336 C  C   . ALA A 1 175 ? -12.720 1.367   -12.789 1.00 41.47 ? 174 ALA A C   1 
ATOM   1337 O  O   . ALA A 1 175 ? -13.638 0.687   -12.368 1.00 36.54 ? 174 ALA A O   1 
ATOM   1338 C  CB  . ALA A 1 175 ? -13.434 2.937   -14.589 1.00 41.81 ? 174 ALA A CB  1 
ATOM   1339 N  N   . LEU A 1 176 ? -11.461 0.902   -12.911 1.00 42.62 ? 175 LEU A N   1 
ATOM   1340 C  CA  A LEU A 1 176 ? -11.129 -0.503  -12.656 0.50 40.61 ? 175 LEU A CA  1 
ATOM   1341 C  CA  B LEU A 1 176 ? -11.132 -0.512  -12.668 0.50 41.09 ? 175 LEU A CA  1 
ATOM   1342 C  C   . LEU A 1 176 ? -11.422 -0.923  -11.220 1.00 39.38 ? 175 LEU A C   1 
ATOM   1343 O  O   . LEU A 1 176 ? -11.735 -2.091  -10.961 1.00 36.20 ? 175 LEU A O   1 
ATOM   1344 C  CB  A LEU A 1 176 ? -9.659  -0.799  -13.008 0.50 41.26 ? 175 LEU A CB  1 
ATOM   1345 C  CB  B LEU A 1 176 ? -9.661  -0.820  -13.020 0.50 42.15 ? 175 LEU A CB  1 
ATOM   1346 C  CG  A LEU A 1 176 ? -9.222  -0.465  -14.445 0.50 42.39 ? 175 LEU A CG  1 
ATOM   1347 C  CG  B LEU A 1 176 ? -9.340  -2.188  -13.663 0.50 45.59 ? 175 LEU A CG  1 
ATOM   1348 C  CD1 A LEU A 1 176 ? -7.763  -0.846  -14.662 0.50 40.23 ? 175 LEU A CD1 1 
ATOM   1349 C  CD1 B LEU A 1 176 ? -7.825  -2.392  -13.698 0.50 45.20 ? 175 LEU A CD1 1 
ATOM   1350 C  CD2 A LEU A 1 176 ? -10.130 -1.138  -15.497 0.50 40.88 ? 175 LEU A CD2 1 
ATOM   1351 C  CD2 B LEU A 1 176 ? -9.982  -3.366  -12.976 0.50 45.97 ? 175 LEU A CD2 1 
ATOM   1352 N  N   . LEU A 1 177 ? -11.298 0.018   -10.281 1.00 37.45 ? 176 LEU A N   1 
ATOM   1353 C  CA  . LEU A 1 177 ? -11.577 -0.280  -8.881  1.00 37.21 ? 176 LEU A CA  1 
ATOM   1354 C  C   . LEU A 1 177 ? -13.050 -0.563  -8.683  1.00 37.47 ? 176 LEU A C   1 
ATOM   1355 O  O   . LEU A 1 177 ? -13.412 -1.541  -8.033  1.00 36.64 ? 176 LEU A O   1 
ATOM   1356 C  CB  . LEU A 1 177 ? -11.125 0.844   -7.954  1.00 38.08 ? 176 LEU A CB  1 
ATOM   1357 C  CG  . LEU A 1 177 ? -11.445 0.635   -6.463  1.00 42.94 ? 176 LEU A CG  1 
ATOM   1358 C  CD1 . LEU A 1 177 ? -10.640 -0.512  -5.880  1.00 45.05 ? 176 LEU A CD1 1 
ATOM   1359 C  CD2 . LEU A 1 177 ? -11.200 1.893   -5.700  1.00 47.33 ? 176 LEU A CD2 1 
ATOM   1360 N  N   . GLY A 1 178 ? -13.906 0.286   -9.250  1.00 40.44 ? 177 GLY A N   1 
ATOM   1361 C  CA  . GLY A 1 178 ? -15.329 0.074   -9.171  1.00 38.86 ? 177 GLY A CA  1 
ATOM   1362 C  C   . GLY A 1 178 ? -15.692 -1.279  -9.748  1.00 37.99 ? 177 GLY A C   1 
ATOM   1363 O  O   . GLY A 1 178 ? -16.467 -2.002  -9.159  1.00 39.16 ? 177 GLY A O   1 
ATOM   1364 N  N   . LEU A 1 179 ? -15.122 -1.637  -10.889 1.00 38.43 ? 178 LEU A N   1 
ATOM   1365 C  CA  . LEU A 1 179 ? -15.422 -2.941  -11.522 1.00 37.81 ? 178 LEU A CA  1 
ATOM   1366 C  C   . LEU A 1 179 ? -14.934 -4.154  -10.725 1.00 35.04 ? 178 LEU A C   1 
ATOM   1367 O  O   . LEU A 1 179 ? -15.571 -5.193  -10.746 1.00 33.50 ? 178 LEU A O   1 
ATOM   1368 C  CB  . LEU A 1 179 ? -14.823 -2.994  -12.922 1.00 41.83 ? 178 LEU A CB  1 
ATOM   1369 C  CG  . LEU A 1 179 ? -15.338 -1.949  -13.911 1.00 39.43 ? 178 LEU A CG  1 
ATOM   1370 C  CD1 . LEU A 1 179 ? -14.466 -1.975  -15.159 1.00 40.83 ? 178 LEU A CD1 1 
ATOM   1371 C  CD2 . LEU A 1 179 ? -16.793 -2.177  -14.235 1.00 44.08 ? 178 LEU A CD2 1 
ATOM   1372 N  N   . TYR A 1 180 ? -13.777 -4.032  -10.074 1.00 37.32 ? 179 TYR A N   1 
ATOM   1373 C  CA  . TYR A 1 180 ? -13.221 -5.096  -9.217  1.00 34.15 ? 179 TYR A CA  1 
ATOM   1374 C  C   . TYR A 1 180 ? -14.147 -5.351  -8.008  1.00 34.70 ? 179 TYR A C   1 
ATOM   1375 O  O   . TYR A 1 180 ? -14.491 -6.506  -7.696  1.00 34.22 ? 179 TYR A O   1 
ATOM   1376 C  CB  . TYR A 1 180 ? -11.782 -4.745  -8.774  1.00 37.15 ? 179 TYR A CB  1 
ATOM   1377 C  CG  . TYR A 1 180 ? -11.111 -5.809  -7.909  1.00 31.01 ? 179 TYR A CG  1 
ATOM   1378 C  CD1 . TYR A 1 180 ? -10.964 -7.117  -8.371  1.00 37.14 ? 179 TYR A CD1 1 
ATOM   1379 C  CD2 . TYR A 1 180 ? -10.551 -5.476  -6.662  1.00 35.81 ? 179 TYR A CD2 1 
ATOM   1380 C  CE1 . TYR A 1 180 ? -10.344 -8.112  -7.593  1.00 32.40 ? 179 TYR A CE1 1 
ATOM   1381 C  CE2 . TYR A 1 180 ? -9.938  -6.450  -5.876  1.00 37.16 ? 179 TYR A CE2 1 
ATOM   1382 C  CZ  . TYR A 1 180 ? -9.840  -7.761  -6.346  1.00 39.07 ? 179 TYR A CZ  1 
ATOM   1383 O  OH  . TYR A 1 180 ? -9.256  -8.728  -5.562  1.00 33.98 ? 179 TYR A OH  1 
ATOM   1384 N  N   . LEU A 1 181 ? -14.606 -4.288  -7.356  1.00 33.18 ? 180 LEU A N   1 
ATOM   1385 C  CA  . LEU A 1 181 ? -15.498 -4.470  -6.202  1.00 35.88 ? 180 LEU A CA  1 
ATOM   1386 C  C   . LEU A 1 181 ? -16.834 -5.107  -6.646  1.00 34.55 ? 180 LEU A C   1 
ATOM   1387 O  O   . LEU A 1 181 ? -17.403 -5.956  -5.958  1.00 36.78 ? 180 LEU A O   1 
ATOM   1388 C  CB  . LEU A 1 181 ? -15.687 -3.145  -5.452  1.00 36.55 ? 180 LEU A CB  1 
ATOM   1389 C  CG  . LEU A 1 181 ? -14.392 -2.521  -4.876  1.00 44.06 ? 180 LEU A CG  1 
ATOM   1390 C  CD1 . LEU A 1 181 ? -14.664 -1.244  -4.082  1.00 42.12 ? 180 LEU A CD1 1 
ATOM   1391 C  CD2 . LEU A 1 181 ? -13.603 -3.512  -4.018  1.00 47.29 ? 180 LEU A CD2 1 
ATOM   1392 N  N   . SER A 1 182 ? -17.306 -4.718  -7.819  1.00 33.79 ? 181 SER A N   1 
ATOM   1393 C  CA  . SER A 1 182 ? -18.538 -5.280  -8.373  1.00 34.04 ? 181 SER A CA  1 
ATOM   1394 C  C   . SER A 1 182 ? -18.368 -6.767  -8.652  1.00 32.77 ? 181 SER A C   1 
ATOM   1395 O  O   . SER A 1 182 ? -19.235 -7.546  -8.338  1.00 34.72 ? 181 SER A O   1 
ATOM   1396 C  CB  . SER A 1 182 ? -18.901 -4.564  -9.653  1.00 33.52 ? 181 SER A CB  1 
ATOM   1397 O  OG  . SER A 1 182 ? -20.077 -5.116  -10.203 1.00 41.78 ? 181 SER A OG  1 
ATOM   1398 N  N   . GLY A 1 183 ? -17.229 -7.142  -9.238  1.00 34.75 ? 182 GLY A N   1 
ATOM   1399 C  CA  . GLY A 1 183 ? -16.888 -8.522  -9.504  1.00 32.33 ? 182 GLY A CA  1 
ATOM   1400 C  C   . GLY A 1 183 ? -16.785 -9.340  -8.230  1.00 31.64 ? 182 GLY A C   1 
ATOM   1401 O  O   . GLY A 1 183 ? -17.314 -10.439 -8.148  1.00 29.88 ? 182 GLY A O   1 
ATOM   1402 N  N   . LEU A 1 184 ? -16.089 -8.811  -7.236  1.00 33.32 ? 183 LEU A N   1 
ATOM   1403 C  CA  . LEU A 1 184 ? -15.998 -9.466  -5.930  1.00 32.87 ? 183 LEU A CA  1 
ATOM   1404 C  C   . LEU A 1 184 ? -17.346 -9.764  -5.313  1.00 34.88 ? 183 LEU A C   1 
ATOM   1405 O  O   . LEU A 1 184 ? -17.509 -10.813 -4.709  1.00 33.64 ? 183 LEU A O   1 
ATOM   1406 C  CB  . LEU A 1 184 ? -15.221 -8.619  -4.936  1.00 32.58 ? 183 LEU A CB  1 
ATOM   1407 C  CG  . LEU A 1 184 ? -13.717 -8.475  -5.156  1.00 30.94 ? 183 LEU A CG  1 
ATOM   1408 C  CD1 . LEU A 1 184 ? -13.140 -7.501  -4.144  1.00 37.65 ? 183 LEU A CD1 1 
ATOM   1409 C  CD2 . LEU A 1 184 ? -13.023 -9.784  -5.057  1.00 34.31 ? 183 LEU A CD2 1 
ATOM   1410 N  N   . LYS A 1 185 ? -18.293 -8.835  -5.460  1.00 34.63 ? 184 LYS A N   1 
ATOM   1411 C  CA  . LYS A 1 185 ? -19.633 -8.969  -4.885  1.00 35.21 ? 184 LYS A CA  1 
ATOM   1412 C  C   . LYS A 1 185 ? -20.460 -9.990  -5.621  1.00 33.97 ? 184 LYS A C   1 
ATOM   1413 O  O   . LYS A 1 185 ? -21.040 -10.869 -5.023  1.00 34.78 ? 184 LYS A O   1 
ATOM   1414 C  CB  . LYS A 1 185 ? -20.352 -7.621  -4.926  1.00 36.11 ? 184 LYS A CB  1 
ATOM   1415 C  CG  . LYS A 1 185 ? -21.814 -7.649  -4.500  1.00 39.85 ? 184 LYS A CG  1 
ATOM   1416 C  CD  . LYS A 1 185 ? -22.411 -6.259  -4.574  1.00 40.00 ? 184 LYS A CD  1 
ATOM   1417 C  CE  . LYS A 1 185 ? -23.885 -6.311  -4.256  1.00 55.08 ? 184 LYS A CE  1 
ATOM   1418 N  NZ  . LYS A 1 185 ? -24.426 -4.953  -3.984  1.00 65.00 ? 184 LYS A NZ  1 
ATOM   1419 N  N   . HIS A 1 186 ? -20.479 -9.904  -6.937  1.00 37.07 ? 185 HIS A N   1 
ATOM   1420 C  CA  . HIS A 1 186 ? -21.286 -10.836 -7.707  1.00 38.77 ? 185 HIS A CA  1 
ATOM   1421 C  C   . HIS A 1 186 ? -20.586 -12.171 -7.925  1.00 40.87 ? 185 HIS A C   1 
ATOM   1422 O  O   . HIS A 1 186 ? -21.217 -13.132 -8.293  1.00 36.52 ? 185 HIS A O   1 
ATOM   1423 C  CB  . HIS A 1 186 ? -21.710 -10.176 -9.000  1.00 36.51 ? 185 HIS A CB  1 
ATOM   1424 C  CG  . HIS A 1 186 ? -22.597 -8.996  -8.774  1.00 38.83 ? 185 HIS A CG  1 
ATOM   1425 N  ND1 . HIS A 1 186 ? -22.144 -7.697  -8.861  1.00 43.41 ? 185 HIS A ND1 1 
ATOM   1426 C  CD2 . HIS A 1 186 ? -23.900 -8.921  -8.426  1.00 39.99 ? 185 HIS A CD2 1 
ATOM   1427 C  CE1 . HIS A 1 186 ? -23.142 -6.871  -8.588  1.00 37.82 ? 185 HIS A CE1 1 
ATOM   1428 N  NE2 . HIS A 1 186 ? -24.215 -7.590  -8.318  1.00 42.28 ? 185 HIS A NE2 1 
ATOM   1429 N  N   . GLY A 1 187 ? -19.286 -12.243 -7.652  1.00 41.74 ? 186 GLY A N   1 
ATOM   1430 C  CA  . GLY A 1 187 ? -18.582 -13.505 -7.802  1.00 44.84 ? 186 GLY A CA  1 
ATOM   1431 C  C   . GLY A 1 187 ? -18.211 -13.741 -9.247  1.00 49.16 ? 186 GLY A C   1 
ATOM   1432 O  O   . GLY A 1 187 ? -18.589 -12.987 -10.133 1.00 48.16 ? 186 GLY A O   1 
HETATM 1433 N  N   . MSE A 1 188 ? -17.472 -14.803 -9.486  1.00 55.28 ? 187 MSE A N   1 
HETATM 1434 C  CA  . MSE A 1 188 ? -16.958 -15.064 -10.821 1.00 63.57 ? 187 MSE A CA  1 
HETATM 1435 C  C   . MSE A 1 188 ? -17.941 -15.493 -11.865 1.00 63.26 ? 187 MSE A C   1 
HETATM 1436 O  O   . MSE A 1 188 ? -18.855 -16.267 -11.597 1.00 60.32 ? 187 MSE A O   1 
HETATM 1437 C  CB  . MSE A 1 188 ? -15.858 -16.085 -10.756 1.00 62.32 ? 187 MSE A CB  1 
HETATM 1438 C  CG  . MSE A 1 188 ? -14.590 -15.471 -10.225 1.00 66.48 ? 187 MSE A CG  1 
HETATM 1439 SE SE  . MSE A 1 188 ? -13.371 -16.862 -9.954  0.75 81.61 ? 187 MSE A SE  1 
HETATM 1440 C  CE  . MSE A 1 188 ? -13.511 -17.907 -11.735 1.00 71.56 ? 187 MSE A CE  1 
HETATM 1441 N  N   . MSE A 1 189 ? -17.698 -14.981 -13.072 1.00 67.46 ? 188 MSE A N   1 
HETATM 1442 C  CA  . MSE A 1 189 ? -18.510 -15.271 -14.233 1.00 72.03 ? 188 MSE A CA  1 
HETATM 1443 C  C   . MSE A 1 189 ? -18.049 -16.596 -14.848 1.00 72.78 ? 188 MSE A C   1 
HETATM 1444 O  O   . MSE A 1 189 ? -17.018 -17.151 -14.446 1.00 73.14 ? 188 MSE A O   1 
HETATM 1445 C  CB  . MSE A 1 189 ? -18.395 -14.127 -15.245 1.00 71.49 ? 188 MSE A CB  1 
HETATM 1446 C  CG  . MSE A 1 189 ? -19.298 -14.323 -16.449 1.00 75.43 ? 188 MSE A CG  1 
HETATM 1447 SE SE  . MSE A 1 189 ? -19.352 -12.850 -17.735 0.75 76.58 ? 188 MSE A SE  1 
HETATM 1448 C  CE  . MSE A 1 189 ? -20.005 -13.853 -19.278 1.00 78.91 ? 188 MSE A CE  1 
HETATM 1449 O  O1  . UNL B 2 .   ? -0.295  8.348   1.125   1.00 62.71 ? 199 UNL A O1  1 
HETATM 1450 O  O2  . UNL B 2 .   ? 0.148   7.945   2.246   1.00 68.77 ? 199 UNL A O2  1 
HETATM 1451 O  O3  . UNL B 2 .   ? -0.704  7.562   3.100   1.00 68.07 ? 199 UNL A O3  1 
HETATM 1452 O  O4  . UNL B 2 .   ? 1.622   7.909   2.568   1.00 68.80 ? 199 UNL A O4  1 
HETATM 1453 O  O5  . UNL B 2 .   ? -0.944  4.889   2.386   1.00 64.22 ? 199 UNL A O5  1 
HETATM 1454 C  C6  . UNL B 2 .   ? -1.427  3.547   2.237   1.00 54.58 ? 199 UNL A C6  1 
HETATM 1455 O  O7  . UNL B 2 .   ? -0.853  2.928   0.970   1.00 46.60 ? 199 UNL A O7  1 
HETATM 1456 O  O8  . UNL B 2 .   ? -0.622  1.551   1.242   1.00 50.42 ? 199 UNL A O8  1 
HETATM 1457 O  O9  . UNL B 2 .   ? 0.479   0.962   0.559   1.00 42.58 ? 199 UNL A O9  1 
HETATM 1458 O  O10 . UNL B 2 .   ? 0.695   -0.357  1.261   1.00 40.16 ? 199 UNL A O10 1 
HETATM 1459 O  O11 . UNL B 2 .   ? 1.847   -1.074  0.823   1.00 54.85 ? 199 UNL A O11 1 
HETATM 1460 O  O12 . UNL B 2 .   ? 1.933   -2.313  1.569   1.00 53.35 ? 199 UNL A O12 1 
HETATM 1461 O  O13 . UNL B 2 .   ? 3.241   -2.447  2.333   1.00 49.41 ? 199 UNL A O13 1 
HETATM 1462 O  O14 . UNL B 2 .   ? 4.371   -2.389  1.445   1.00 58.44 ? 199 UNL A O14 1 
HETATM 1463 O  O15 . UNL B 2 .   ? 4.707   -3.617  0.800   1.00 59.17 ? 199 UNL A O15 1 
HETATM 1464 O  O16 . UNL B 2 .   ? 6.166   -3.997  1.036   1.00 59.45 ? 199 UNL A O16 1 
HETATM 1465 O  O17 . UNL B 2 .   ? 6.405   -5.320  0.521   1.00 57.09 ? 199 UNL A O17 1 
HETATM 1466 O  O1  . UNL C 2 .   ? -1.112  -13.855 -0.837  1.00 71.77 ? 200 UNL A O1  1 
HETATM 1467 O  O2  . UNL C 2 .   ? 0.080   -13.204 -0.393  1.00 74.47 ? 200 UNL A O2  1 
HETATM 1468 O  O3  . UNL C 2 .   ? -0.264  -11.810 0.125   1.00 76.54 ? 200 UNL A O3  1 
HETATM 1469 O  O4  . UNL C 2 .   ? 0.785   -11.327 0.977   1.00 76.29 ? 200 UNL A O4  1 
HETATM 1470 O  O5  . UNL C 2 .   ? 0.544   -10.030 1.543   1.00 70.06 ? 200 UNL A O5  1 
HETATM 1471 O  O6  . UNL C 2 .   ? 0.697   -8.949  0.476   1.00 68.79 ? 200 UNL A O6  1 
HETATM 1472 O  O7  . UNL C 2 .   ? 1.488   -7.871  0.977   1.00 63.84 ? 200 UNL A O7  1 
HETATM 1473 O  O8  . UNL C 2 .   ? 1.092   -6.587  0.499   1.00 60.10 ? 200 UNL A O8  1 
HETATM 1474 O  O9  . UNL C 2 .   ? 0.443   -5.804  1.635   1.00 61.92 ? 200 UNL A O9  1 
HETATM 1475 O  O10 . UNL C 2 .   ? -0.721  -5.106  1.176   1.00 60.90 ? 200 UNL A O10 1 
HETATM 1476 O  O11 . UNL C 2 .   ? -1.973  -5.761  1.435   1.00 55.96 ? 200 UNL A O11 1 
HETATM 1477 O  O12 . UNL C 2 .   ? -2.952  -4.781  2.062   1.00 48.24 ? 200 UNL A O12 1 
HETATM 1478 O  O13 . UNL C 2 .   ? -4.298  -5.108  1.673   1.00 56.95 ? 200 UNL A O13 1 
HETATM 1479 O  O   . HOH D 3 .   ? -3.808  1.653   15.332  0.50 25.54 ? 201 HOH A O   1 
HETATM 1480 O  O   . HOH D 3 .   ? -1.568  -5.081  -13.121 0.50 25.98 ? 202 HOH A O   1 
HETATM 1481 O  O   . HOH D 3 .   ? -4.003  -5.414  14.252  1.00 34.53 ? 203 HOH A O   1 
HETATM 1482 O  O   . HOH D 3 .   ? -10.095 2.778   6.766   1.00 36.10 ? 204 HOH A O   1 
HETATM 1483 O  O   . HOH D 3 .   ? 9.780   2.873   9.322   1.00 36.24 ? 205 HOH A O   1 
HETATM 1484 O  O   . HOH D 3 .   ? 14.889  -0.587  7.822   1.00 37.43 ? 206 HOH A O   1 
HETATM 1485 O  O   . HOH D 3 .   ? -14.543 -10.939 10.594  1.00 37.97 ? 207 HOH A O   1 
HETATM 1486 O  O   . HOH D 3 .   ? 0.591   -4.093  14.742  1.00 38.79 ? 208 HOH A O   1 
HETATM 1487 O  O   . HOH D 3 .   ? -8.159  -9.064  12.786  1.00 38.90 ? 209 HOH A O   1 
HETATM 1488 O  O   . HOH D 3 .   ? -12.991 -15.601 3.960   1.00 39.54 ? 210 HOH A O   1 
HETATM 1489 O  O   . HOH D 3 .   ? -17.186 -5.738  -3.223  1.00 39.57 ? 211 HOH A O   1 
HETATM 1490 O  O   . HOH D 3 .   ? -12.825 2.940   5.907   1.00 39.83 ? 212 HOH A O   1 
HETATM 1491 O  O   . HOH D 3 .   ? 6.871   -5.716  13.786  1.00 39.96 ? 213 HOH A O   1 
HETATM 1492 O  O   . HOH D 3 .   ? 8.382   -9.874  -5.844  1.00 40.08 ? 214 HOH A O   1 
HETATM 1493 O  O   . HOH D 3 .   ? -14.251 3.788   8.044   1.00 40.90 ? 215 HOH A O   1 
HETATM 1494 O  O   . HOH D 3 .   ? -0.330  0.529   13.083  1.00 42.18 ? 216 HOH A O   1 
HETATM 1495 O  O   . HOH D 3 .   ? 22.750  0.922   -0.862  1.00 42.73 ? 217 HOH A O   1 
HETATM 1496 O  O   . HOH D 3 .   ? -0.499  -2.729  -14.710 1.00 42.94 ? 218 HOH A O   1 
HETATM 1497 O  O   . HOH D 3 .   ? -9.740  9.564   3.287   1.00 43.51 ? 219 HOH A O   1 
HETATM 1498 O  O   . HOH D 3 .   ? 1.835   -6.579  14.145  1.00 43.64 ? 220 HOH A O   1 
HETATM 1499 O  O   . HOH D 3 .   ? -2.667  2.180   -6.506  1.00 43.65 ? 221 HOH A O   1 
HETATM 1500 O  O   . HOH D 3 .   ? -10.800 -17.267 -4.834  1.00 43.97 ? 222 HOH A O   1 
HETATM 1501 O  O   . HOH D 3 .   ? 20.238  3.012   -4.358  1.00 45.05 ? 223 HOH A O   1 
HETATM 1502 O  O   . HOH D 3 .   ? 26.105  2.834   5.456   1.00 45.37 ? 224 HOH A O   1 
HETATM 1503 O  O   . HOH D 3 .   ? -5.704  -12.947 4.405   1.00 45.75 ? 225 HOH A O   1 
HETATM 1504 O  O   . HOH D 3 .   ? 0.120   -1.879  -18.583 1.00 45.78 ? 226 HOH A O   1 
HETATM 1505 O  O   . HOH D 3 .   ? -11.398 7.416   2.984   1.00 45.87 ? 227 HOH A O   1 
HETATM 1506 O  O   . HOH D 3 .   ? 11.504  17.781  0.325   1.00 45.96 ? 228 HOH A O   1 
HETATM 1507 O  O   . HOH D 3 .   ? -12.199 -17.123 7.424   1.00 46.13 ? 229 HOH A O   1 
HETATM 1508 O  O   . HOH D 3 .   ? 4.629   -6.163  14.976  1.00 46.15 ? 230 HOH A O   1 
HETATM 1509 O  O   . HOH D 3 .   ? 25.662  3.972   8.274   1.00 46.88 ? 231 HOH A O   1 
HETATM 1510 O  O   . HOH D 3 .   ? -11.425 6.418   0.540   1.00 47.19 ? 232 HOH A O   1 
HETATM 1511 O  O   . HOH D 3 .   ? -21.559 -12.669 0.570   1.00 47.37 ? 233 HOH A O   1 
HETATM 1512 O  O   . HOH D 3 .   ? 13.633  -6.422  11.765  1.00 47.44 ? 234 HOH A O   1 
HETATM 1513 O  O   . HOH D 3 .   ? -9.465  7.847   -1.250  1.00 47.53 ? 235 HOH A O   1 
HETATM 1514 O  O   . HOH D 3 .   ? 22.112  4.996   -4.964  1.00 47.69 ? 236 HOH A O   1 
HETATM 1515 O  O   . HOH D 3 .   ? -8.184  10.869  1.145   1.00 47.69 ? 237 HOH A O   1 
HETATM 1516 O  O   . HOH D 3 .   ? -13.623 -13.001 11.004  1.00 48.27 ? 238 HOH A O   1 
HETATM 1517 O  O   . HOH D 3 .   ? 9.322   14.531  16.331  1.00 48.81 ? 239 HOH A O   1 
HETATM 1518 O  O   . HOH D 3 .   ? -1.772  -4.075  15.390  1.00 48.81 ? 240 HOH A O   1 
HETATM 1519 O  O   . HOH D 3 .   ? 0.815   -4.000  -8.217  1.00 48.82 ? 241 HOH A O   1 
HETATM 1520 O  O   . HOH D 3 .   ? -11.835 5.786   5.147   1.00 49.12 ? 242 HOH A O   1 
HETATM 1521 O  O   . HOH D 3 .   ? 13.122  16.301  21.297  1.00 49.50 ? 243 HOH A O   1 
HETATM 1522 O  O   . HOH D 3 .   ? 23.739  -1.423  -0.652  1.00 49.99 ? 244 HOH A O   1 
HETATM 1523 O  O   . HOH D 3 .   ? 13.471  -4.507  -1.846  1.00 50.22 ? 245 HOH A O   1 
HETATM 1524 O  O   . HOH D 3 .   ? -17.874 5.147   0.748   1.00 50.36 ? 246 HOH A O   1 
HETATM 1525 O  O   . HOH D 3 .   ? 20.968  -1.998  -0.199  1.00 50.40 ? 247 HOH A O   1 
HETATM 1526 O  O   . HOH D 3 .   ? 17.295  12.068  11.476  1.00 51.15 ? 248 HOH A O   1 
HETATM 1527 O  O   . HOH D 3 .   ? -20.887 -7.315  11.218  1.00 52.10 ? 249 HOH A O   1 
HETATM 1528 O  O   . HOH D 3 .   ? -11.406 -17.210 4.835   1.00 52.31 ? 250 HOH A O   1 
HETATM 1529 O  O   . HOH D 3 .   ? 7.445   14.295  -2.196  1.00 53.02 ? 251 HOH A O   1 
HETATM 1530 O  O   . HOH D 3 .   ? 24.508  2.842   -0.787  1.00 53.34 ? 252 HOH A O   1 
HETATM 1531 O  O   . HOH D 3 .   ? -7.943  -13.477 10.919  1.00 53.73 ? 253 HOH A O   1 
HETATM 1532 O  O   . HOH D 3 .   ? -4.763  11.741  -21.785 1.00 53.75 ? 254 HOH A O   1 
HETATM 1533 O  O   . HOH D 3 .   ? 14.789  -10.170 -3.115  1.00 54.29 ? 255 HOH A O   1 
HETATM 1534 O  O   . HOH D 3 .   ? 1.101   2.459   14.196  1.00 54.31 ? 256 HOH A O   1 
HETATM 1535 O  O   . HOH D 3 .   ? -22.007 -15.735 -1.656  1.00 54.61 ? 257 HOH A O   1 
HETATM 1536 O  O   . HOH D 3 .   ? 6.984   12.632  -6.034  1.00 54.89 ? 258 HOH A O   1 
HETATM 1537 O  O   . HOH D 3 .   ? 5.370   3.823   11.464  1.00 55.45 ? 259 HOH A O   1 
HETATM 1538 O  O   . HOH D 3 .   ? 19.240  13.910  11.657  1.00 55.95 ? 260 HOH A O   1 
HETATM 1539 O  O   . HOH D 3 .   ? 8.964   -11.969 12.352  1.00 56.15 ? 261 HOH A O   1 
HETATM 1540 O  O   . HOH D 3 .   ? 7.273   -12.119 4.891   1.00 56.22 ? 262 HOH A O   1 
HETATM 1541 O  O   . HOH D 3 .   ? 1.934   8.623   -21.192 1.00 56.27 ? 263 HOH A O   1 
HETATM 1542 O  O   . HOH D 3 .   ? -16.638 -22.065 -1.464  1.00 56.83 ? 264 HOH A O   1 
HETATM 1543 O  O   . HOH D 3 .   ? -3.610  5.343   -26.011 1.00 59.58 ? 265 HOH A O   1 
HETATM 1544 O  O   . HOH D 3 .   ? -3.141  6.291   -24.005 1.00 59.97 ? 266 HOH A O   1 
HETATM 1545 O  O   . HOH D 3 .   ? -11.185 5.248   -8.421  1.00 60.75 ? 267 HOH A O   1 
HETATM 1546 O  O   . HOH D 3 .   ? -7.648  4.699   -22.121 1.00 60.94 ? 268 HOH A O   1 
HETATM 1547 O  O   . HOH D 3 .   ? -5.641  4.643   -18.347 1.00 61.01 ? 269 HOH A O   1 
HETATM 1548 O  O   . HOH D 3 .   ? -17.836 -20.386 1.620   1.00 61.24 ? 270 HOH A O   1 
HETATM 1549 O  O   . HOH D 3 .   ? -3.151  5.625   -7.927  1.00 64.73 ? 271 HOH A O   1 
HETATM 1550 O  O   . HOH D 3 .   ? -9.591  8.755   -12.769 1.00 68.41 ? 272 HOH A O   1 
# 
